data_5YM8
# 
_entry.id   5YM8 
# 
_audit_conform.dict_name       mmcif_pdbx.dic 
_audit_conform.dict_version    5.387 
_audit_conform.dict_location   http://mmcif.pdb.org/dictionaries/ascii/mmcif_pdbx.dic 
# 
loop_
_database_2.database_id 
_database_2.database_code 
_database_2.pdbx_database_accession 
_database_2.pdbx_DOI 
PDB   5YM8         pdb_00005ym8 10.2210/pdb5ym8/pdb 
WWPDB D_1300005546 ?            ?                   
# 
loop_
_pdbx_audit_revision_history.ordinal 
_pdbx_audit_revision_history.data_content_type 
_pdbx_audit_revision_history.major_revision 
_pdbx_audit_revision_history.minor_revision 
_pdbx_audit_revision_history.revision_date 
1 'Structure model' 1 0 2018-06-13 
2 'Structure model' 1 1 2019-07-03 
3 'Structure model' 1 2 2024-03-27 
# 
_pdbx_audit_revision_details.ordinal             1 
_pdbx_audit_revision_details.revision_ordinal    1 
_pdbx_audit_revision_details.data_content_type   'Structure model' 
_pdbx_audit_revision_details.provider            repository 
_pdbx_audit_revision_details.type                'Initial release' 
_pdbx_audit_revision_details.description         ? 
_pdbx_audit_revision_details.details             ? 
# 
loop_
_pdbx_audit_revision_group.ordinal 
_pdbx_audit_revision_group.revision_ordinal 
_pdbx_audit_revision_group.data_content_type 
_pdbx_audit_revision_group.group 
1 2 'Structure model' 'Data collection'     
2 2 'Structure model' 'Database references' 
3 3 'Structure model' 'Data collection'     
4 3 'Structure model' 'Database references' 
# 
loop_
_pdbx_audit_revision_category.ordinal 
_pdbx_audit_revision_category.revision_ordinal 
_pdbx_audit_revision_category.data_content_type 
_pdbx_audit_revision_category.category 
1 2 'Structure model' citation        
2 2 'Structure model' citation_author 
3 3 'Structure model' chem_comp_atom  
4 3 'Structure model' chem_comp_bond  
5 3 'Structure model' database_2      
# 
loop_
_pdbx_audit_revision_item.ordinal 
_pdbx_audit_revision_item.revision_ordinal 
_pdbx_audit_revision_item.data_content_type 
_pdbx_audit_revision_item.item 
1  2 'Structure model' '_citation.country'                   
2  2 'Structure model' '_citation.journal_abbrev'            
3  2 'Structure model' '_citation.journal_id_ASTM'           
4  2 'Structure model' '_citation.journal_id_CSD'            
5  2 'Structure model' '_citation.journal_id_ISSN'           
6  2 'Structure model' '_citation.journal_volume'            
7  2 'Structure model' '_citation.pdbx_database_id_DOI'      
8  2 'Structure model' '_citation.pdbx_database_id_PubMed'   
9  2 'Structure model' '_citation.title'                     
10 2 'Structure model' '_citation.year'                      
11 3 'Structure model' '_database_2.pdbx_DOI'                
12 3 'Structure model' '_database_2.pdbx_database_accession' 
# 
_pdbx_database_status.status_code                     REL 
_pdbx_database_status.status_code_sf                  REL 
_pdbx_database_status.status_code_mr                  ? 
_pdbx_database_status.entry_id                        5YM8 
_pdbx_database_status.recvd_initial_deposition_date   2017-10-21 
_pdbx_database_status.SG_entry                        N 
_pdbx_database_status.deposit_site                    PDBJ 
_pdbx_database_status.process_site                    PDBJ 
_pdbx_database_status.status_code_cs                  ? 
_pdbx_database_status.methods_development_category    ? 
_pdbx_database_status.pdb_format_compatible           Y 
_pdbx_database_status.status_code_nmr_data            ? 
# 
loop_
_audit_author.name 
_audit_author.pdbx_ordinal 
_audit_author.identifier_ORCID 
'Zeng, Z.'   1 ? 
'Peng, G.Q.' 2 ? 
# 
_citation.abstract                  ? 
_citation.abstract_id_CAS           ? 
_citation.book_id_ISBN              ? 
_citation.book_publisher            ? 
_citation.book_publisher_city       ? 
_citation.book_title                ? 
_citation.coordinate_linkage        ? 
_citation.country                   US 
_citation.database_id_Medline       ? 
_citation.details                   ? 
_citation.id                        primary 
_citation.journal_abbrev            J.Virol. 
_citation.journal_id_ASTM           JOVIAM 
_citation.journal_id_CSD            0825 
_citation.journal_id_ISSN           1098-5514 
_citation.journal_full              ? 
_citation.journal_issue             ? 
_citation.journal_volume            92 
_citation.language                  ? 
_citation.page_first                ? 
_citation.page_last                 ? 
_citation.title                     
'Dimerization of Coronavirus nsp9 with Diverse Modes Enhances Its Nucleic Acid Binding Affinity.' 
_citation.year                      2018 
_citation.database_id_CSD           ? 
_citation.pdbx_database_id_DOI      10.1128/JVI.00692-18 
_citation.pdbx_database_id_PubMed   29925659 
_citation.unpublished_flag          ? 
# 
loop_
_citation_author.citation_id 
_citation_author.name 
_citation_author.ordinal 
_citation_author.identifier_ORCID 
primary 'Zeng, Z.' 1 ?                   
primary 'Deng, F.' 2 ?                   
primary 'Shi, K.'  3 ?                   
primary 'Ye, G.'   4 ?                   
primary 'Wang, G.' 5 ?                   
primary 'Fang, L.' 6 0000-0003-1406-6409 
primary 'Xiao, S.' 7 0000-0003-0023-9188 
primary 'Fu, Z.'   8 ?                   
primary 'Peng, G.' 9 ?                   
# 
loop_
_entity.id 
_entity.type 
_entity.src_method 
_entity.pdbx_description 
_entity.formula_weight 
_entity.pdbx_number_of_molecules 
_entity.pdbx_ec 
_entity.pdbx_mutation 
_entity.pdbx_fragment 
_entity.details 
1 polymer man nsp9  12068.708 2  ? ? ? ? 
2 water   nat water 18.015    70 ? ? ? ? 
# 
_entity_name_com.entity_id   1 
_entity_name_com.name        'PEDV main protease' 
# 
_entity_poly.entity_id                      1 
_entity_poly.type                           'polypeptide(L)' 
_entity_poly.nstd_linkage                   no 
_entity_poly.nstd_monomer                   no 
_entity_poly.pdbx_seq_one_letter_code       
;NVFTAQNTAQDFNGNESTVKSFYVTRTGKKILVAITSTKDNLKTVTCLTETGKTVLNLDPPMRFAHTVGGKQSVVYLYFI
QNISSLNRGMVIGHISETTILQHHHHHH
;
_entity_poly.pdbx_seq_one_letter_code_can   
;NVFTAQNTAQDFNGNESTVKSFYVTRTGKKILVAITSTKDNLKTVTCLTETGKTVLNLDPPMRFAHTVGGKQSVVYLYFI
QNISSLNRGMVIGHISETTILQHHHHHH
;
_entity_poly.pdbx_strand_id                 A,B 
_entity_poly.pdbx_target_identifier         ? 
# 
_pdbx_entity_nonpoly.entity_id   2 
_pdbx_entity_nonpoly.name        water 
_pdbx_entity_nonpoly.comp_id     HOH 
# 
loop_
_entity_poly_seq.entity_id 
_entity_poly_seq.num 
_entity_poly_seq.mon_id 
_entity_poly_seq.hetero 
1 1   ASN n 
1 2   VAL n 
1 3   PHE n 
1 4   THR n 
1 5   ALA n 
1 6   GLN n 
1 7   ASN n 
1 8   THR n 
1 9   ALA n 
1 10  GLN n 
1 11  ASP n 
1 12  PHE n 
1 13  ASN n 
1 14  GLY n 
1 15  ASN n 
1 16  GLU n 
1 17  SER n 
1 18  THR n 
1 19  VAL n 
1 20  LYS n 
1 21  SER n 
1 22  PHE n 
1 23  TYR n 
1 24  VAL n 
1 25  THR n 
1 26  ARG n 
1 27  THR n 
1 28  GLY n 
1 29  LYS n 
1 30  LYS n 
1 31  ILE n 
1 32  LEU n 
1 33  VAL n 
1 34  ALA n 
1 35  ILE n 
1 36  THR n 
1 37  SER n 
1 38  THR n 
1 39  LYS n 
1 40  ASP n 
1 41  ASN n 
1 42  LEU n 
1 43  LYS n 
1 44  THR n 
1 45  VAL n 
1 46  THR n 
1 47  CYS n 
1 48  LEU n 
1 49  THR n 
1 50  GLU n 
1 51  THR n 
1 52  GLY n 
1 53  LYS n 
1 54  THR n 
1 55  VAL n 
1 56  LEU n 
1 57  ASN n 
1 58  LEU n 
1 59  ASP n 
1 60  PRO n 
1 61  PRO n 
1 62  MET n 
1 63  ARG n 
1 64  PHE n 
1 65  ALA n 
1 66  HIS n 
1 67  THR n 
1 68  VAL n 
1 69  GLY n 
1 70  GLY n 
1 71  LYS n 
1 72  GLN n 
1 73  SER n 
1 74  VAL n 
1 75  VAL n 
1 76  TYR n 
1 77  LEU n 
1 78  TYR n 
1 79  PHE n 
1 80  ILE n 
1 81  GLN n 
1 82  ASN n 
1 83  ILE n 
1 84  SER n 
1 85  SER n 
1 86  LEU n 
1 87  ASN n 
1 88  ARG n 
1 89  GLY n 
1 90  MET n 
1 91  VAL n 
1 92  ILE n 
1 93  GLY n 
1 94  HIS n 
1 95  ILE n 
1 96  SER n 
1 97  GLU n 
1 98  THR n 
1 99  THR n 
1 100 ILE n 
1 101 LEU n 
1 102 GLN n 
1 103 HIS n 
1 104 HIS n 
1 105 HIS n 
1 106 HIS n 
1 107 HIS n 
1 108 HIS n 
# 
_entity_src_gen.entity_id                          1 
_entity_src_gen.pdbx_src_id                        1 
_entity_src_gen.pdbx_alt_source_flag               sample 
_entity_src_gen.pdbx_seq_type                      'Biological sequence' 
_entity_src_gen.pdbx_beg_seq_num                   1 
_entity_src_gen.pdbx_end_seq_num                   108 
_entity_src_gen.gene_src_common_name               ? 
_entity_src_gen.gene_src_genus                     ? 
_entity_src_gen.pdbx_gene_src_gene                 orf1ab 
_entity_src_gen.gene_src_species                   ? 
_entity_src_gen.gene_src_strain                    ? 
_entity_src_gen.gene_src_tissue                    ? 
_entity_src_gen.gene_src_tissue_fraction           ? 
_entity_src_gen.gene_src_details                   ? 
_entity_src_gen.pdbx_gene_src_fragment             ? 
_entity_src_gen.pdbx_gene_src_scientific_name      'Porcine coronavirus HKU15' 
_entity_src_gen.pdbx_gene_src_ncbi_taxonomy_id     1159905 
_entity_src_gen.pdbx_gene_src_variant              ? 
_entity_src_gen.pdbx_gene_src_cell_line            ? 
_entity_src_gen.pdbx_gene_src_atcc                 ? 
_entity_src_gen.pdbx_gene_src_organ                ? 
_entity_src_gen.pdbx_gene_src_organelle            ? 
_entity_src_gen.pdbx_gene_src_cell                 ? 
_entity_src_gen.pdbx_gene_src_cellular_location    ? 
_entity_src_gen.host_org_common_name               ? 
_entity_src_gen.pdbx_host_org_scientific_name      'Escherichia coli BL21(DE3)' 
_entity_src_gen.pdbx_host_org_ncbi_taxonomy_id     469008 
_entity_src_gen.host_org_genus                     ? 
_entity_src_gen.pdbx_host_org_gene                 ? 
_entity_src_gen.pdbx_host_org_organ                ? 
_entity_src_gen.host_org_species                   ? 
_entity_src_gen.pdbx_host_org_tissue               ? 
_entity_src_gen.pdbx_host_org_tissue_fraction      ? 
_entity_src_gen.pdbx_host_org_strain               'BL21(DE3)' 
_entity_src_gen.pdbx_host_org_variant              ? 
_entity_src_gen.pdbx_host_org_cell_line            ? 
_entity_src_gen.pdbx_host_org_atcc                 ? 
_entity_src_gen.pdbx_host_org_culture_collection   ? 
_entity_src_gen.pdbx_host_org_cell                 ? 
_entity_src_gen.pdbx_host_org_organelle            ? 
_entity_src_gen.pdbx_host_org_cellular_location    ? 
_entity_src_gen.pdbx_host_org_vector_type          ? 
_entity_src_gen.pdbx_host_org_vector               ? 
_entity_src_gen.host_org_details                   ? 
_entity_src_gen.expression_system_id               ? 
_entity_src_gen.plasmid_name                       ? 
_entity_src_gen.plasmid_details                    ? 
_entity_src_gen.pdbx_description                   ? 
# 
loop_
_chem_comp.id 
_chem_comp.type 
_chem_comp.mon_nstd_flag 
_chem_comp.name 
_chem_comp.pdbx_synonyms 
_chem_comp.formula 
_chem_comp.formula_weight 
ALA 'L-peptide linking' y ALANINE         ? 'C3 H7 N O2'     89.093  
ARG 'L-peptide linking' y ARGININE        ? 'C6 H15 N4 O2 1' 175.209 
ASN 'L-peptide linking' y ASPARAGINE      ? 'C4 H8 N2 O3'    132.118 
ASP 'L-peptide linking' y 'ASPARTIC ACID' ? 'C4 H7 N O4'     133.103 
CYS 'L-peptide linking' y CYSTEINE        ? 'C3 H7 N O2 S'   121.158 
GLN 'L-peptide linking' y GLUTAMINE       ? 'C5 H10 N2 O3'   146.144 
GLU 'L-peptide linking' y 'GLUTAMIC ACID' ? 'C5 H9 N O4'     147.129 
GLY 'peptide linking'   y GLYCINE         ? 'C2 H5 N O2'     75.067  
HIS 'L-peptide linking' y HISTIDINE       ? 'C6 H10 N3 O2 1' 156.162 
HOH non-polymer         . WATER           ? 'H2 O'           18.015  
ILE 'L-peptide linking' y ISOLEUCINE      ? 'C6 H13 N O2'    131.173 
LEU 'L-peptide linking' y LEUCINE         ? 'C6 H13 N O2'    131.173 
LYS 'L-peptide linking' y LYSINE          ? 'C6 H15 N2 O2 1' 147.195 
MET 'L-peptide linking' y METHIONINE      ? 'C5 H11 N O2 S'  149.211 
PHE 'L-peptide linking' y PHENYLALANINE   ? 'C9 H11 N O2'    165.189 
PRO 'L-peptide linking' y PROLINE         ? 'C5 H9 N O2'     115.130 
SER 'L-peptide linking' y SERINE          ? 'C3 H7 N O3'     105.093 
THR 'L-peptide linking' y THREONINE       ? 'C4 H9 N O3'     119.119 
TYR 'L-peptide linking' y TYROSINE        ? 'C9 H11 N O3'    181.189 
VAL 'L-peptide linking' y VALINE          ? 'C5 H11 N O2'    117.146 
# 
loop_
_pdbx_poly_seq_scheme.asym_id 
_pdbx_poly_seq_scheme.entity_id 
_pdbx_poly_seq_scheme.seq_id 
_pdbx_poly_seq_scheme.mon_id 
_pdbx_poly_seq_scheme.ndb_seq_num 
_pdbx_poly_seq_scheme.pdb_seq_num 
_pdbx_poly_seq_scheme.auth_seq_num 
_pdbx_poly_seq_scheme.pdb_mon_id 
_pdbx_poly_seq_scheme.auth_mon_id 
_pdbx_poly_seq_scheme.pdb_strand_id 
_pdbx_poly_seq_scheme.pdb_ins_code 
_pdbx_poly_seq_scheme.hetero 
A 1 1   ASN 1   8   8   ASN ASN A . n 
A 1 2   VAL 2   9   9   VAL VAL A . n 
A 1 3   PHE 3   10  10  PHE PHE A . n 
A 1 4   THR 4   11  11  THR THR A . n 
A 1 5   ALA 5   12  12  ALA ALA A . n 
A 1 6   GLN 6   13  13  GLN GLN A . n 
A 1 7   ASN 7   14  14  ASN ASN A . n 
A 1 8   THR 8   15  15  THR THR A . n 
A 1 9   ALA 9   16  16  ALA ALA A . n 
A 1 10  GLN 10  17  17  GLN GLN A . n 
A 1 11  ASP 11  18  18  ASP ASP A . n 
A 1 12  PHE 12  19  19  PHE PHE A . n 
A 1 13  ASN 13  20  20  ASN ASN A . n 
A 1 14  GLY 14  21  21  GLY GLY A . n 
A 1 15  ASN 15  22  22  ASN ASN A . n 
A 1 16  GLU 16  23  23  GLU GLU A . n 
A 1 17  SER 17  24  24  SER SER A . n 
A 1 18  THR 18  25  25  THR THR A . n 
A 1 19  VAL 19  26  26  VAL VAL A . n 
A 1 20  LYS 20  27  27  LYS LYS A . n 
A 1 21  SER 21  28  28  SER SER A . n 
A 1 22  PHE 22  29  29  PHE PHE A . n 
A 1 23  TYR 23  30  30  TYR TYR A . n 
A 1 24  VAL 24  31  31  VAL VAL A . n 
A 1 25  THR 25  32  32  THR THR A . n 
A 1 26  ARG 26  33  33  ARG ARG A . n 
A 1 27  THR 27  34  34  THR ALA A . n 
A 1 28  GLY 28  35  35  GLY GLY A . n 
A 1 29  LYS 29  36  36  LYS ALA A . n 
A 1 30  LYS 30  37  37  LYS ALA A . n 
A 1 31  ILE 31  38  38  ILE ILE A . n 
A 1 32  LEU 32  39  39  LEU LEU A . n 
A 1 33  VAL 33  40  40  VAL VAL A . n 
A 1 34  ALA 34  41  41  ALA ALA A . n 
A 1 35  ILE 35  42  42  ILE ILE A . n 
A 1 36  THR 36  43  43  THR THR A . n 
A 1 37  SER 37  44  44  SER SER A . n 
A 1 38  THR 38  45  45  THR THR A . n 
A 1 39  LYS 39  46  46  LYS LYS A . n 
A 1 40  ASP 40  47  47  ASP ASP A . n 
A 1 41  ASN 41  48  48  ASN ASN A . n 
A 1 42  LEU 42  49  49  LEU LEU A . n 
A 1 43  LYS 43  50  50  LYS LYS A . n 
A 1 44  THR 44  51  51  THR THR A . n 
A 1 45  VAL 45  52  52  VAL VAL A . n 
A 1 46  THR 46  53  53  THR THR A . n 
A 1 47  CYS 47  54  54  CYS CYS A . n 
A 1 48  LEU 48  55  55  LEU LEU A . n 
A 1 49  THR 49  56  56  THR ALA A . n 
A 1 50  GLU 50  57  ?   ?   ?   A . n 
A 1 51  THR 51  58  58  THR THR A . n 
A 1 52  GLY 52  59  59  GLY GLY A . n 
A 1 53  LYS 53  60  60  LYS LYS A . n 
A 1 54  THR 54  61  61  THR THR A . n 
A 1 55  VAL 55  62  62  VAL VAL A . n 
A 1 56  LEU 56  63  63  LEU LEU A . n 
A 1 57  ASN 57  64  64  ASN ASN A . n 
A 1 58  LEU 58  65  65  LEU LEU A . n 
A 1 59  ASP 59  66  66  ASP ASP A . n 
A 1 60  PRO 60  67  67  PRO PRO A . n 
A 1 61  PRO 61  68  68  PRO PRO A . n 
A 1 62  MET 62  69  69  MET MET A . n 
A 1 63  ARG 63  70  70  ARG ARG A . n 
A 1 64  PHE 64  71  71  PHE PHE A . n 
A 1 65  ALA 65  72  72  ALA ALA A . n 
A 1 66  HIS 66  73  ?   ?   ?   A . n 
A 1 67  THR 67  74  ?   ?   ?   A . n 
A 1 68  VAL 68  75  ?   ?   ?   A . n 
A 1 69  GLY 69  76  ?   ?   ?   A . n 
A 1 70  GLY 70  77  ?   ?   ?   A . n 
A 1 71  LYS 71  78  ?   ?   ?   A . n 
A 1 72  GLN 72  79  ?   ?   ?   A . n 
A 1 73  SER 73  80  80  SER SER A . n 
A 1 74  VAL 74  81  81  VAL VAL A . n 
A 1 75  VAL 75  82  82  VAL VAL A . n 
A 1 76  TYR 76  83  83  TYR TYR A . n 
A 1 77  LEU 77  84  84  LEU LEU A . n 
A 1 78  TYR 78  85  85  TYR TYR A . n 
A 1 79  PHE 79  86  86  PHE PHE A . n 
A 1 80  ILE 80  87  87  ILE ILE A . n 
A 1 81  GLN 81  88  88  GLN GLN A . n 
A 1 82  ASN 82  89  89  ASN ASN A . n 
A 1 83  ILE 83  90  90  ILE ILE A . n 
A 1 84  SER 84  91  91  SER SER A . n 
A 1 85  SER 85  92  92  SER SER A . n 
A 1 86  LEU 86  93  93  LEU LEU A . n 
A 1 87  ASN 87  94  94  ASN ASN A . n 
A 1 88  ARG 88  95  95  ARG ARG A . n 
A 1 89  GLY 89  96  96  GLY GLY A . n 
A 1 90  MET 90  97  97  MET MET A . n 
A 1 91  VAL 91  98  98  VAL VAL A . n 
A 1 92  ILE 92  99  99  ILE ILE A . n 
A 1 93  GLY 93  100 100 GLY GLY A . n 
A 1 94  HIS 94  101 101 HIS HIS A . n 
A 1 95  ILE 95  102 102 ILE ILE A . n 
A 1 96  SER 96  103 103 SER SER A . n 
A 1 97  GLU 97  104 104 GLU GLU A . n 
A 1 98  THR 98  105 105 THR ALA A . n 
A 1 99  THR 99  106 ?   ?   ?   A . n 
A 1 100 ILE 100 107 ?   ?   ?   A . n 
A 1 101 LEU 101 108 ?   ?   ?   A . n 
A 1 102 GLN 102 109 ?   ?   ?   A . n 
A 1 103 HIS 103 110 ?   ?   ?   A . n 
A 1 104 HIS 104 111 ?   ?   ?   A . n 
A 1 105 HIS 105 112 ?   ?   ?   A . n 
A 1 106 HIS 106 113 ?   ?   ?   A . n 
A 1 107 HIS 107 114 ?   ?   ?   A . n 
A 1 108 HIS 108 115 ?   ?   ?   A . n 
B 1 1   ASN 1   8   8   ASN ASN B . n 
B 1 2   VAL 2   9   9   VAL VAL B . n 
B 1 3   PHE 3   10  10  PHE PHE B . n 
B 1 4   THR 4   11  11  THR THR B . n 
B 1 5   ALA 5   12  12  ALA ALA B . n 
B 1 6   GLN 6   13  13  GLN GLN B . n 
B 1 7   ASN 7   14  14  ASN ASN B . n 
B 1 8   THR 8   15  15  THR THR B . n 
B 1 9   ALA 9   16  16  ALA ALA B . n 
B 1 10  GLN 10  17  17  GLN GLN B . n 
B 1 11  ASP 11  18  18  ASP ASP B . n 
B 1 12  PHE 12  19  19  PHE PHE B . n 
B 1 13  ASN 13  20  20  ASN ASN B . n 
B 1 14  GLY 14  21  21  GLY GLY B . n 
B 1 15  ASN 15  22  22  ASN ASN B . n 
B 1 16  GLU 16  23  23  GLU GLU B . n 
B 1 17  SER 17  24  24  SER SER B . n 
B 1 18  THR 18  25  25  THR THR B . n 
B 1 19  VAL 19  26  26  VAL VAL B . n 
B 1 20  LYS 20  27  27  LYS LYS B . n 
B 1 21  SER 21  28  28  SER SER B . n 
B 1 22  PHE 22  29  29  PHE PHE B . n 
B 1 23  TYR 23  30  30  TYR TYR B . n 
B 1 24  VAL 24  31  31  VAL VAL B . n 
B 1 25  THR 25  32  32  THR THR B . n 
B 1 26  ARG 26  33  33  ARG ALA B . n 
B 1 27  THR 27  34  34  THR ALA B . n 
B 1 28  GLY 28  35  35  GLY GLY B . n 
B 1 29  LYS 29  36  36  LYS ALA B . n 
B 1 30  LYS 30  37  37  LYS LYS B . n 
B 1 31  ILE 31  38  38  ILE ILE B . n 
B 1 32  LEU 32  39  39  LEU LEU B . n 
B 1 33  VAL 33  40  40  VAL VAL B . n 
B 1 34  ALA 34  41  41  ALA ALA B . n 
B 1 35  ILE 35  42  42  ILE ILE B . n 
B 1 36  THR 36  43  43  THR THR B . n 
B 1 37  SER 37  44  44  SER SER B . n 
B 1 38  THR 38  45  45  THR THR B . n 
B 1 39  LYS 39  46  46  LYS LYS B . n 
B 1 40  ASP 40  47  47  ASP ASP B . n 
B 1 41  ASN 41  48  48  ASN ASN B . n 
B 1 42  LEU 42  49  49  LEU LEU B . n 
B 1 43  LYS 43  50  50  LYS LYS B . n 
B 1 44  THR 44  51  51  THR THR B . n 
B 1 45  VAL 45  52  52  VAL VAL B . n 
B 1 46  THR 46  53  53  THR THR B . n 
B 1 47  CYS 47  54  54  CYS CYS B . n 
B 1 48  LEU 48  55  55  LEU LEU B . n 
B 1 49  THR 49  56  56  THR ALA B . n 
B 1 50  GLU 50  57  ?   ?   ?   B . n 
B 1 51  THR 51  58  58  THR THR B . n 
B 1 52  GLY 52  59  59  GLY GLY B . n 
B 1 53  LYS 53  60  60  LYS LYS B . n 
B 1 54  THR 54  61  61  THR THR B . n 
B 1 55  VAL 55  62  62  VAL VAL B . n 
B 1 56  LEU 56  63  63  LEU LEU B . n 
B 1 57  ASN 57  64  64  ASN ASN B . n 
B 1 58  LEU 58  65  65  LEU LEU B . n 
B 1 59  ASP 59  66  66  ASP ASP B . n 
B 1 60  PRO 60  67  67  PRO PRO B . n 
B 1 61  PRO 61  68  68  PRO PRO B . n 
B 1 62  MET 62  69  69  MET MET B . n 
B 1 63  ARG 63  70  70  ARG ARG B . n 
B 1 64  PHE 64  71  71  PHE PHE B . n 
B 1 65  ALA 65  72  72  ALA ALA B . n 
B 1 66  HIS 66  73  73  HIS HIS B . n 
B 1 67  THR 67  74  74  THR THR B . n 
B 1 68  VAL 68  75  75  VAL VAL B . n 
B 1 69  GLY 69  76  76  GLY GLY B . n 
B 1 70  GLY 70  77  77  GLY GLY B . n 
B 1 71  LYS 71  78  78  LYS LYS B . n 
B 1 72  GLN 72  79  79  GLN GLN B . n 
B 1 73  SER 73  80  80  SER SER B . n 
B 1 74  VAL 74  81  81  VAL VAL B . n 
B 1 75  VAL 75  82  82  VAL VAL B . n 
B 1 76  TYR 76  83  83  TYR TYR B . n 
B 1 77  LEU 77  84  84  LEU LEU B . n 
B 1 78  TYR 78  85  85  TYR TYR B . n 
B 1 79  PHE 79  86  86  PHE PHE B . n 
B 1 80  ILE 80  87  87  ILE ILE B . n 
B 1 81  GLN 81  88  88  GLN GLN B . n 
B 1 82  ASN 82  89  89  ASN ASN B . n 
B 1 83  ILE 83  90  90  ILE ILE B . n 
B 1 84  SER 84  91  91  SER SER B . n 
B 1 85  SER 85  92  92  SER SER B . n 
B 1 86  LEU 86  93  93  LEU LEU B . n 
B 1 87  ASN 87  94  94  ASN ASN B . n 
B 1 88  ARG 88  95  95  ARG ARG B . n 
B 1 89  GLY 89  96  96  GLY GLY B . n 
B 1 90  MET 90  97  97  MET MET B . n 
B 1 91  VAL 91  98  98  VAL VAL B . n 
B 1 92  ILE 92  99  99  ILE ILE B . n 
B 1 93  GLY 93  100 100 GLY GLY B . n 
B 1 94  HIS 94  101 101 HIS HIS B . n 
B 1 95  ILE 95  102 102 ILE ILE B . n 
B 1 96  SER 96  103 103 SER SER B . n 
B 1 97  GLU 97  104 104 GLU GLU B . n 
B 1 98  THR 98  105 105 THR ALA B . n 
B 1 99  THR 99  106 106 THR ALA B . n 
B 1 100 ILE 100 107 107 ILE ALA B . n 
B 1 101 LEU 101 108 ?   ?   ?   B . n 
B 1 102 GLN 102 109 ?   ?   ?   B . n 
B 1 103 HIS 103 110 ?   ?   ?   B . n 
B 1 104 HIS 104 111 ?   ?   ?   B . n 
B 1 105 HIS 105 112 ?   ?   ?   B . n 
B 1 106 HIS 106 113 ?   ?   ?   B . n 
B 1 107 HIS 107 114 ?   ?   ?   B . n 
B 1 108 HIS 108 115 ?   ?   ?   B . n 
# 
loop_
_pdbx_nonpoly_scheme.asym_id 
_pdbx_nonpoly_scheme.entity_id 
_pdbx_nonpoly_scheme.mon_id 
_pdbx_nonpoly_scheme.ndb_seq_num 
_pdbx_nonpoly_scheme.pdb_seq_num 
_pdbx_nonpoly_scheme.auth_seq_num 
_pdbx_nonpoly_scheme.pdb_mon_id 
_pdbx_nonpoly_scheme.auth_mon_id 
_pdbx_nonpoly_scheme.pdb_strand_id 
_pdbx_nonpoly_scheme.pdb_ins_code 
C 2 HOH 1  201 141 HOH HOH A . 
C 2 HOH 2  202 150 HOH HOH A . 
C 2 HOH 3  203 119 HOH HOH A . 
C 2 HOH 4  204 143 HOH HOH A . 
C 2 HOH 5  205 148 HOH HOH A . 
C 2 HOH 6  206 118 HOH HOH A . 
C 2 HOH 7  207 120 HOH HOH A . 
C 2 HOH 8  208 142 HOH HOH A . 
C 2 HOH 9  209 132 HOH HOH A . 
C 2 HOH 10 210 121 HOH HOH A . 
C 2 HOH 11 211 128 HOH HOH A . 
C 2 HOH 12 212 123 HOH HOH A . 
C 2 HOH 13 213 125 HOH HOH A . 
C 2 HOH 14 214 116 HOH HOH A . 
C 2 HOH 15 215 139 HOH HOH A . 
C 2 HOH 16 216 137 HOH HOH A . 
C 2 HOH 17 217 133 HOH HOH A . 
C 2 HOH 18 218 144 HOH HOH A . 
C 2 HOH 19 219 135 HOH HOH A . 
C 2 HOH 20 220 127 HOH HOH A . 
C 2 HOH 21 221 122 HOH HOH A . 
C 2 HOH 22 222 147 HOH HOH A . 
C 2 HOH 23 223 134 HOH HOH A . 
C 2 HOH 24 224 146 HOH HOH A . 
C 2 HOH 25 225 117 HOH HOH A . 
C 2 HOH 26 226 114 HOH HOH A . 
C 2 HOH 27 227 138 HOH HOH A . 
D 2 HOH 1  201 117 HOH HOH B . 
D 2 HOH 2  202 111 HOH HOH B . 
D 2 HOH 3  203 137 HOH HOH B . 
D 2 HOH 4  204 127 HOH HOH B . 
D 2 HOH 5  205 130 HOH HOH B . 
D 2 HOH 6  206 126 HOH HOH B . 
D 2 HOH 7  207 136 HOH HOH B . 
D 2 HOH 8  208 149 HOH HOH B . 
D 2 HOH 9  209 131 HOH HOH B . 
D 2 HOH 10 210 112 HOH HOH B . 
D 2 HOH 11 211 115 HOH HOH B . 
D 2 HOH 12 212 134 HOH HOH B . 
D 2 HOH 13 213 122 HOH HOH B . 
D 2 HOH 14 214 114 HOH HOH B . 
D 2 HOH 15 215 139 HOH HOH B . 
D 2 HOH 16 216 120 HOH HOH B . 
D 2 HOH 17 217 129 HOH HOH B . 
D 2 HOH 18 218 140 HOH HOH B . 
D 2 HOH 19 219 112 HOH HOH B . 
D 2 HOH 20 220 123 HOH HOH B . 
D 2 HOH 21 221 136 HOH HOH B . 
D 2 HOH 22 222 125 HOH HOH B . 
D 2 HOH 23 223 113 HOH HOH B . 
D 2 HOH 24 224 124 HOH HOH B . 
D 2 HOH 25 225 128 HOH HOH B . 
D 2 HOH 26 226 129 HOH HOH B . 
D 2 HOH 27 227 118 HOH HOH B . 
D 2 HOH 28 228 140 HOH HOH B . 
D 2 HOH 29 229 113 HOH HOH B . 
D 2 HOH 30 230 124 HOH HOH B . 
D 2 HOH 31 231 115 HOH HOH B . 
D 2 HOH 32 232 133 HOH HOH B . 
D 2 HOH 33 233 131 HOH HOH B . 
D 2 HOH 34 234 141 HOH HOH B . 
D 2 HOH 35 235 145 HOH HOH B . 
D 2 HOH 36 236 116 HOH HOH B . 
D 2 HOH 37 237 119 HOH HOH B . 
D 2 HOH 38 238 135 HOH HOH B . 
D 2 HOH 39 239 121 HOH HOH B . 
D 2 HOH 40 240 130 HOH HOH B . 
D 2 HOH 41 241 132 HOH HOH B . 
D 2 HOH 42 242 138 HOH HOH B . 
D 2 HOH 43 243 126 HOH HOH B . 
# 
loop_
_pdbx_unobs_or_zero_occ_atoms.id 
_pdbx_unobs_or_zero_occ_atoms.PDB_model_num 
_pdbx_unobs_or_zero_occ_atoms.polymer_flag 
_pdbx_unobs_or_zero_occ_atoms.occupancy_flag 
_pdbx_unobs_or_zero_occ_atoms.auth_asym_id 
_pdbx_unobs_or_zero_occ_atoms.auth_comp_id 
_pdbx_unobs_or_zero_occ_atoms.auth_seq_id 
_pdbx_unobs_or_zero_occ_atoms.PDB_ins_code 
_pdbx_unobs_or_zero_occ_atoms.auth_atom_id 
_pdbx_unobs_or_zero_occ_atoms.label_alt_id 
_pdbx_unobs_or_zero_occ_atoms.label_asym_id 
_pdbx_unobs_or_zero_occ_atoms.label_comp_id 
_pdbx_unobs_or_zero_occ_atoms.label_seq_id 
_pdbx_unobs_or_zero_occ_atoms.label_atom_id 
1  1 Y 1 A THR 34  ? OG1 ? A THR 27  OG1 
2  1 Y 1 A THR 34  ? CG2 ? A THR 27  CG2 
3  1 Y 1 A LYS 36  ? CG  ? A LYS 29  CG  
4  1 Y 1 A LYS 36  ? CD  ? A LYS 29  CD  
5  1 Y 1 A LYS 36  ? CE  ? A LYS 29  CE  
6  1 Y 1 A LYS 36  ? NZ  ? A LYS 29  NZ  
7  1 Y 1 A LYS 37  ? CG  ? A LYS 30  CG  
8  1 Y 1 A LYS 37  ? CD  ? A LYS 30  CD  
9  1 Y 1 A LYS 37  ? CE  ? A LYS 30  CE  
10 1 Y 1 A LYS 37  ? NZ  ? A LYS 30  NZ  
11 1 Y 1 A THR 56  ? OG1 ? A THR 49  OG1 
12 1 Y 1 A THR 56  ? CG2 ? A THR 49  CG2 
13 1 Y 1 A THR 105 ? OG1 ? A THR 98  OG1 
14 1 Y 1 A THR 105 ? CG2 ? A THR 98  CG2 
15 1 Y 1 B ARG 33  ? CG  ? B ARG 26  CG  
16 1 Y 1 B ARG 33  ? CD  ? B ARG 26  CD  
17 1 Y 1 B ARG 33  ? NE  ? B ARG 26  NE  
18 1 Y 1 B ARG 33  ? CZ  ? B ARG 26  CZ  
19 1 Y 1 B ARG 33  ? NH1 ? B ARG 26  NH1 
20 1 Y 1 B ARG 33  ? NH2 ? B ARG 26  NH2 
21 1 Y 1 B THR 34  ? OG1 ? B THR 27  OG1 
22 1 Y 1 B THR 34  ? CG2 ? B THR 27  CG2 
23 1 Y 1 B LYS 36  ? CG  ? B LYS 29  CG  
24 1 Y 1 B LYS 36  ? CD  ? B LYS 29  CD  
25 1 Y 1 B LYS 36  ? CE  ? B LYS 29  CE  
26 1 Y 1 B LYS 36  ? NZ  ? B LYS 29  NZ  
27 1 Y 1 B THR 56  ? OG1 ? B THR 49  OG1 
28 1 Y 1 B THR 56  ? CG2 ? B THR 49  CG2 
29 1 Y 1 B THR 105 ? OG1 ? B THR 98  OG1 
30 1 Y 1 B THR 105 ? CG2 ? B THR 98  CG2 
31 1 Y 1 B THR 106 ? OG1 ? B THR 99  OG1 
32 1 Y 1 B THR 106 ? CG2 ? B THR 99  CG2 
33 1 Y 1 B ILE 107 ? CG1 ? B ILE 100 CG1 
34 1 Y 1 B ILE 107 ? CG2 ? B ILE 100 CG2 
35 1 Y 1 B ILE 107 ? CD1 ? B ILE 100 CD1 
# 
loop_
_software.citation_id 
_software.classification 
_software.compiler_name 
_software.compiler_version 
_software.contact_author 
_software.contact_author_email 
_software.date 
_software.description 
_software.dependencies 
_software.hardware 
_software.language 
_software.location 
_software.mods 
_software.name 
_software.os 
_software.os_version 
_software.type 
_software.version 
_software.pdbx_ordinal 
? refinement       ? ? ? ? ? ? ? ? ? ? ? PHENIX   ? ? ? 1.9_1692 1 
? 'data reduction' ? ? ? ? ? ? ? ? ? ? ? HKL-3000 ? ? ? .        2 
? 'data scaling'   ? ? ? ? ? ? ? ? ? ? ? HKL-3000 ? ? ? .        3 
? phasing          ? ? ? ? ? ? ? ? ? ? ? PHENIX   ? ? ? .        4 
# 
_cell.angle_alpha                  90.00 
_cell.angle_alpha_esd              ? 
_cell.angle_beta                   106.08 
_cell.angle_beta_esd               ? 
_cell.angle_gamma                  90.00 
_cell.angle_gamma_esd              ? 
_cell.entry_id                     5YM8 
_cell.details                      ? 
_cell.formula_units_Z              ? 
_cell.length_a                     31.546 
_cell.length_a_esd                 ? 
_cell.length_b                     83.863 
_cell.length_b_esd                 ? 
_cell.length_c                     36.344 
_cell.length_c_esd                 ? 
_cell.volume                       ? 
_cell.volume_esd                   ? 
_cell.Z_PDB                        4 
_cell.reciprocal_angle_alpha       ? 
_cell.reciprocal_angle_beta        ? 
_cell.reciprocal_angle_gamma       ? 
_cell.reciprocal_angle_alpha_esd   ? 
_cell.reciprocal_angle_beta_esd    ? 
_cell.reciprocal_angle_gamma_esd   ? 
_cell.reciprocal_length_a          ? 
_cell.reciprocal_length_b          ? 
_cell.reciprocal_length_c          ? 
_cell.reciprocal_length_a_esd      ? 
_cell.reciprocal_length_b_esd      ? 
_cell.reciprocal_length_c_esd      ? 
_cell.pdbx_unique_axis             ? 
# 
_symmetry.entry_id                         5YM8 
_symmetry.cell_setting                     ? 
_symmetry.Int_Tables_number                4 
_symmetry.space_group_name_Hall            ? 
_symmetry.space_group_name_H-M             'P 1 21 1' 
_symmetry.pdbx_full_space_group_name_H-M   ? 
# 
_exptl.absorpt_coefficient_mu     ? 
_exptl.absorpt_correction_T_max   ? 
_exptl.absorpt_correction_T_min   ? 
_exptl.absorpt_correction_type    ? 
_exptl.absorpt_process_details    ? 
_exptl.entry_id                   5YM8 
_exptl.crystals_number            1 
_exptl.details                    ? 
_exptl.method                     'X-RAY DIFFRACTION' 
_exptl.method_details             ? 
# 
_exptl_crystal.colour                      ? 
_exptl_crystal.density_diffrn              ? 
_exptl_crystal.density_Matthews            1.92 
_exptl_crystal.density_method              ? 
_exptl_crystal.density_percent_sol         35.89 
_exptl_crystal.description                 ? 
_exptl_crystal.F_000                       ? 
_exptl_crystal.id                          1 
_exptl_crystal.preparation                 ? 
_exptl_crystal.size_max                    ? 
_exptl_crystal.size_mid                    ? 
_exptl_crystal.size_min                    ? 
_exptl_crystal.size_rad                    ? 
_exptl_crystal.colour_lustre               ? 
_exptl_crystal.colour_modifier             ? 
_exptl_crystal.colour_primary              ? 
_exptl_crystal.density_meas                ? 
_exptl_crystal.density_meas_esd            ? 
_exptl_crystal.density_meas_gt             ? 
_exptl_crystal.density_meas_lt             ? 
_exptl_crystal.density_meas_temp           ? 
_exptl_crystal.density_meas_temp_esd       ? 
_exptl_crystal.density_meas_temp_gt        ? 
_exptl_crystal.density_meas_temp_lt        ? 
_exptl_crystal.pdbx_crystal_image_url      ? 
_exptl_crystal.pdbx_crystal_image_format   ? 
_exptl_crystal.pdbx_mosaicity              ? 
_exptl_crystal.pdbx_mosaicity_esd          ? 
# 
_exptl_crystal_grow.apparatus       ? 
_exptl_crystal_grow.atmosphere      ? 
_exptl_crystal_grow.crystal_id      1 
_exptl_crystal_grow.details         ? 
_exptl_crystal_grow.method          'VAPOR DIFFUSION, SITTING DROP' 
_exptl_crystal_grow.method_ref      ? 
_exptl_crystal_grow.pH              4.2 
_exptl_crystal_grow.pressure        ? 
_exptl_crystal_grow.pressure_esd    ? 
_exptl_crystal_grow.seeding         ? 
_exptl_crystal_grow.seeding_ref     ? 
_exptl_crystal_grow.temp            293 
_exptl_crystal_grow.temp_details    ? 
_exptl_crystal_grow.temp_esd        ? 
_exptl_crystal_grow.time            ? 
_exptl_crystal_grow.pdbx_details    '0.1 M Na2HPO4:citric acid (pH 4.2), 22% (w/v) PEG 8000' 
_exptl_crystal_grow.pdbx_pH_range   ? 
# 
_diffrn.ambient_environment    ? 
_diffrn.ambient_temp           100 
_diffrn.ambient_temp_details   ? 
_diffrn.ambient_temp_esd       ? 
_diffrn.crystal_id             1 
_diffrn.crystal_support        ? 
_diffrn.crystal_treatment      ? 
_diffrn.details                ? 
_diffrn.id                     1 
_diffrn.ambient_pressure       ? 
_diffrn.ambient_pressure_esd   ? 
_diffrn.ambient_pressure_gt    ? 
_diffrn.ambient_pressure_lt    ? 
_diffrn.ambient_temp_gt        ? 
_diffrn.ambient_temp_lt        ? 
# 
_diffrn_detector.details                      ? 
_diffrn_detector.detector                     CCD 
_diffrn_detector.diffrn_id                    1 
_diffrn_detector.type                         'ADSC QUANTUM 315' 
_diffrn_detector.area_resol_mean              ? 
_diffrn_detector.dtime                        ? 
_diffrn_detector.pdbx_frames_total            ? 
_diffrn_detector.pdbx_collection_time_total   ? 
_diffrn_detector.pdbx_collection_date         2017-06-01 
# 
_diffrn_radiation.collimation                      ? 
_diffrn_radiation.diffrn_id                        1 
_diffrn_radiation.filter_edge                      ? 
_diffrn_radiation.inhomogeneity                    ? 
_diffrn_radiation.monochromator                    ? 
_diffrn_radiation.polarisn_norm                    ? 
_diffrn_radiation.polarisn_ratio                   ? 
_diffrn_radiation.probe                            ? 
_diffrn_radiation.type                             ? 
_diffrn_radiation.xray_symbol                      ? 
_diffrn_radiation.wavelength_id                    1 
_diffrn_radiation.pdbx_monochromatic_or_laue_m_l   M 
_diffrn_radiation.pdbx_wavelength_list             ? 
_diffrn_radiation.pdbx_wavelength                  ? 
_diffrn_radiation.pdbx_diffrn_protocol             'SINGLE WAVELENGTH' 
_diffrn_radiation.pdbx_analyzer                    ? 
_diffrn_radiation.pdbx_scattering_type             x-ray 
# 
_diffrn_radiation_wavelength.id           1 
_diffrn_radiation_wavelength.wavelength   0.97917 
_diffrn_radiation_wavelength.wt           1.0 
# 
_diffrn_source.current                     ? 
_diffrn_source.details                     ? 
_diffrn_source.diffrn_id                   1 
_diffrn_source.power                       ? 
_diffrn_source.size                        ? 
_diffrn_source.source                      SYNCHROTRON 
_diffrn_source.target                      ? 
_diffrn_source.type                        'SSRF BEAMLINE BL17U1' 
_diffrn_source.voltage                     ? 
_diffrn_source.take-off_angle              ? 
_diffrn_source.pdbx_wavelength_list        0.97917 
_diffrn_source.pdbx_wavelength             ? 
_diffrn_source.pdbx_synchrotron_beamline   BL17U1 
_diffrn_source.pdbx_synchrotron_site       SSRF 
# 
_reflns.B_iso_Wilson_estimate            ? 
_reflns.entry_id                         5YM8 
_reflns.data_reduction_details           ? 
_reflns.data_reduction_method            ? 
_reflns.d_resolution_high                1.99 
_reflns.d_resolution_low                 50 
_reflns.details                          ? 
_reflns.limit_h_max                      ? 
_reflns.limit_h_min                      ? 
_reflns.limit_k_max                      ? 
_reflns.limit_k_min                      ? 
_reflns.limit_l_max                      ? 
_reflns.limit_l_min                      ? 
_reflns.number_all                       ? 
_reflns.number_obs                       605729 
_reflns.observed_criterion               ? 
_reflns.observed_criterion_F_max         ? 
_reflns.observed_criterion_F_min         ? 
_reflns.observed_criterion_I_max         ? 
_reflns.observed_criterion_I_min         ? 
_reflns.observed_criterion_sigma_F       ? 
_reflns.observed_criterion_sigma_I       ? 
_reflns.percent_possible_obs             99.8 
_reflns.R_free_details                   ? 
_reflns.Rmerge_F_all                     ? 
_reflns.Rmerge_F_obs                     ? 
_reflns.Friedel_coverage                 ? 
_reflns.number_gt                        ? 
_reflns.threshold_expression             ? 
_reflns.pdbx_redundancy                  7.0 
_reflns.pdbx_Rmerge_I_obs                ? 
_reflns.pdbx_Rmerge_I_all                ? 
_reflns.pdbx_Rsym_value                  ? 
_reflns.pdbx_netI_over_av_sigmaI         ? 
_reflns.pdbx_netI_over_sigmaI            24.51 
_reflns.pdbx_res_netI_over_av_sigmaI_2   ? 
_reflns.pdbx_res_netI_over_sigmaI_2      ? 
_reflns.pdbx_chi_squared                 ? 
_reflns.pdbx_scaling_rejects             ? 
_reflns.pdbx_d_res_high_opt              ? 
_reflns.pdbx_d_res_low_opt               ? 
_reflns.pdbx_d_res_opt_method            ? 
_reflns.phase_calculation_details        ? 
_reflns.pdbx_Rrim_I_all                  ? 
_reflns.pdbx_Rpim_I_all                  ? 
_reflns.pdbx_d_opt                       ? 
_reflns.pdbx_number_measured_all         ? 
_reflns.pdbx_diffrn_id                   1 
_reflns.pdbx_ordinal                     1 
_reflns.pdbx_CC_half                     ? 
_reflns.pdbx_R_split                     ? 
# 
_reflns_shell.d_res_high                  . 
_reflns_shell.d_res_low                   ? 
_reflns_shell.meanI_over_sigI_all         ? 
_reflns_shell.meanI_over_sigI_obs         ? 
_reflns_shell.number_measured_all         ? 
_reflns_shell.number_measured_obs         ? 
_reflns_shell.number_possible             ? 
_reflns_shell.number_unique_all           ? 
_reflns_shell.number_unique_obs           ? 
_reflns_shell.percent_possible_all        ? 
_reflns_shell.percent_possible_obs        ? 
_reflns_shell.Rmerge_F_all                ? 
_reflns_shell.Rmerge_F_obs                ? 
_reflns_shell.Rmerge_I_all                ? 
_reflns_shell.Rmerge_I_obs                ? 
_reflns_shell.meanI_over_sigI_gt          ? 
_reflns_shell.meanI_over_uI_all           ? 
_reflns_shell.meanI_over_uI_gt            ? 
_reflns_shell.number_measured_gt          ? 
_reflns_shell.number_unique_gt            ? 
_reflns_shell.percent_possible_gt         ? 
_reflns_shell.Rmerge_F_gt                 ? 
_reflns_shell.Rmerge_I_gt                 ? 
_reflns_shell.pdbx_redundancy             ? 
_reflns_shell.pdbx_Rsym_value             ? 
_reflns_shell.pdbx_chi_squared            ? 
_reflns_shell.pdbx_netI_over_sigmaI_all   ? 
_reflns_shell.pdbx_netI_over_sigmaI_obs   ? 
_reflns_shell.pdbx_Rrim_I_all             ? 
_reflns_shell.pdbx_Rpim_I_all             ? 
_reflns_shell.pdbx_rejects                ? 
_reflns_shell.pdbx_ordinal                1 
_reflns_shell.pdbx_diffrn_id              1 
_reflns_shell.pdbx_CC_half                ? 
_reflns_shell.pdbx_R_split                ? 
# 
_refine.aniso_B[1][1]                            ? 
_refine.aniso_B[1][2]                            ? 
_refine.aniso_B[1][3]                            ? 
_refine.aniso_B[2][2]                            ? 
_refine.aniso_B[2][3]                            ? 
_refine.aniso_B[3][3]                            ? 
_refine.B_iso_max                                ? 
_refine.B_iso_mean                               ? 
_refine.B_iso_min                                ? 
_refine.correlation_coeff_Fo_to_Fc               ? 
_refine.correlation_coeff_Fo_to_Fc_free          ? 
_refine.details                                  ? 
_refine.diff_density_max                         ? 
_refine.diff_density_max_esd                     ? 
_refine.diff_density_min                         ? 
_refine.diff_density_min_esd                     ? 
_refine.diff_density_rms                         ? 
_refine.diff_density_rms_esd                     ? 
_refine.entry_id                                 5YM8 
_refine.pdbx_refine_id                           'X-RAY DIFFRACTION' 
_refine.ls_abs_structure_details                 ? 
_refine.ls_abs_structure_Flack                   ? 
_refine.ls_abs_structure_Flack_esd               ? 
_refine.ls_abs_structure_Rogers                  ? 
_refine.ls_abs_structure_Rogers_esd              ? 
_refine.ls_d_res_high                            1.992 
_refine.ls_d_res_low                             34.921 
_refine.ls_extinction_coef                       ? 
_refine.ls_extinction_coef_esd                   ? 
_refine.ls_extinction_expression                 ? 
_refine.ls_extinction_method                     ? 
_refine.ls_goodness_of_fit_all                   ? 
_refine.ls_goodness_of_fit_all_esd               ? 
_refine.ls_goodness_of_fit_obs                   ? 
_refine.ls_goodness_of_fit_obs_esd               ? 
_refine.ls_hydrogen_treatment                    ? 
_refine.ls_matrix_type                           ? 
_refine.ls_number_constraints                    ? 
_refine.ls_number_parameters                     ? 
_refine.ls_number_reflns_all                     ? 
_refine.ls_number_reflns_obs                     12364 
_refine.ls_number_reflns_R_free                  611 
_refine.ls_number_reflns_R_work                  ? 
_refine.ls_number_restraints                     ? 
_refine.ls_percent_reflns_obs                    99.30 
_refine.ls_percent_reflns_R_free                 4.94 
_refine.ls_R_factor_all                          ? 
_refine.ls_R_factor_obs                          0.2161 
_refine.ls_R_factor_R_free                       0.2476 
_refine.ls_R_factor_R_free_error                 ? 
_refine.ls_R_factor_R_free_error_details         ? 
_refine.ls_R_factor_R_work                       0.2145 
_refine.ls_R_Fsqd_factor_obs                     ? 
_refine.ls_R_I_factor_obs                        ? 
_refine.ls_redundancy_reflns_all                 ? 
_refine.ls_redundancy_reflns_obs                 ? 
_refine.ls_restrained_S_all                      ? 
_refine.ls_restrained_S_obs                      ? 
_refine.ls_shift_over_esd_max                    ? 
_refine.ls_shift_over_esd_mean                   ? 
_refine.ls_structure_factor_coef                 ? 
_refine.ls_weighting_details                     ? 
_refine.ls_weighting_scheme                      ? 
_refine.ls_wR_factor_all                         ? 
_refine.ls_wR_factor_obs                         ? 
_refine.ls_wR_factor_R_free                      ? 
_refine.ls_wR_factor_R_work                      ? 
_refine.occupancy_max                            ? 
_refine.occupancy_min                            ? 
_refine.solvent_model_details                    ? 
_refine.solvent_model_param_bsol                 ? 
_refine.solvent_model_param_ksol                 ? 
_refine.ls_R_factor_gt                           ? 
_refine.ls_goodness_of_fit_gt                    ? 
_refine.ls_goodness_of_fit_ref                   ? 
_refine.ls_shift_over_su_max                     ? 
_refine.ls_shift_over_su_max_lt                  ? 
_refine.ls_shift_over_su_mean                    ? 
_refine.ls_shift_over_su_mean_lt                 ? 
_refine.pdbx_ls_sigma_I                          ? 
_refine.pdbx_ls_sigma_F                          1.38 
_refine.pdbx_ls_sigma_Fsqd                       ? 
_refine.pdbx_data_cutoff_high_absF               ? 
_refine.pdbx_data_cutoff_high_rms_absF           ? 
_refine.pdbx_data_cutoff_low_absF                ? 
_refine.pdbx_isotropic_thermal_model             ? 
_refine.pdbx_ls_cross_valid_method               THROUGHOUT 
_refine.pdbx_method_to_determine_struct          ? 
_refine.pdbx_starting_model                      ? 
_refine.pdbx_stereochemistry_target_values       ? 
_refine.pdbx_R_Free_selection_details            ? 
_refine.pdbx_stereochem_target_val_spec_case     ? 
_refine.pdbx_overall_ESU_R                       ? 
_refine.pdbx_overall_ESU_R_Free                  ? 
_refine.pdbx_solvent_vdw_probe_radii             1.11 
_refine.pdbx_solvent_ion_probe_radii             ? 
_refine.pdbx_solvent_shrinkage_radii             0.90 
_refine.pdbx_real_space_R                        ? 
_refine.pdbx_density_correlation                 ? 
_refine.pdbx_pd_number_of_powder_patterns        ? 
_refine.pdbx_pd_number_of_points                 ? 
_refine.pdbx_pd_meas_number_of_points            ? 
_refine.pdbx_pd_proc_ls_prof_R_factor            ? 
_refine.pdbx_pd_proc_ls_prof_wR_factor           ? 
_refine.pdbx_pd_Marquardt_correlation_coeff      ? 
_refine.pdbx_pd_Fsqrd_R_factor                   ? 
_refine.pdbx_pd_ls_matrix_band_width             ? 
_refine.pdbx_overall_phase_error                 28.28 
_refine.pdbx_overall_SU_R_free_Cruickshank_DPI   ? 
_refine.pdbx_overall_SU_R_free_Blow_DPI          ? 
_refine.pdbx_overall_SU_R_Blow_DPI               ? 
_refine.pdbx_TLS_residual_ADP_flag               ? 
_refine.pdbx_diffrn_id                           1 
_refine.overall_SU_B                             ? 
_refine.overall_SU_ML                            0.23 
_refine.overall_SU_R_Cruickshank_DPI             ? 
_refine.overall_SU_R_free                        ? 
_refine.overall_FOM_free_R_set                   ? 
_refine.overall_FOM_work_R_set                   ? 
_refine.pdbx_average_fsc_overall                 ? 
_refine.pdbx_average_fsc_work                    ? 
_refine.pdbx_average_fsc_free                    ? 
# 
_refine_hist.pdbx_refine_id                   'X-RAY DIFFRACTION' 
_refine_hist.cycle_id                         LAST 
_refine_hist.pdbx_number_atoms_protein        1424 
_refine_hist.pdbx_number_atoms_nucleic_acid   0 
_refine_hist.pdbx_number_atoms_ligand         0 
_refine_hist.number_atoms_solvent             70 
_refine_hist.number_atoms_total               1494 
_refine_hist.d_res_high                       1.992 
_refine_hist.d_res_low                        34.921 
# 
loop_
_refine_ls_restr.pdbx_refine_id 
_refine_ls_restr.criterion 
_refine_ls_restr.dev_ideal 
_refine_ls_restr.dev_ideal_target 
_refine_ls_restr.number 
_refine_ls_restr.rejects 
_refine_ls_restr.type 
_refine_ls_restr.weight 
_refine_ls_restr.pdbx_restraint_function 
'X-RAY DIFFRACTION' ? 0.009  ? 1485 ? f_bond_d           ? ? 
'X-RAY DIFFRACTION' ? 1.070  ? 2019 ? f_angle_d          ? ? 
'X-RAY DIFFRACTION' ? 12.390 ? 521  ? f_dihedral_angle_d ? ? 
'X-RAY DIFFRACTION' ? 0.047  ? 252  ? f_chiral_restr     ? ? 
'X-RAY DIFFRACTION' ? 0.005  ? 254  ? f_plane_restr      ? ? 
# 
loop_
_refine_ls_shell.pdbx_refine_id 
_refine_ls_shell.d_res_high 
_refine_ls_shell.d_res_low 
_refine_ls_shell.number_reflns_all 
_refine_ls_shell.number_reflns_obs 
_refine_ls_shell.number_reflns_R_free 
_refine_ls_shell.number_reflns_R_work 
_refine_ls_shell.percent_reflns_obs 
_refine_ls_shell.percent_reflns_R_free 
_refine_ls_shell.R_factor_all 
_refine_ls_shell.R_factor_obs 
_refine_ls_shell.R_factor_R_free 
_refine_ls_shell.R_factor_R_free_error 
_refine_ls_shell.R_factor_R_work 
_refine_ls_shell.redundancy_reflns_all 
_refine_ls_shell.redundancy_reflns_obs 
_refine_ls_shell.wR_factor_all 
_refine_ls_shell.wR_factor_obs 
_refine_ls_shell.wR_factor_R_free 
_refine_ls_shell.wR_factor_R_work 
_refine_ls_shell.pdbx_total_number_of_bins_used 
_refine_ls_shell.pdbx_phase_error 
_refine_ls_shell.pdbx_fsc_work 
_refine_ls_shell.pdbx_fsc_free 
'X-RAY DIFFRACTION' 1.9924 2.1929  . . 166 2884 99.00  . . . 0.2659 . 0.2037 . . . . . . . . . . 
'X-RAY DIFFRACTION' 2.1929 2.5101  . . 136 2940 99.00  . . . 0.2250 . 0.2113 . . . . . . . . . . 
'X-RAY DIFFRACTION' 2.5101 3.1622  . . 151 2968 100.00 . . . 0.2773 . 0.2247 . . . . . . . . . . 
'X-RAY DIFFRACTION' 3.1622 34.9267 . . 158 2961 99.00  . . . 0.2345 . 0.2136 . . . . . . . . . . 
# 
_struct.entry_id                     5YM8 
_struct.title                        'Crystal Structure of porcine delta coronavirus nsp9-N7' 
_struct.pdbx_model_details           ? 
_struct.pdbx_formula_weight          ? 
_struct.pdbx_formula_weight_method   ? 
_struct.pdbx_model_type_details      ? 
_struct.pdbx_CASP_flag               N 
# 
_struct_keywords.entry_id        5YM8 
_struct_keywords.text            'Porcine delta coronavirus, RNA binding protein, nsp9' 
_struct_keywords.pdbx_keywords   'RNA BINDING PROTEIN' 
# 
loop_
_struct_asym.id 
_struct_asym.pdbx_blank_PDB_chainid_flag 
_struct_asym.pdbx_modified 
_struct_asym.entity_id 
_struct_asym.details 
A N N 1 ? 
B N N 1 ? 
C N N 2 ? 
D N N 2 ? 
# 
_struct_ref.id                         1 
_struct_ref.db_name                    UNP 
_struct_ref.db_code                    X2G6C4_9NIDO 
_struct_ref.pdbx_db_accession          X2G6C4 
_struct_ref.pdbx_db_isoform            ? 
_struct_ref.entity_id                  1 
_struct_ref.pdbx_seq_one_letter_code   
;NVFTAQNTAQDFNGNESTVKSFYVTRTGKKILVAITSTKDNLKTVTCLTETGKTVLNLDPPMRFAHTVGGKQSVVYLYFI
QNISSLNRGMVIGHISETTILQ
;
_struct_ref.pdbx_align_begin           3385 
# 
loop_
_struct_ref_seq.align_id 
_struct_ref_seq.ref_id 
_struct_ref_seq.pdbx_PDB_id_code 
_struct_ref_seq.pdbx_strand_id 
_struct_ref_seq.seq_align_beg 
_struct_ref_seq.pdbx_seq_align_beg_ins_code 
_struct_ref_seq.seq_align_end 
_struct_ref_seq.pdbx_seq_align_end_ins_code 
_struct_ref_seq.pdbx_db_accession 
_struct_ref_seq.db_align_beg 
_struct_ref_seq.pdbx_db_align_beg_ins_code 
_struct_ref_seq.db_align_end 
_struct_ref_seq.pdbx_db_align_end_ins_code 
_struct_ref_seq.pdbx_auth_seq_align_beg 
_struct_ref_seq.pdbx_auth_seq_align_end 
1 1 5YM8 A 1 ? 102 ? X2G6C4 3385 ? 3486 ? 8 109 
2 1 5YM8 B 1 ? 102 ? X2G6C4 3385 ? 3486 ? 8 109 
# 
loop_
_struct_ref_seq_dif.align_id 
_struct_ref_seq_dif.pdbx_pdb_id_code 
_struct_ref_seq_dif.mon_id 
_struct_ref_seq_dif.pdbx_pdb_strand_id 
_struct_ref_seq_dif.seq_num 
_struct_ref_seq_dif.pdbx_pdb_ins_code 
_struct_ref_seq_dif.pdbx_seq_db_name 
_struct_ref_seq_dif.pdbx_seq_db_accession_code 
_struct_ref_seq_dif.db_mon_id 
_struct_ref_seq_dif.pdbx_seq_db_seq_num 
_struct_ref_seq_dif.details 
_struct_ref_seq_dif.pdbx_auth_seq_num 
_struct_ref_seq_dif.pdbx_ordinal 
1 5YM8 HIS A 103 ? UNP X2G6C4 ? ? 'expression tag' 110 1  
1 5YM8 HIS A 104 ? UNP X2G6C4 ? ? 'expression tag' 111 2  
1 5YM8 HIS A 105 ? UNP X2G6C4 ? ? 'expression tag' 112 3  
1 5YM8 HIS A 106 ? UNP X2G6C4 ? ? 'expression tag' 113 4  
1 5YM8 HIS A 107 ? UNP X2G6C4 ? ? 'expression tag' 114 5  
1 5YM8 HIS A 108 ? UNP X2G6C4 ? ? 'expression tag' 115 6  
2 5YM8 HIS B 103 ? UNP X2G6C4 ? ? 'expression tag' 110 7  
2 5YM8 HIS B 104 ? UNP X2G6C4 ? ? 'expression tag' 111 8  
2 5YM8 HIS B 105 ? UNP X2G6C4 ? ? 'expression tag' 112 9  
2 5YM8 HIS B 106 ? UNP X2G6C4 ? ? 'expression tag' 113 10 
2 5YM8 HIS B 107 ? UNP X2G6C4 ? ? 'expression tag' 114 11 
2 5YM8 HIS B 108 ? UNP X2G6C4 ? ? 'expression tag' 115 12 
# 
loop_
_pdbx_struct_assembly.id 
_pdbx_struct_assembly.details 
_pdbx_struct_assembly.method_details 
_pdbx_struct_assembly.oligomeric_details 
_pdbx_struct_assembly.oligomeric_count 
1 author_defined_assembly ? monomeric 1 
2 author_defined_assembly ? monomeric 1 
# 
loop_
_pdbx_struct_assembly_gen.assembly_id 
_pdbx_struct_assembly_gen.oper_expression 
_pdbx_struct_assembly_gen.asym_id_list 
1 1 A,C 
2 1 B,D 
# 
_pdbx_struct_assembly_auth_evidence.id                     1 
_pdbx_struct_assembly_auth_evidence.assembly_id            1 
_pdbx_struct_assembly_auth_evidence.experimental_support   'gel filtration' 
_pdbx_struct_assembly_auth_evidence.details                ? 
# 
_pdbx_struct_oper_list.id                   1 
_pdbx_struct_oper_list.type                 'identity operation' 
_pdbx_struct_oper_list.name                 1_555 
_pdbx_struct_oper_list.symmetry_operation   x,y,z 
_pdbx_struct_oper_list.matrix[1][1]         1.0000000000 
_pdbx_struct_oper_list.matrix[1][2]         0.0000000000 
_pdbx_struct_oper_list.matrix[1][3]         0.0000000000 
_pdbx_struct_oper_list.vector[1]            0.0000000000 
_pdbx_struct_oper_list.matrix[2][1]         0.0000000000 
_pdbx_struct_oper_list.matrix[2][2]         1.0000000000 
_pdbx_struct_oper_list.matrix[2][3]         0.0000000000 
_pdbx_struct_oper_list.vector[2]            0.0000000000 
_pdbx_struct_oper_list.matrix[3][1]         0.0000000000 
_pdbx_struct_oper_list.matrix[3][2]         0.0000000000 
_pdbx_struct_oper_list.matrix[3][3]         1.0000000000 
_pdbx_struct_oper_list.vector[3]            0.0000000000 
# 
loop_
_struct_conf.conf_type_id 
_struct_conf.id 
_struct_conf.pdbx_PDB_helix_id 
_struct_conf.beg_label_comp_id 
_struct_conf.beg_label_asym_id 
_struct_conf.beg_label_seq_id 
_struct_conf.pdbx_beg_PDB_ins_code 
_struct_conf.end_label_comp_id 
_struct_conf.end_label_asym_id 
_struct_conf.end_label_seq_id 
_struct_conf.pdbx_end_PDB_ins_code 
_struct_conf.beg_auth_comp_id 
_struct_conf.beg_auth_asym_id 
_struct_conf.beg_auth_seq_id 
_struct_conf.end_auth_comp_id 
_struct_conf.end_auth_asym_id 
_struct_conf.end_auth_seq_id 
_struct_conf.pdbx_PDB_helix_class 
_struct_conf.details 
_struct_conf.pdbx_PDB_helix_length 
HELX_P HELX_P1 AA1 SER A 84 ? SER A 96 ? SER A 91 SER A 103 1 ? 13 
HELX_P HELX_P2 AA2 SER B 84 ? SER B 96 ? SER B 91 SER B 103 1 ? 13 
# 
_struct_conf_type.id          HELX_P 
_struct_conf_type.criteria    ? 
_struct_conf_type.reference   ? 
# 
loop_
_struct_sheet.id 
_struct_sheet.type 
_struct_sheet.number_strands 
_struct_sheet.details 
AA1 ? 7 ? 
AA2 ? 7 ? 
# 
loop_
_struct_sheet_order.sheet_id 
_struct_sheet_order.range_id_1 
_struct_sheet_order.range_id_2 
_struct_sheet_order.offset 
_struct_sheet_order.sense 
AA1 1 2 ? anti-parallel 
AA1 2 3 ? anti-parallel 
AA1 3 4 ? anti-parallel 
AA1 4 5 ? anti-parallel 
AA1 5 6 ? anti-parallel 
AA1 6 7 ? anti-parallel 
AA2 1 2 ? anti-parallel 
AA2 2 3 ? anti-parallel 
AA2 3 4 ? anti-parallel 
AA2 4 5 ? anti-parallel 
AA2 5 6 ? anti-parallel 
AA2 6 7 ? anti-parallel 
# 
loop_
_struct_sheet_range.sheet_id 
_struct_sheet_range.id 
_struct_sheet_range.beg_label_comp_id 
_struct_sheet_range.beg_label_asym_id 
_struct_sheet_range.beg_label_seq_id 
_struct_sheet_range.pdbx_beg_PDB_ins_code 
_struct_sheet_range.end_label_comp_id 
_struct_sheet_range.end_label_asym_id 
_struct_sheet_range.end_label_seq_id 
_struct_sheet_range.pdbx_end_PDB_ins_code 
_struct_sheet_range.beg_auth_comp_id 
_struct_sheet_range.beg_auth_asym_id 
_struct_sheet_range.beg_auth_seq_id 
_struct_sheet_range.end_auth_comp_id 
_struct_sheet_range.end_auth_asym_id 
_struct_sheet_range.end_auth_seq_id 
AA1 1 LYS A 53 ? ASN A 57 ? LYS A 60 ASN A 64 
AA1 2 LEU A 42 ? LEU A 48 ? LEU A 49 LEU A 55 
AA1 3 VAL A 2  ? ASP A 11 ? VAL A 9  ASP A 18 
AA1 4 GLU A 16 ? ARG A 26 ? GLU A 23 ARG A 33 
AA1 5 LYS A 29 ? SER A 37 ? LYS A 36 SER A 44 
AA1 6 VAL A 75 ? PHE A 79 ? VAL A 82 PHE A 86 
AA1 7 MET A 62 ? PHE A 64 ? MET A 69 PHE A 71 
AA2 1 LYS B 53 ? ASN B 57 ? LYS B 60 ASN B 64 
AA2 2 LEU B 42 ? LEU B 48 ? LEU B 49 LEU B 55 
AA2 3 VAL B 2  ? ASP B 11 ? VAL B 9  ASP B 18 
AA2 4 GLU B 16 ? ARG B 26 ? GLU B 23 ARG B 33 
AA2 5 LYS B 29 ? SER B 37 ? LYS B 36 SER B 44 
AA2 6 LYS B 71 ? PHE B 79 ? LYS B 78 PHE B 86 
AA2 7 MET B 62 ? VAL B 68 ? MET B 69 VAL B 75 
# 
loop_
_pdbx_struct_sheet_hbond.sheet_id 
_pdbx_struct_sheet_hbond.range_id_1 
_pdbx_struct_sheet_hbond.range_id_2 
_pdbx_struct_sheet_hbond.range_1_label_atom_id 
_pdbx_struct_sheet_hbond.range_1_label_comp_id 
_pdbx_struct_sheet_hbond.range_1_label_asym_id 
_pdbx_struct_sheet_hbond.range_1_label_seq_id 
_pdbx_struct_sheet_hbond.range_1_PDB_ins_code 
_pdbx_struct_sheet_hbond.range_1_auth_atom_id 
_pdbx_struct_sheet_hbond.range_1_auth_comp_id 
_pdbx_struct_sheet_hbond.range_1_auth_asym_id 
_pdbx_struct_sheet_hbond.range_1_auth_seq_id 
_pdbx_struct_sheet_hbond.range_2_label_atom_id 
_pdbx_struct_sheet_hbond.range_2_label_comp_id 
_pdbx_struct_sheet_hbond.range_2_label_asym_id 
_pdbx_struct_sheet_hbond.range_2_label_seq_id 
_pdbx_struct_sheet_hbond.range_2_PDB_ins_code 
_pdbx_struct_sheet_hbond.range_2_auth_atom_id 
_pdbx_struct_sheet_hbond.range_2_auth_comp_id 
_pdbx_struct_sheet_hbond.range_2_auth_asym_id 
_pdbx_struct_sheet_hbond.range_2_auth_seq_id 
AA1 1 2 O THR A 54 ? O THR A 61 N CYS A 47 ? N CYS A 54 
AA1 2 3 O LYS A 43 ? O LYS A 50 N GLN A 10 ? N GLN A 17 
AA1 3 4 N ASN A 7  ? N ASN A 14 O VAL A 19 ? O VAL A 26 
AA1 4 5 N PHE A 22 ? N PHE A 29 O VAL A 33 ? O VAL A 40 
AA1 5 6 N SER A 37 ? N SER A 44 O TYR A 76 ? O TYR A 83 
AA1 6 7 O LEU A 77 ? O LEU A 84 N MET A 62 ? N MET A 69 
AA2 1 2 O THR B 54 ? O THR B 61 N CYS B 47 ? N CYS B 54 
AA2 2 3 O LYS B 43 ? O LYS B 50 N GLN B 10 ? N GLN B 17 
AA2 3 4 N ALA B 5  ? N ALA B 12 O SER B 21 ? O SER B 28 
AA2 4 5 N PHE B 22 ? N PHE B 29 O VAL B 33 ? O VAL B 40 
AA2 5 6 N SER B 37 ? N SER B 44 O TYR B 76 ? O TYR B 83 
AA2 6 7 O VAL B 75 ? O VAL B 82 N PHE B 64 ? N PHE B 71 
# 
loop_
_pdbx_validate_torsion.id 
_pdbx_validate_torsion.PDB_model_num 
_pdbx_validate_torsion.auth_comp_id 
_pdbx_validate_torsion.auth_asym_id 
_pdbx_validate_torsion.auth_seq_id 
_pdbx_validate_torsion.PDB_ins_code 
_pdbx_validate_torsion.label_alt_id 
_pdbx_validate_torsion.phi 
_pdbx_validate_torsion.psi 
1 1 ALA A 12  ? ? -148.57 -150.52 
2 1 ASN A 89  ? ? 70.78   -6.73   
3 1 ASN A 89  ? ? 70.78   -7.42   
4 1 ALA B 12  ? ? -148.63 -149.57 
5 1 THR B 105 ? ? -91.44  -129.41 
# 
loop_
_pdbx_unobs_or_zero_occ_residues.id 
_pdbx_unobs_or_zero_occ_residues.PDB_model_num 
_pdbx_unobs_or_zero_occ_residues.polymer_flag 
_pdbx_unobs_or_zero_occ_residues.occupancy_flag 
_pdbx_unobs_or_zero_occ_residues.auth_asym_id 
_pdbx_unobs_or_zero_occ_residues.auth_comp_id 
_pdbx_unobs_or_zero_occ_residues.auth_seq_id 
_pdbx_unobs_or_zero_occ_residues.PDB_ins_code 
_pdbx_unobs_or_zero_occ_residues.label_asym_id 
_pdbx_unobs_or_zero_occ_residues.label_comp_id 
_pdbx_unobs_or_zero_occ_residues.label_seq_id 
1  1 Y 1 A GLU 57  ? A GLU 50  
2  1 Y 1 A HIS 73  ? A HIS 66  
3  1 Y 1 A THR 74  ? A THR 67  
4  1 Y 1 A VAL 75  ? A VAL 68  
5  1 Y 1 A GLY 76  ? A GLY 69  
6  1 Y 1 A GLY 77  ? A GLY 70  
7  1 Y 1 A LYS 78  ? A LYS 71  
8  1 Y 1 A GLN 79  ? A GLN 72  
9  1 Y 1 A THR 106 ? A THR 99  
10 1 Y 1 A ILE 107 ? A ILE 100 
11 1 Y 1 A LEU 108 ? A LEU 101 
12 1 Y 1 A GLN 109 ? A GLN 102 
13 1 Y 1 A HIS 110 ? A HIS 103 
14 1 Y 1 A HIS 111 ? A HIS 104 
15 1 Y 1 A HIS 112 ? A HIS 105 
16 1 Y 1 A HIS 113 ? A HIS 106 
17 1 Y 1 A HIS 114 ? A HIS 107 
18 1 Y 1 A HIS 115 ? A HIS 108 
19 1 Y 1 B GLU 57  ? B GLU 50  
20 1 Y 1 B LEU 108 ? B LEU 101 
21 1 Y 1 B GLN 109 ? B GLN 102 
22 1 Y 1 B HIS 110 ? B HIS 103 
23 1 Y 1 B HIS 111 ? B HIS 104 
24 1 Y 1 B HIS 112 ? B HIS 105 
25 1 Y 1 B HIS 113 ? B HIS 106 
26 1 Y 1 B HIS 114 ? B HIS 107 
27 1 Y 1 B HIS 115 ? B HIS 108 
# 
loop_
_chem_comp_atom.comp_id 
_chem_comp_atom.atom_id 
_chem_comp_atom.type_symbol 
_chem_comp_atom.pdbx_aromatic_flag 
_chem_comp_atom.pdbx_stereo_config 
_chem_comp_atom.pdbx_ordinal 
ALA N    N N N 1   
ALA CA   C N S 2   
ALA C    C N N 3   
ALA O    O N N 4   
ALA CB   C N N 5   
ALA OXT  O N N 6   
ALA H    H N N 7   
ALA H2   H N N 8   
ALA HA   H N N 9   
ALA HB1  H N N 10  
ALA HB2  H N N 11  
ALA HB3  H N N 12  
ALA HXT  H N N 13  
ARG N    N N N 14  
ARG CA   C N S 15  
ARG C    C N N 16  
ARG O    O N N 17  
ARG CB   C N N 18  
ARG CG   C N N 19  
ARG CD   C N N 20  
ARG NE   N N N 21  
ARG CZ   C N N 22  
ARG NH1  N N N 23  
ARG NH2  N N N 24  
ARG OXT  O N N 25  
ARG H    H N N 26  
ARG H2   H N N 27  
ARG HA   H N N 28  
ARG HB2  H N N 29  
ARG HB3  H N N 30  
ARG HG2  H N N 31  
ARG HG3  H N N 32  
ARG HD2  H N N 33  
ARG HD3  H N N 34  
ARG HE   H N N 35  
ARG HH11 H N N 36  
ARG HH12 H N N 37  
ARG HH21 H N N 38  
ARG HH22 H N N 39  
ARG HXT  H N N 40  
ASN N    N N N 41  
ASN CA   C N S 42  
ASN C    C N N 43  
ASN O    O N N 44  
ASN CB   C N N 45  
ASN CG   C N N 46  
ASN OD1  O N N 47  
ASN ND2  N N N 48  
ASN OXT  O N N 49  
ASN H    H N N 50  
ASN H2   H N N 51  
ASN HA   H N N 52  
ASN HB2  H N N 53  
ASN HB3  H N N 54  
ASN HD21 H N N 55  
ASN HD22 H N N 56  
ASN HXT  H N N 57  
ASP N    N N N 58  
ASP CA   C N S 59  
ASP C    C N N 60  
ASP O    O N N 61  
ASP CB   C N N 62  
ASP CG   C N N 63  
ASP OD1  O N N 64  
ASP OD2  O N N 65  
ASP OXT  O N N 66  
ASP H    H N N 67  
ASP H2   H N N 68  
ASP HA   H N N 69  
ASP HB2  H N N 70  
ASP HB3  H N N 71  
ASP HD2  H N N 72  
ASP HXT  H N N 73  
CYS N    N N N 74  
CYS CA   C N R 75  
CYS C    C N N 76  
CYS O    O N N 77  
CYS CB   C N N 78  
CYS SG   S N N 79  
CYS OXT  O N N 80  
CYS H    H N N 81  
CYS H2   H N N 82  
CYS HA   H N N 83  
CYS HB2  H N N 84  
CYS HB3  H N N 85  
CYS HG   H N N 86  
CYS HXT  H N N 87  
GLN N    N N N 88  
GLN CA   C N S 89  
GLN C    C N N 90  
GLN O    O N N 91  
GLN CB   C N N 92  
GLN CG   C N N 93  
GLN CD   C N N 94  
GLN OE1  O N N 95  
GLN NE2  N N N 96  
GLN OXT  O N N 97  
GLN H    H N N 98  
GLN H2   H N N 99  
GLN HA   H N N 100 
GLN HB2  H N N 101 
GLN HB3  H N N 102 
GLN HG2  H N N 103 
GLN HG3  H N N 104 
GLN HE21 H N N 105 
GLN HE22 H N N 106 
GLN HXT  H N N 107 
GLU N    N N N 108 
GLU CA   C N S 109 
GLU C    C N N 110 
GLU O    O N N 111 
GLU CB   C N N 112 
GLU CG   C N N 113 
GLU CD   C N N 114 
GLU OE1  O N N 115 
GLU OE2  O N N 116 
GLU OXT  O N N 117 
GLU H    H N N 118 
GLU H2   H N N 119 
GLU HA   H N N 120 
GLU HB2  H N N 121 
GLU HB3  H N N 122 
GLU HG2  H N N 123 
GLU HG3  H N N 124 
GLU HE2  H N N 125 
GLU HXT  H N N 126 
GLY N    N N N 127 
GLY CA   C N N 128 
GLY C    C N N 129 
GLY O    O N N 130 
GLY OXT  O N N 131 
GLY H    H N N 132 
GLY H2   H N N 133 
GLY HA2  H N N 134 
GLY HA3  H N N 135 
GLY HXT  H N N 136 
HIS N    N N N 137 
HIS CA   C N S 138 
HIS C    C N N 139 
HIS O    O N N 140 
HIS CB   C N N 141 
HIS CG   C Y N 142 
HIS ND1  N Y N 143 
HIS CD2  C Y N 144 
HIS CE1  C Y N 145 
HIS NE2  N Y N 146 
HIS OXT  O N N 147 
HIS H    H N N 148 
HIS H2   H N N 149 
HIS HA   H N N 150 
HIS HB2  H N N 151 
HIS HB3  H N N 152 
HIS HD1  H N N 153 
HIS HD2  H N N 154 
HIS HE1  H N N 155 
HIS HE2  H N N 156 
HIS HXT  H N N 157 
HOH O    O N N 158 
HOH H1   H N N 159 
HOH H2   H N N 160 
ILE N    N N N 161 
ILE CA   C N S 162 
ILE C    C N N 163 
ILE O    O N N 164 
ILE CB   C N S 165 
ILE CG1  C N N 166 
ILE CG2  C N N 167 
ILE CD1  C N N 168 
ILE OXT  O N N 169 
ILE H    H N N 170 
ILE H2   H N N 171 
ILE HA   H N N 172 
ILE HB   H N N 173 
ILE HG12 H N N 174 
ILE HG13 H N N 175 
ILE HG21 H N N 176 
ILE HG22 H N N 177 
ILE HG23 H N N 178 
ILE HD11 H N N 179 
ILE HD12 H N N 180 
ILE HD13 H N N 181 
ILE HXT  H N N 182 
LEU N    N N N 183 
LEU CA   C N S 184 
LEU C    C N N 185 
LEU O    O N N 186 
LEU CB   C N N 187 
LEU CG   C N N 188 
LEU CD1  C N N 189 
LEU CD2  C N N 190 
LEU OXT  O N N 191 
LEU H    H N N 192 
LEU H2   H N N 193 
LEU HA   H N N 194 
LEU HB2  H N N 195 
LEU HB3  H N N 196 
LEU HG   H N N 197 
LEU HD11 H N N 198 
LEU HD12 H N N 199 
LEU HD13 H N N 200 
LEU HD21 H N N 201 
LEU HD22 H N N 202 
LEU HD23 H N N 203 
LEU HXT  H N N 204 
LYS N    N N N 205 
LYS CA   C N S 206 
LYS C    C N N 207 
LYS O    O N N 208 
LYS CB   C N N 209 
LYS CG   C N N 210 
LYS CD   C N N 211 
LYS CE   C N N 212 
LYS NZ   N N N 213 
LYS OXT  O N N 214 
LYS H    H N N 215 
LYS H2   H N N 216 
LYS HA   H N N 217 
LYS HB2  H N N 218 
LYS HB3  H N N 219 
LYS HG2  H N N 220 
LYS HG3  H N N 221 
LYS HD2  H N N 222 
LYS HD3  H N N 223 
LYS HE2  H N N 224 
LYS HE3  H N N 225 
LYS HZ1  H N N 226 
LYS HZ2  H N N 227 
LYS HZ3  H N N 228 
LYS HXT  H N N 229 
MET N    N N N 230 
MET CA   C N S 231 
MET C    C N N 232 
MET O    O N N 233 
MET CB   C N N 234 
MET CG   C N N 235 
MET SD   S N N 236 
MET CE   C N N 237 
MET OXT  O N N 238 
MET H    H N N 239 
MET H2   H N N 240 
MET HA   H N N 241 
MET HB2  H N N 242 
MET HB3  H N N 243 
MET HG2  H N N 244 
MET HG3  H N N 245 
MET HE1  H N N 246 
MET HE2  H N N 247 
MET HE3  H N N 248 
MET HXT  H N N 249 
PHE N    N N N 250 
PHE CA   C N S 251 
PHE C    C N N 252 
PHE O    O N N 253 
PHE CB   C N N 254 
PHE CG   C Y N 255 
PHE CD1  C Y N 256 
PHE CD2  C Y N 257 
PHE CE1  C Y N 258 
PHE CE2  C Y N 259 
PHE CZ   C Y N 260 
PHE OXT  O N N 261 
PHE H    H N N 262 
PHE H2   H N N 263 
PHE HA   H N N 264 
PHE HB2  H N N 265 
PHE HB3  H N N 266 
PHE HD1  H N N 267 
PHE HD2  H N N 268 
PHE HE1  H N N 269 
PHE HE2  H N N 270 
PHE HZ   H N N 271 
PHE HXT  H N N 272 
PRO N    N N N 273 
PRO CA   C N S 274 
PRO C    C N N 275 
PRO O    O N N 276 
PRO CB   C N N 277 
PRO CG   C N N 278 
PRO CD   C N N 279 
PRO OXT  O N N 280 
PRO H    H N N 281 
PRO HA   H N N 282 
PRO HB2  H N N 283 
PRO HB3  H N N 284 
PRO HG2  H N N 285 
PRO HG3  H N N 286 
PRO HD2  H N N 287 
PRO HD3  H N N 288 
PRO HXT  H N N 289 
SER N    N N N 290 
SER CA   C N S 291 
SER C    C N N 292 
SER O    O N N 293 
SER CB   C N N 294 
SER OG   O N N 295 
SER OXT  O N N 296 
SER H    H N N 297 
SER H2   H N N 298 
SER HA   H N N 299 
SER HB2  H N N 300 
SER HB3  H N N 301 
SER HG   H N N 302 
SER HXT  H N N 303 
THR N    N N N 304 
THR CA   C N S 305 
THR C    C N N 306 
THR O    O N N 307 
THR CB   C N R 308 
THR OG1  O N N 309 
THR CG2  C N N 310 
THR OXT  O N N 311 
THR H    H N N 312 
THR H2   H N N 313 
THR HA   H N N 314 
THR HB   H N N 315 
THR HG1  H N N 316 
THR HG21 H N N 317 
THR HG22 H N N 318 
THR HG23 H N N 319 
THR HXT  H N N 320 
TYR N    N N N 321 
TYR CA   C N S 322 
TYR C    C N N 323 
TYR O    O N N 324 
TYR CB   C N N 325 
TYR CG   C Y N 326 
TYR CD1  C Y N 327 
TYR CD2  C Y N 328 
TYR CE1  C Y N 329 
TYR CE2  C Y N 330 
TYR CZ   C Y N 331 
TYR OH   O N N 332 
TYR OXT  O N N 333 
TYR H    H N N 334 
TYR H2   H N N 335 
TYR HA   H N N 336 
TYR HB2  H N N 337 
TYR HB3  H N N 338 
TYR HD1  H N N 339 
TYR HD2  H N N 340 
TYR HE1  H N N 341 
TYR HE2  H N N 342 
TYR HH   H N N 343 
TYR HXT  H N N 344 
VAL N    N N N 345 
VAL CA   C N S 346 
VAL C    C N N 347 
VAL O    O N N 348 
VAL CB   C N N 349 
VAL CG1  C N N 350 
VAL CG2  C N N 351 
VAL OXT  O N N 352 
VAL H    H N N 353 
VAL H2   H N N 354 
VAL HA   H N N 355 
VAL HB   H N N 356 
VAL HG11 H N N 357 
VAL HG12 H N N 358 
VAL HG13 H N N 359 
VAL HG21 H N N 360 
VAL HG22 H N N 361 
VAL HG23 H N N 362 
VAL HXT  H N N 363 
# 
loop_
_chem_comp_bond.comp_id 
_chem_comp_bond.atom_id_1 
_chem_comp_bond.atom_id_2 
_chem_comp_bond.value_order 
_chem_comp_bond.pdbx_aromatic_flag 
_chem_comp_bond.pdbx_stereo_config 
_chem_comp_bond.pdbx_ordinal 
ALA N   CA   sing N N 1   
ALA N   H    sing N N 2   
ALA N   H2   sing N N 3   
ALA CA  C    sing N N 4   
ALA CA  CB   sing N N 5   
ALA CA  HA   sing N N 6   
ALA C   O    doub N N 7   
ALA C   OXT  sing N N 8   
ALA CB  HB1  sing N N 9   
ALA CB  HB2  sing N N 10  
ALA CB  HB3  sing N N 11  
ALA OXT HXT  sing N N 12  
ARG N   CA   sing N N 13  
ARG N   H    sing N N 14  
ARG N   H2   sing N N 15  
ARG CA  C    sing N N 16  
ARG CA  CB   sing N N 17  
ARG CA  HA   sing N N 18  
ARG C   O    doub N N 19  
ARG C   OXT  sing N N 20  
ARG CB  CG   sing N N 21  
ARG CB  HB2  sing N N 22  
ARG CB  HB3  sing N N 23  
ARG CG  CD   sing N N 24  
ARG CG  HG2  sing N N 25  
ARG CG  HG3  sing N N 26  
ARG CD  NE   sing N N 27  
ARG CD  HD2  sing N N 28  
ARG CD  HD3  sing N N 29  
ARG NE  CZ   sing N N 30  
ARG NE  HE   sing N N 31  
ARG CZ  NH1  sing N N 32  
ARG CZ  NH2  doub N N 33  
ARG NH1 HH11 sing N N 34  
ARG NH1 HH12 sing N N 35  
ARG NH2 HH21 sing N N 36  
ARG NH2 HH22 sing N N 37  
ARG OXT HXT  sing N N 38  
ASN N   CA   sing N N 39  
ASN N   H    sing N N 40  
ASN N   H2   sing N N 41  
ASN CA  C    sing N N 42  
ASN CA  CB   sing N N 43  
ASN CA  HA   sing N N 44  
ASN C   O    doub N N 45  
ASN C   OXT  sing N N 46  
ASN CB  CG   sing N N 47  
ASN CB  HB2  sing N N 48  
ASN CB  HB3  sing N N 49  
ASN CG  OD1  doub N N 50  
ASN CG  ND2  sing N N 51  
ASN ND2 HD21 sing N N 52  
ASN ND2 HD22 sing N N 53  
ASN OXT HXT  sing N N 54  
ASP N   CA   sing N N 55  
ASP N   H    sing N N 56  
ASP N   H2   sing N N 57  
ASP CA  C    sing N N 58  
ASP CA  CB   sing N N 59  
ASP CA  HA   sing N N 60  
ASP C   O    doub N N 61  
ASP C   OXT  sing N N 62  
ASP CB  CG   sing N N 63  
ASP CB  HB2  sing N N 64  
ASP CB  HB3  sing N N 65  
ASP CG  OD1  doub N N 66  
ASP CG  OD2  sing N N 67  
ASP OD2 HD2  sing N N 68  
ASP OXT HXT  sing N N 69  
CYS N   CA   sing N N 70  
CYS N   H    sing N N 71  
CYS N   H2   sing N N 72  
CYS CA  C    sing N N 73  
CYS CA  CB   sing N N 74  
CYS CA  HA   sing N N 75  
CYS C   O    doub N N 76  
CYS C   OXT  sing N N 77  
CYS CB  SG   sing N N 78  
CYS CB  HB2  sing N N 79  
CYS CB  HB3  sing N N 80  
CYS SG  HG   sing N N 81  
CYS OXT HXT  sing N N 82  
GLN N   CA   sing N N 83  
GLN N   H    sing N N 84  
GLN N   H2   sing N N 85  
GLN CA  C    sing N N 86  
GLN CA  CB   sing N N 87  
GLN CA  HA   sing N N 88  
GLN C   O    doub N N 89  
GLN C   OXT  sing N N 90  
GLN CB  CG   sing N N 91  
GLN CB  HB2  sing N N 92  
GLN CB  HB3  sing N N 93  
GLN CG  CD   sing N N 94  
GLN CG  HG2  sing N N 95  
GLN CG  HG3  sing N N 96  
GLN CD  OE1  doub N N 97  
GLN CD  NE2  sing N N 98  
GLN NE2 HE21 sing N N 99  
GLN NE2 HE22 sing N N 100 
GLN OXT HXT  sing N N 101 
GLU N   CA   sing N N 102 
GLU N   H    sing N N 103 
GLU N   H2   sing N N 104 
GLU CA  C    sing N N 105 
GLU CA  CB   sing N N 106 
GLU CA  HA   sing N N 107 
GLU C   O    doub N N 108 
GLU C   OXT  sing N N 109 
GLU CB  CG   sing N N 110 
GLU CB  HB2  sing N N 111 
GLU CB  HB3  sing N N 112 
GLU CG  CD   sing N N 113 
GLU CG  HG2  sing N N 114 
GLU CG  HG3  sing N N 115 
GLU CD  OE1  doub N N 116 
GLU CD  OE2  sing N N 117 
GLU OE2 HE2  sing N N 118 
GLU OXT HXT  sing N N 119 
GLY N   CA   sing N N 120 
GLY N   H    sing N N 121 
GLY N   H2   sing N N 122 
GLY CA  C    sing N N 123 
GLY CA  HA2  sing N N 124 
GLY CA  HA3  sing N N 125 
GLY C   O    doub N N 126 
GLY C   OXT  sing N N 127 
GLY OXT HXT  sing N N 128 
HIS N   CA   sing N N 129 
HIS N   H    sing N N 130 
HIS N   H2   sing N N 131 
HIS CA  C    sing N N 132 
HIS CA  CB   sing N N 133 
HIS CA  HA   sing N N 134 
HIS C   O    doub N N 135 
HIS C   OXT  sing N N 136 
HIS CB  CG   sing N N 137 
HIS CB  HB2  sing N N 138 
HIS CB  HB3  sing N N 139 
HIS CG  ND1  sing Y N 140 
HIS CG  CD2  doub Y N 141 
HIS ND1 CE1  doub Y N 142 
HIS ND1 HD1  sing N N 143 
HIS CD2 NE2  sing Y N 144 
HIS CD2 HD2  sing N N 145 
HIS CE1 NE2  sing Y N 146 
HIS CE1 HE1  sing N N 147 
HIS NE2 HE2  sing N N 148 
HIS OXT HXT  sing N N 149 
HOH O   H1   sing N N 150 
HOH O   H2   sing N N 151 
ILE N   CA   sing N N 152 
ILE N   H    sing N N 153 
ILE N   H2   sing N N 154 
ILE CA  C    sing N N 155 
ILE CA  CB   sing N N 156 
ILE CA  HA   sing N N 157 
ILE C   O    doub N N 158 
ILE C   OXT  sing N N 159 
ILE CB  CG1  sing N N 160 
ILE CB  CG2  sing N N 161 
ILE CB  HB   sing N N 162 
ILE CG1 CD1  sing N N 163 
ILE CG1 HG12 sing N N 164 
ILE CG1 HG13 sing N N 165 
ILE CG2 HG21 sing N N 166 
ILE CG2 HG22 sing N N 167 
ILE CG2 HG23 sing N N 168 
ILE CD1 HD11 sing N N 169 
ILE CD1 HD12 sing N N 170 
ILE CD1 HD13 sing N N 171 
ILE OXT HXT  sing N N 172 
LEU N   CA   sing N N 173 
LEU N   H    sing N N 174 
LEU N   H2   sing N N 175 
LEU CA  C    sing N N 176 
LEU CA  CB   sing N N 177 
LEU CA  HA   sing N N 178 
LEU C   O    doub N N 179 
LEU C   OXT  sing N N 180 
LEU CB  CG   sing N N 181 
LEU CB  HB2  sing N N 182 
LEU CB  HB3  sing N N 183 
LEU CG  CD1  sing N N 184 
LEU CG  CD2  sing N N 185 
LEU CG  HG   sing N N 186 
LEU CD1 HD11 sing N N 187 
LEU CD1 HD12 sing N N 188 
LEU CD1 HD13 sing N N 189 
LEU CD2 HD21 sing N N 190 
LEU CD2 HD22 sing N N 191 
LEU CD2 HD23 sing N N 192 
LEU OXT HXT  sing N N 193 
LYS N   CA   sing N N 194 
LYS N   H    sing N N 195 
LYS N   H2   sing N N 196 
LYS CA  C    sing N N 197 
LYS CA  CB   sing N N 198 
LYS CA  HA   sing N N 199 
LYS C   O    doub N N 200 
LYS C   OXT  sing N N 201 
LYS CB  CG   sing N N 202 
LYS CB  HB2  sing N N 203 
LYS CB  HB3  sing N N 204 
LYS CG  CD   sing N N 205 
LYS CG  HG2  sing N N 206 
LYS CG  HG3  sing N N 207 
LYS CD  CE   sing N N 208 
LYS CD  HD2  sing N N 209 
LYS CD  HD3  sing N N 210 
LYS CE  NZ   sing N N 211 
LYS CE  HE2  sing N N 212 
LYS CE  HE3  sing N N 213 
LYS NZ  HZ1  sing N N 214 
LYS NZ  HZ2  sing N N 215 
LYS NZ  HZ3  sing N N 216 
LYS OXT HXT  sing N N 217 
MET N   CA   sing N N 218 
MET N   H    sing N N 219 
MET N   H2   sing N N 220 
MET CA  C    sing N N 221 
MET CA  CB   sing N N 222 
MET CA  HA   sing N N 223 
MET C   O    doub N N 224 
MET C   OXT  sing N N 225 
MET CB  CG   sing N N 226 
MET CB  HB2  sing N N 227 
MET CB  HB3  sing N N 228 
MET CG  SD   sing N N 229 
MET CG  HG2  sing N N 230 
MET CG  HG3  sing N N 231 
MET SD  CE   sing N N 232 
MET CE  HE1  sing N N 233 
MET CE  HE2  sing N N 234 
MET CE  HE3  sing N N 235 
MET OXT HXT  sing N N 236 
PHE N   CA   sing N N 237 
PHE N   H    sing N N 238 
PHE N   H2   sing N N 239 
PHE CA  C    sing N N 240 
PHE CA  CB   sing N N 241 
PHE CA  HA   sing N N 242 
PHE C   O    doub N N 243 
PHE C   OXT  sing N N 244 
PHE CB  CG   sing N N 245 
PHE CB  HB2  sing N N 246 
PHE CB  HB3  sing N N 247 
PHE CG  CD1  doub Y N 248 
PHE CG  CD2  sing Y N 249 
PHE CD1 CE1  sing Y N 250 
PHE CD1 HD1  sing N N 251 
PHE CD2 CE2  doub Y N 252 
PHE CD2 HD2  sing N N 253 
PHE CE1 CZ   doub Y N 254 
PHE CE1 HE1  sing N N 255 
PHE CE2 CZ   sing Y N 256 
PHE CE2 HE2  sing N N 257 
PHE CZ  HZ   sing N N 258 
PHE OXT HXT  sing N N 259 
PRO N   CA   sing N N 260 
PRO N   CD   sing N N 261 
PRO N   H    sing N N 262 
PRO CA  C    sing N N 263 
PRO CA  CB   sing N N 264 
PRO CA  HA   sing N N 265 
PRO C   O    doub N N 266 
PRO C   OXT  sing N N 267 
PRO CB  CG   sing N N 268 
PRO CB  HB2  sing N N 269 
PRO CB  HB3  sing N N 270 
PRO CG  CD   sing N N 271 
PRO CG  HG2  sing N N 272 
PRO CG  HG3  sing N N 273 
PRO CD  HD2  sing N N 274 
PRO CD  HD3  sing N N 275 
PRO OXT HXT  sing N N 276 
SER N   CA   sing N N 277 
SER N   H    sing N N 278 
SER N   H2   sing N N 279 
SER CA  C    sing N N 280 
SER CA  CB   sing N N 281 
SER CA  HA   sing N N 282 
SER C   O    doub N N 283 
SER C   OXT  sing N N 284 
SER CB  OG   sing N N 285 
SER CB  HB2  sing N N 286 
SER CB  HB3  sing N N 287 
SER OG  HG   sing N N 288 
SER OXT HXT  sing N N 289 
THR N   CA   sing N N 290 
THR N   H    sing N N 291 
THR N   H2   sing N N 292 
THR CA  C    sing N N 293 
THR CA  CB   sing N N 294 
THR CA  HA   sing N N 295 
THR C   O    doub N N 296 
THR C   OXT  sing N N 297 
THR CB  OG1  sing N N 298 
THR CB  CG2  sing N N 299 
THR CB  HB   sing N N 300 
THR OG1 HG1  sing N N 301 
THR CG2 HG21 sing N N 302 
THR CG2 HG22 sing N N 303 
THR CG2 HG23 sing N N 304 
THR OXT HXT  sing N N 305 
TYR N   CA   sing N N 306 
TYR N   H    sing N N 307 
TYR N   H2   sing N N 308 
TYR CA  C    sing N N 309 
TYR CA  CB   sing N N 310 
TYR CA  HA   sing N N 311 
TYR C   O    doub N N 312 
TYR C   OXT  sing N N 313 
TYR CB  CG   sing N N 314 
TYR CB  HB2  sing N N 315 
TYR CB  HB3  sing N N 316 
TYR CG  CD1  doub Y N 317 
TYR CG  CD2  sing Y N 318 
TYR CD1 CE1  sing Y N 319 
TYR CD1 HD1  sing N N 320 
TYR CD2 CE2  doub Y N 321 
TYR CD2 HD2  sing N N 322 
TYR CE1 CZ   doub Y N 323 
TYR CE1 HE1  sing N N 324 
TYR CE2 CZ   sing Y N 325 
TYR CE2 HE2  sing N N 326 
TYR CZ  OH   sing N N 327 
TYR OH  HH   sing N N 328 
TYR OXT HXT  sing N N 329 
VAL N   CA   sing N N 330 
VAL N   H    sing N N 331 
VAL N   H2   sing N N 332 
VAL CA  C    sing N N 333 
VAL CA  CB   sing N N 334 
VAL CA  HA   sing N N 335 
VAL C   O    doub N N 336 
VAL C   OXT  sing N N 337 
VAL CB  CG1  sing N N 338 
VAL CB  CG2  sing N N 339 
VAL CB  HB   sing N N 340 
VAL CG1 HG11 sing N N 341 
VAL CG1 HG12 sing N N 342 
VAL CG1 HG13 sing N N 343 
VAL CG2 HG21 sing N N 344 
VAL CG2 HG22 sing N N 345 
VAL CG2 HG23 sing N N 346 
VAL OXT HXT  sing N N 347 
# 
_atom_sites.entry_id                    5YM8 
_atom_sites.fract_transf_matrix[1][1]   0.01745803 
_atom_sites.fract_transf_matrix[1][2]   -0.02473319 
_atom_sites.fract_transf_matrix[1][3]   -0.01311167 
_atom_sites.fract_transf_matrix[2][1]   0.00439388 
_atom_sites.fract_transf_matrix[2][2]   0.00745186 
_atom_sites.fract_transf_matrix[2][3]   -0.00820642 
_atom_sites.fract_transf_matrix[3][1]   0.02522862 
_atom_sites.fract_transf_matrix[3][2]   0.00004360 
_atom_sites.fract_transf_matrix[3][3]   0.01354751 
_atom_sites.fract_transf_vector[1]      0.065432 
_atom_sites.fract_transf_vector[2]      -0.005988 
_atom_sites.fract_transf_vector[3]      0.133980 
# 
loop_
_atom_type.symbol 
C 
N 
O 
S 
# 
loop_
_atom_site.group_PDB 
_atom_site.id 
_atom_site.type_symbol 
_atom_site.label_atom_id 
_atom_site.label_alt_id 
_atom_site.label_comp_id 
_atom_site.label_asym_id 
_atom_site.label_entity_id 
_atom_site.label_seq_id 
_atom_site.pdbx_PDB_ins_code 
_atom_site.Cartn_x 
_atom_site.Cartn_y 
_atom_site.Cartn_z 
_atom_site.occupancy 
_atom_site.B_iso_or_equiv 
_atom_site.pdbx_formal_charge 
_atom_site.auth_seq_id 
_atom_site.auth_comp_id 
_atom_site.auth_asym_id 
_atom_site.auth_atom_id 
_atom_site.pdbx_PDB_model_num 
ATOM   1    N N   . ASN A 1 1   ? -10.550 8.423   -11.493 1.00 50.20 ? 8   ASN A N   1 
ATOM   2    C CA  . ASN A 1 1   ? -9.905  8.936   -10.291 1.00 38.08 ? 8   ASN A CA  1 
ATOM   3    C C   . ASN A 1 1   ? -8.551  8.266   -10.052 1.00 36.39 ? 8   ASN A C   1 
ATOM   4    O O   . ASN A 1 1   ? -8.279  7.183   -10.578 1.00 41.06 ? 8   ASN A O   1 
ATOM   5    C CB  . ASN A 1 1   ? -10.812 8.735   -9.075  1.00 29.59 ? 8   ASN A CB  1 
ATOM   6    C CG  . ASN A 1 1   ? -10.927 9.981   -8.221  1.00 56.26 ? 8   ASN A CG  1 
ATOM   7    O OD1 . ASN A 1 1   ? -11.709 10.885  -8.522  1.00 61.08 ? 8   ASN A OD1 1 
ATOM   8    N ND2 . ASN A 1 1   ? -10.144 10.039  -7.151  1.00 60.01 ? 8   ASN A ND2 1 
ATOM   9    N N   . VAL A 1 2   ? -7.703  8.919   -9.264  1.00 20.65 ? 9   VAL A N   1 
ATOM   10   C CA  . VAL A 1 2   ? -6.395  8.375   -8.921  1.00 17.11 ? 9   VAL A CA  1 
ATOM   11   C C   . VAL A 1 2   ? -6.350  8.052   -7.430  1.00 16.30 ? 9   VAL A C   1 
ATOM   12   O O   . VAL A 1 2   ? -6.694  8.882   -6.605  1.00 20.51 ? 9   VAL A O   1 
ATOM   13   C CB  . VAL A 1 2   ? -5.261  9.355   -9.275  1.00 17.16 ? 9   VAL A CB  1 
ATOM   14   C CG1 . VAL A 1 2   ? -3.946  8.876   -8.692  1.00 18.74 ? 9   VAL A CG1 1 
ATOM   15   C CG2 . VAL A 1 2   ? -5.157  9.530   -10.799 1.00 18.06 ? 9   VAL A CG2 1 
ATOM   16   N N   . PHE A 1 3   ? -5.934  6.834   -7.095  1.00 13.92 ? 10  PHE A N   1 
ATOM   17   C CA  . PHE A 1 3   ? -5.811  6.419   -5.704  1.00 14.74 ? 10  PHE A CA  1 
ATOM   18   C C   . PHE A 1 3   ? -4.341  6.298   -5.331  1.00 17.87 ? 10  PHE A C   1 
ATOM   19   O O   . PHE A 1 3   ? -3.559  5.714   -6.082  1.00 17.17 ? 10  PHE A O   1 
ATOM   20   C CB  . PHE A 1 3   ? -6.539  5.091   -5.488  1.00 16.58 ? 10  PHE A CB  1 
ATOM   21   C CG  . PHE A 1 3   ? -6.202  4.413   -4.193  1.00 22.90 ? 10  PHE A CG  1 
ATOM   22   C CD1 . PHE A 1 3   ? -6.780  4.831   -3.007  1.00 31.20 ? 10  PHE A CD1 1 
ATOM   23   C CD2 . PHE A 1 3   ? -5.311  3.351   -4.163  1.00 20.02 ? 10  PHE A CD2 1 
ATOM   24   C CE1 . PHE A 1 3   ? -6.477  4.202   -1.805  1.00 32.76 ? 10  PHE A CE1 1 
ATOM   25   C CE2 . PHE A 1 3   ? -4.997  2.721   -2.967  1.00 25.42 ? 10  PHE A CE2 1 
ATOM   26   C CZ  . PHE A 1 3   ? -5.590  3.142   -1.786  1.00 22.59 ? 10  PHE A CZ  1 
ATOM   27   N N   . THR A 1 4   ? -3.980  6.841   -4.167  1.00 13.78 ? 11  THR A N   1 
ATOM   28   C CA  . THR A 1 4   ? -2.603  6.841   -3.669  1.00 10.72 ? 11  THR A CA  1 
ATOM   29   C C   . THR A 1 4   ? -2.423  5.953   -2.412  1.00 16.91 ? 11  THR A C   1 
ATOM   30   O O   . THR A 1 4   ? -3.229  5.986   -1.488  1.00 12.52 ? 11  THR A O   1 
ATOM   31   C CB  . THR A 1 4   ? -2.144  8.304   -3.331  1.00 18.45 ? 11  THR A CB  1 
ATOM   32   O OG1 . THR A 1 4   ? -2.367  9.159   -4.460  1.00 18.43 ? 11  THR A OG1 1 
ATOM   33   C CG2 . THR A 1 4   ? -0.675  8.353   -2.945  1.00 12.26 ? 11  THR A CG2 1 
ATOM   34   N N   . ALA A 1 5   ? -1.364  5.157   -2.387  1.00 7.10  ? 12  ALA A N   1 
ATOM   35   C CA  . ALA A 1 5   ? -0.932  4.494   -1.161  1.00 9.10  ? 12  ALA A CA  1 
ATOM   36   C C   . ALA A 1 5   ? 0.566   4.362   -1.242  1.00 8.95  ? 12  ALA A C   1 
ATOM   37   O O   . ALA A 1 5   ? 1.226   5.189   -1.861  1.00 8.20  ? 12  ALA A O   1 
ATOM   38   C CB  . ALA A 1 5   ? -1.586  3.130   -0.984  1.00 7.55  ? 12  ALA A CB  1 
ATOM   39   N N   . GLN A 1 6   ? 1.101   3.328   -0.611  1.00 5.63  ? 13  GLN A N   1 
ATOM   40   C CA  . GLN A 1 6   ? 2.521   3.060   -0.701  1.00 9.28  ? 13  GLN A CA  1 
ATOM   41   C C   . GLN A 1 6   ? 2.751   1.624   -1.183  1.00 11.15 ? 13  GLN A C   1 
ATOM   42   O O   . GLN A 1 6   ? 1.824   0.815   -1.204  1.00 8.56  ? 13  GLN A O   1 
ATOM   43   C CB  . GLN A 1 6   ? 3.198   3.307   0.649   1.00 9.44  ? 13  GLN A CB  1 
ATOM   44   C CG  . GLN A 1 6   ? 3.256   4.801   1.001   1.00 11.96 ? 13  GLN A CG  1 
ATOM   45   C CD  . GLN A 1 6   ? 3.947   5.077   2.325   1.00 12.16 ? 13  GLN A CD  1 
ATOM   46   O OE1 . GLN A 1 6   ? 3.687   4.416   3.312   1.00 12.13 ? 13  GLN A OE1 1 
ATOM   47   N NE2 . GLN A 1 6   ? 4.835   6.060   2.342   1.00 6.94  ? 13  GLN A NE2 1 
ATOM   48   N N   . ASN A 1 7   ? 3.977   1.342   -1.606  1.00 6.51  ? 14  ASN A N   1 
ATOM   49   C CA  . ASN A 1 7   ? 4.382   -0.004  -2.036  1.00 9.48  ? 14  ASN A CA  1 
ATOM   50   C C   . ASN A 1 7   ? 5.892   -0.128  -1.881  1.00 9.66  ? 14  ASN A C   1 
ATOM   51   O O   . ASN A 1 7   ? 6.575   0.844   -1.556  1.00 14.25 ? 14  ASN A O   1 
ATOM   52   C CB  . ASN A 1 7   ? 3.959   -0.279  -3.487  1.00 10.10 ? 14  ASN A CB  1 
ATOM   53   C CG  . ASN A 1 7   ? 2.506   -0.754  -3.609  1.00 16.34 ? 14  ASN A CG  1 
ATOM   54   O OD1 . ASN A 1 7   ? 1.654   -0.030  -4.117  1.00 10.48 ? 14  ASN A OD1 1 
ATOM   55   N ND2 . ASN A 1 7   ? 2.223   -1.972  -3.133  1.00 7.05  ? 14  ASN A ND2 1 
ATOM   56   N N   . THR A 1 8   ? 6.417   -1.322  -2.102  1.00 6.56  ? 15  THR A N   1 
ATOM   57   C CA  . THR A 1 8   ? 7.838   -1.558  -1.940  1.00 12.85 ? 15  THR A CA  1 
ATOM   58   C C   . THR A 1 8   ? 8.509   -1.729  -3.280  1.00 12.56 ? 15  THR A C   1 
ATOM   59   O O   . THR A 1 8   ? 8.080   -2.558  -4.063  1.00 10.62 ? 15  THR A O   1 
ATOM   60   C CB  . THR A 1 8   ? 8.097   -2.826  -1.077  1.00 17.49 ? 15  THR A CB  1 
ATOM   61   O OG1 . THR A 1 8   ? 7.602   -2.615  0.253   1.00 19.21 ? 15  THR A OG1 1 
ATOM   62   C CG2 . THR A 1 8   ? 9.588   -3.148  -1.035  1.00 22.23 ? 15  THR A CG2 1 
ATOM   63   N N   . ALA A 1 9   ? 9.571   -0.970  -3.526  1.00 13.13 ? 16  ALA A N   1 
ATOM   64   C CA  . ALA A 1 9   ? 10.369  -1.153  -4.725  1.00 6.52  ? 16  ALA A CA  1 
ATOM   65   C C   . ALA A 1 9   ? 11.788  -1.592  -4.451  1.00 11.62 ? 16  ALA A C   1 
ATOM   66   O O   . ALA A 1 9   ? 12.329  -1.471  -3.313  1.00 11.39 ? 16  ALA A O   1 
ATOM   67   C CB  . ALA A 1 9   ? 10.398  0.145   -5.527  1.00 9.28  ? 16  ALA A CB  1 
ATOM   68   N N   . GLN A 1 10  ? 12.399  -2.017  -5.556  1.00 14.45 ? 17  GLN A N   1 
ATOM   69   C CA  . GLN A 1 10  ? 13.776  -2.547  -5.579  1.00 17.24 ? 17  GLN A CA  1 
ATOM   70   C C   . GLN A 1 10  ? 14.717  -1.774  -6.505  1.00 15.64 ? 17  GLN A C   1 
ATOM   71   O O   . GLN A 1 10  ? 14.323  -1.456  -7.616  1.00 11.27 ? 17  GLN A O   1 
ATOM   72   C CB  . GLN A 1 10  ? 13.771  -4.030  -6.026  1.00 14.30 ? 17  GLN A CB  1 
ATOM   73   C CG  . GLN A 1 10  ? 12.457  -4.260  -6.770  1.00 35.03 ? 17  GLN A CG  1 
ATOM   74   C CD  . GLN A 1 10  ? 11.467  -5.017  -5.978  1.00 32.89 ? 17  GLN A CD  1 
ATOM   75   O OE1 . GLN A 1 10  ? 11.904  -5.845  -5.152  1.00 53.13 ? 17  GLN A OE1 1 
ATOM   76   N NE2 . GLN A 1 10  ? 10.146  -4.717  -6.134  1.00 33.36 ? 17  GLN A NE2 1 
ATOM   77   N N   . ASP A 1 11  ? 15.981  -1.576  -6.123  1.00 14.93 ? 18  ASP A N   1 
ATOM   78   C CA  . ASP A 1 11  ? 16.973  -1.089  -7.072  1.00 15.99 ? 18  ASP A CA  1 
ATOM   79   C C   . ASP A 1 11  ? 17.552  -2.298  -7.773  1.00 20.29 ? 18  ASP A C   1 
ATOM   80   O O   . ASP A 1 11  ? 17.063  -3.415  -7.605  1.00 18.48 ? 18  ASP A O   1 
ATOM   81   C CB  . ASP A 1 11  ? 18.068  -0.243  -6.388  1.00 21.20 ? 18  ASP A CB  1 
ATOM   82   C CG  . ASP A 1 11  ? 18.874  -1.000  -5.346  1.00 22.62 ? 18  ASP A CG  1 
ATOM   83   O OD1 . ASP A 1 11  ? 18.804  -2.242  -5.279  1.00 27.18 ? 18  ASP A OD1 1 
ATOM   84   O OD2 . ASP A 1 11  ? 19.597  -0.316  -4.588  1.00 34.10 ? 18  ASP A OD2 1 
ATOM   85   N N   . PHE A 1 12  ? 18.591  -2.073  -8.561  1.00 28.03 ? 19  PHE A N   1 
ATOM   86   C CA  . PHE A 1 12  ? 19.199  -3.158  -9.322  1.00 27.51 ? 19  PHE A CA  1 
ATOM   87   C C   . PHE A 1 12  ? 19.750  -4.230  -8.396  1.00 30.23 ? 19  PHE A C   1 
ATOM   88   O O   . PHE A 1 12  ? 19.591  -5.419  -8.651  1.00 36.47 ? 19  PHE A O   1 
ATOM   89   C CB  . PHE A 1 12  ? 20.312  -2.632  -10.227 1.00 40.69 ? 19  PHE A CB  1 
ATOM   90   C CG  . PHE A 1 12  ? 20.796  -3.637  -11.235 1.00 49.99 ? 19  PHE A CG  1 
ATOM   91   C CD1 . PHE A 1 12  ? 19.937  -4.598  -11.747 1.00 53.42 ? 19  PHE A CD1 1 
ATOM   92   C CD2 . PHE A 1 12  ? 22.117  -3.631  -11.660 1.00 62.22 ? 19  PHE A CD2 1 
ATOM   93   C CE1 . PHE A 1 12  ? 20.384  -5.530  -12.680 1.00 50.26 ? 19  PHE A CE1 1 
ATOM   94   C CE2 . PHE A 1 12  ? 22.570  -4.559  -12.590 1.00 66.86 ? 19  PHE A CE2 1 
ATOM   95   C CZ  . PHE A 1 12  ? 21.702  -5.510  -13.100 1.00 54.06 ? 19  PHE A CZ  1 
ATOM   96   N N   . ASN A 1 13  ? 20.379  -3.803  -7.305  1.00 29.83 ? 20  ASN A N   1 
ATOM   97   C CA  . ASN A 1 13  ? 20.985  -4.736  -6.360  1.00 31.79 ? 20  ASN A CA  1 
ATOM   98   C C   . ASN A 1 13  ? 19.946  -5.514  -5.568  1.00 37.05 ? 20  ASN A C   1 
ATOM   99   O O   . ASN A 1 13  ? 20.246  -6.564  -5.001  1.00 36.62 ? 20  ASN A O   1 
ATOM   100  C CB  . ASN A 1 13  ? 21.916  -3.996  -5.401  1.00 33.91 ? 20  ASN A CB  1 
ATOM   101  C CG  . ASN A 1 13  ? 23.209  -3.574  -6.059  1.00 52.41 ? 20  ASN A CG  1 
ATOM   102  O OD1 . ASN A 1 13  ? 23.423  -3.823  -7.246  1.00 49.02 ? 20  ASN A OD1 1 
ATOM   103  N ND2 . ASN A 1 13  ? 24.080  -2.929  -5.292  1.00 64.01 ? 20  ASN A ND2 1 
ATOM   104  N N   . GLY A 1 14  ? 18.725  -4.994  -5.529  1.00 27.26 ? 21  GLY A N   1 
ATOM   105  C CA  . GLY A 1 14  ? 17.641  -5.668  -4.843  1.00 27.60 ? 21  GLY A CA  1 
ATOM   106  C C   . GLY A 1 14  ? 17.315  -5.053  -3.497  1.00 20.37 ? 21  GLY A C   1 
ATOM   107  O O   . GLY A 1 14  ? 16.486  -5.578  -2.755  1.00 25.28 ? 21  GLY A O   1 
ATOM   108  N N   . ASN A 1 15  ? 17.979  -3.949  -3.175  1.00 23.75 ? 22  ASN A N   1 
ATOM   109  C CA  . ASN A 1 15  ? 17.701  -3.236  -1.937  1.00 24.02 ? 22  ASN A CA  1 
ATOM   110  C C   . ASN A 1 15  ? 16.322  -2.607  -2.002  1.00 25.54 ? 22  ASN A C   1 
ATOM   111  O O   . ASN A 1 15  ? 16.002  -1.918  -2.967  1.00 17.77 ? 22  ASN A O   1 
ATOM   112  C CB  . ASN A 1 15  ? 18.747  -2.155  -1.676  1.00 32.48 ? 22  ASN A CB  1 
ATOM   113  C CG  . ASN A 1 15  ? 20.162  -2.663  -1.843  1.00 34.04 ? 22  ASN A CG  1 
ATOM   114  O OD1 . ASN A 1 15  ? 20.517  -3.714  -1.318  1.00 41.60 ? 22  ASN A OD1 1 
ATOM   115  N ND2 . ASN A 1 15  ? 20.972  -1.925  -2.595  1.00 40.04 ? 22  ASN A ND2 1 
ATOM   116  N N   . GLU A 1 16  ? 15.524  -2.828  -0.964  1.00 21.14 ? 23  GLU A N   1 
ATOM   117  C CA  . GLU A 1 16  ? 14.140  -2.392  -0.963  1.00 17.93 ? 23  GLU A CA  1 
ATOM   118  C C   . GLU A 1 16  ? 13.954  -1.012  -0.348  1.00 26.13 ? 23  GLU A C   1 
ATOM   119  O O   . GLU A 1 16  ? 14.734  -0.586  0.495   1.00 19.36 ? 23  GLU A O   1 
ATOM   120  C CB  . GLU A 1 16  ? 13.277  -3.407  -0.221  1.00 18.58 ? 23  GLU A CB  1 
ATOM   121  C CG  . GLU A 1 16  ? 13.239  -4.778  -0.885  1.00 33.42 ? 23  GLU A CG  1 
ATOM   122  C CD  . GLU A 1 16  ? 12.169  -5.676  -0.295  1.00 37.54 ? 23  GLU A CD  1 
ATOM   123  O OE1 . GLU A 1 16  ? 12.064  -5.733  0.947   1.00 45.70 ? 23  GLU A OE1 1 
ATOM   124  O OE2 . GLU A 1 16  ? 11.426  -6.313  -1.073  1.00 51.36 ? 23  GLU A OE2 1 
ATOM   125  N N   . SER A 1 17  ? 12.910  -0.314  -0.782  1.00 16.04 ? 24  SER A N   1 
ATOM   126  C CA  . SER A 1 17  ? 12.531  0.944   -0.163  1.00 16.91 ? 24  SER A CA  1 
ATOM   127  C C   . SER A 1 17  ? 11.056  1.207   -0.392  1.00 16.57 ? 24  SER A C   1 
ATOM   128  O O   . SER A 1 17  ? 10.467  0.744   -1.371  1.00 11.92 ? 24  SER A O   1 
ATOM   129  C CB  . SER A 1 17  ? 13.374  2.106   -0.699  1.00 21.78 ? 24  SER A CB  1 
ATOM   130  O OG  . SER A 1 17  ? 13.266  2.225   -2.102  1.00 27.95 ? 24  SER A OG  1 
ATOM   131  N N   . THR A 1 18  ? 10.460  1.952   0.528   1.00 11.51 ? 25  THR A N   1 
ATOM   132  C CA  . THR A 1 18  ? 9.048   2.247   0.465   1.00 14.71 ? 25  THR A CA  1 
ATOM   133  C C   . THR A 1 18  ? 8.816   3.462   -0.435  1.00 18.89 ? 25  THR A C   1 
ATOM   134  O O   . THR A 1 18  ? 9.504   4.486   -0.329  1.00 8.90  ? 25  THR A O   1 
ATOM   135  C CB  . THR A 1 18  ? 8.464   2.492   1.873   1.00 18.56 ? 25  THR A CB  1 
ATOM   136  O OG1 . THR A 1 18  ? 8.675   1.325   2.684   1.00 14.38 ? 25  THR A OG1 1 
ATOM   137  C CG2 . THR A 1 18  ? 6.974   2.745   1.783   1.00 11.28 ? 25  THR A CG2 1 
ATOM   138  N N   . VAL A 1 19  ? 7.856   3.328   -1.342  1.00 10.82 ? 26  VAL A N   1 
ATOM   139  C CA  . VAL A 1 19  ? 7.581   4.377   -2.321  1.00 6.52  ? 26  VAL A CA  1 
ATOM   140  C C   . VAL A 1 19  ? 6.098   4.719   -2.279  1.00 9.29  ? 26  VAL A C   1 
ATOM   141  O O   . VAL A 1 19  ? 5.297   3.900   -1.814  1.00 9.97  ? 26  VAL A O   1 
ATOM   142  C CB  . VAL A 1 19  ? 7.971   3.946   -3.753  1.00 8.61  ? 26  VAL A CB  1 
ATOM   143  C CG1 . VAL A 1 19  ? 9.440   3.502   -3.809  1.00 10.98 ? 26  VAL A CG1 1 
ATOM   144  C CG2 . VAL A 1 19  ? 7.046   2.812   -4.244  1.00 6.92  ? 26  VAL A CG2 1 
ATOM   145  N N   . LYS A 1 20  ? 5.742   5.925   -2.734  1.00 6.92  ? 27  LYS A N   1 
ATOM   146  C CA  . LYS A 1 20  ? 4.343   6.274   -2.932  1.00 11.66 ? 27  LYS A CA  1 
ATOM   147  C C   . LYS A 1 20  ? 3.884   5.680   -4.261  1.00 14.53 ? 27  LYS A C   1 
ATOM   148  O O   . LYS A 1 20  ? 4.622   5.689   -5.258  1.00 8.75  ? 27  LYS A O   1 
ATOM   149  C CB  . LYS A 1 20  ? 4.117   7.801   -2.923  1.00 7.06  ? 27  LYS A CB  1 
ATOM   150  C CG  . LYS A 1 20  ? 3.352   8.330   -1.703  1.00 21.85 ? 27  LYS A CG  1 
ATOM   151  C CD  . LYS A 1 20  ? 3.593   9.852   -1.429  1.00 24.29 ? 27  LYS A CD  1 
ATOM   152  C CE  . LYS A 1 20  ? 2.635   10.809  -2.186  1.00 29.59 ? 27  LYS A CE  1 
ATOM   153  N NZ  . LYS A 1 20  ? 2.333   12.092  -1.390  1.00 17.48 ? 27  LYS A NZ  1 
ATOM   154  N N   . SER A 1 21  ? 2.664   5.164   -4.276  1.00 8.50  ? 28  SER A N   1 
ATOM   155  C CA  . SER A 1 21  ? 2.165   4.445   -5.438  1.00 6.50  ? 28  SER A CA  1 
ATOM   156  C C   . SER A 1 21  ? 0.835   5.025   -5.901  1.00 8.66  ? 28  SER A C   1 
ATOM   157  O O   . SER A 1 21  ? -0.022  5.401   -5.080  1.00 8.06  ? 28  SER A O   1 
ATOM   158  C CB  . SER A 1 21  ? 2.019   2.960   -5.092  1.00 10.78 ? 28  SER A CB  1 
ATOM   159  O OG  . SER A 1 21  ? 1.264   2.795   -3.903  1.00 11.03 ? 28  SER A OG  1 
ATOM   160  N N   . PHE A 1 22  ? 0.654   5.097   -7.216  1.00 8.92  ? 29  PHE A N   1 
ATOM   161  C CA  . PHE A 1 22  ? -0.502  5.775   -7.815  1.00 13.82 ? 29  PHE A CA  1 
ATOM   162  C C   . PHE A 1 22  ? -1.252  4.808   -8.736  1.00 9.80  ? 29  PHE A C   1 
ATOM   163  O O   . PHE A 1 22  ? -0.682  4.258   -9.688  1.00 14.24 ? 29  PHE A O   1 
ATOM   164  C CB  . PHE A 1 22  ? -0.066  7.043   -8.587  1.00 10.05 ? 29  PHE A CB  1 
ATOM   165  C CG  . PHE A 1 22  ? 0.673   8.034   -7.747  1.00 12.82 ? 29  PHE A CG  1 
ATOM   166  C CD1 . PHE A 1 22  ? 2.025   7.868   -7.490  1.00 12.44 ? 29  PHE A CD1 1 
ATOM   167  C CD2 . PHE A 1 22  ? 0.011   9.109   -7.166  1.00 8.47  ? 29  PHE A CD2 1 
ATOM   168  C CE1 . PHE A 1 22  ? 2.709   8.772   -6.691  1.00 18.52 ? 29  PHE A CE1 1 
ATOM   169  C CE2 . PHE A 1 22  ? 0.686   10.003  -6.366  1.00 14.38 ? 29  PHE A CE2 1 
ATOM   170  C CZ  . PHE A 1 22  ? 2.036   9.834   -6.123  1.00 14.88 ? 29  PHE A CZ  1 
ATOM   171  N N   . TYR A 1 23  ? -2.529  4.607   -8.435  1.00 6.64  ? 30  TYR A N   1 
ATOM   172  C CA  . TYR A 1 23  ? -3.381  3.640   -9.118  1.00 8.48  ? 30  TYR A CA  1 
ATOM   173  C C   . TYR A 1 23  ? -4.536  4.329   -9.823  1.00 14.34 ? 30  TYR A C   1 
ATOM   174  O O   . TYR A 1 23  ? -5.027  5.344   -9.347  1.00 13.92 ? 30  TYR A O   1 
ATOM   175  C CB  . TYR A 1 23  ? -3.975  2.625   -8.122  1.00 13.72 ? 30  TYR A CB  1 
ATOM   176  C CG  . TYR A 1 23  ? -2.999  1.689   -7.460  1.00 7.99  ? 30  TYR A CG  1 
ATOM   177  C CD1 . TYR A 1 23  ? -2.189  2.122   -6.413  1.00 9.80  ? 30  TYR A CD1 1 
ATOM   178  C CD2 . TYR A 1 23  ? -2.897  0.366   -7.871  1.00 8.88  ? 30  TYR A CD2 1 
ATOM   179  C CE1 . TYR A 1 23  ? -1.299  1.257   -5.790  1.00 9.63  ? 30  TYR A CE1 1 
ATOM   180  C CE2 . TYR A 1 23  ? -2.013  -0.503  -7.260  1.00 18.12 ? 30  TYR A CE2 1 
ATOM   181  C CZ  . TYR A 1 23  ? -1.225  -0.051  -6.215  1.00 12.60 ? 30  TYR A CZ  1 
ATOM   182  O OH  . TYR A 1 23  ? -0.354  -0.908  -5.612  1.00 11.86 ? 30  TYR A OH  1 
ATOM   183  N N   . VAL A 1 24  ? -4.992  3.763   -10.938 1.00 12.36 ? 31  VAL A N   1 
ATOM   184  C CA  . VAL A 1 24  ? -6.284  4.157   -11.493 1.00 20.83 ? 31  VAL A CA  1 
ATOM   185  C C   . VAL A 1 24  ? -7.242  2.965   -11.448 1.00 21.05 ? 31  VAL A C   1 
ATOM   186  O O   . VAL A 1 24  ? -6.831  1.833   -11.203 1.00 19.19 ? 31  VAL A O   1 
ATOM   187  C CB  . VAL A 1 24  ? -6.167  4.674   -12.948 1.00 18.79 ? 31  VAL A CB  1 
ATOM   188  C CG1 . VAL A 1 24  ? -5.357  5.966   -12.991 1.00 18.91 ? 31  VAL A CG1 1 
ATOM   189  C CG2 . VAL A 1 24  ? -5.554  3.613   -13.840 1.00 22.51 ? 31  VAL A CG2 1 
ATOM   190  N N   . THR A 1 25  ? -8.522  3.215   -11.676 1.00 27.67 ? 32  THR A N   1 
ATOM   191  C CA  . THR A 1 25  ? -9.487  2.128   -11.704 1.00 29.84 ? 32  THR A CA  1 
ATOM   192  C C   . THR A 1 25  ? -10.127 1.979   -13.083 1.00 36.62 ? 32  THR A C   1 
ATOM   193  O O   . THR A 1 25  ? -10.893 2.839   -13.516 1.00 38.06 ? 32  THR A O   1 
ATOM   194  C CB  . THR A 1 25  ? -10.592 2.330   -10.646 1.00 41.66 ? 32  THR A CB  1 
ATOM   195  O OG1 . THR A 1 25  ? -9.993  2.568   -9.368  1.00 30.65 ? 32  THR A OG1 1 
ATOM   196  C CG2 . THR A 1 25  ? -11.475 1.094   -10.562 1.00 45.85 ? 32  THR A CG2 1 
ATOM   197  N N   . ARG A 1 26  ? -9.814  0.879   -13.762 1.00 36.12 ? 33  ARG A N   1 
ATOM   198  C CA  . ARG A 1 26  ? -10.413 0.583   -15.059 1.00 53.23 ? 33  ARG A CA  1 
ATOM   199  C C   . ARG A 1 26  ? -11.041 -0.808  -15.076 1.00 59.21 ? 33  ARG A C   1 
ATOM   200  O O   . ARG A 1 26  ? -10.363 -1.809  -14.824 1.00 56.59 ? 33  ARG A O   1 
ATOM   201  C CB  . ARG A 1 26  ? -9.373  0.696   -16.175 1.00 54.06 ? 33  ARG A CB  1 
ATOM   202  C CG  . ARG A 1 26  ? -9.903  0.324   -17.556 1.00 66.92 ? 33  ARG A CG  1 
ATOM   203  C CD  . ARG A 1 26  ? -10.983 1.292   -18.025 1.00 80.54 ? 33  ARG A CD  1 
ATOM   204  N NE  . ARG A 1 26  ? -11.502 0.940   -19.346 1.00 72.11 ? 33  ARG A NE  1 
ATOM   205  C CZ  . ARG A 1 26  ? -12.509 0.096   -19.557 1.00 74.29 ? 33  ARG A CZ  1 
ATOM   206  N NH1 . ARG A 1 26  ? -13.124 -0.479  -18.532 1.00 77.51 ? 33  ARG A NH1 1 
ATOM   207  N NH2 . ARG A 1 26  ? -12.910 -0.163  -20.793 1.00 73.99 ? 33  ARG A NH2 1 
ATOM   208  N N   . THR A 1 27  ? -12.335 -0.853  -15.388 1.00 69.03 ? 34  THR A N   1 
ATOM   209  C CA  . THR A 1 27  ? -13.112 -2.092  -15.410 1.00 63.54 ? 34  THR A CA  1 
ATOM   210  C C   . THR A 1 27  ? -13.049 -2.802  -14.065 1.00 61.20 ? 34  THR A C   1 
ATOM   211  O O   . THR A 1 27  ? -12.833 -4.014  -14.002 1.00 67.08 ? 34  THR A O   1 
ATOM   212  C CB  . THR A 1 27  ? -12.628 -3.015  -16.526 1.00 67.33 ? 34  THR A CB  1 
ATOM   213  N N   . GLY A 1 28  ? -13.225 -2.038  -12.990 1.00 60.23 ? 35  GLY A N   1 
ATOM   214  C CA  . GLY A 1 28  ? -13.214 -2.590  -11.647 1.00 57.30 ? 35  GLY A CA  1 
ATOM   215  C C   . GLY A 1 28  ? -11.826 -2.825  -11.078 1.00 49.80 ? 35  GLY A C   1 
ATOM   216  O O   . GLY A 1 28  ? -11.621 -2.713  -9.872  1.00 55.61 ? 35  GLY A O   1 
ATOM   217  N N   . LYS A 1 29  ? -10.870 -3.146  -11.947 1.00 54.39 ? 36  LYS A N   1 
ATOM   218  C CA  . LYS A 1 29  ? -9.515  -3.479  -11.517 1.00 47.27 ? 36  LYS A CA  1 
ATOM   219  C C   . LYS A 1 29  ? -8.695  -2.242  -11.127 1.00 49.40 ? 36  LYS A C   1 
ATOM   220  O O   . LYS A 1 29  ? -8.870  -1.154  -11.679 1.00 35.88 ? 36  LYS A O   1 
ATOM   221  C CB  . LYS A 1 29  ? -8.801  -4.261  -12.610 1.00 49.53 ? 36  LYS A CB  1 
ATOM   222  N N   . LYS A 1 30  ? -7.797  -2.418  -10.164 1.00 44.29 ? 37  LYS A N   1 
ATOM   223  C CA  . LYS A 1 30  ? -6.907  -1.342  -9.759  1.00 36.51 ? 37  LYS A CA  1 
ATOM   224  C C   . LYS A 1 30  ? -5.550  -1.521  -10.428 1.00 31.92 ? 37  LYS A C   1 
ATOM   225  O O   . LYS A 1 30  ? -4.850  -2.502  -10.184 1.00 27.92 ? 37  LYS A O   1 
ATOM   226  C CB  . LYS A 1 30  ? -6.764  -1.308  -8.253  1.00 39.21 ? 37  LYS A CB  1 
ATOM   227  N N   . ILE A 1 31  ? -5.194  -0.564  -11.279 1.00 17.44 ? 38  ILE A N   1 
ATOM   228  C CA  . ILE A 1 31  ? -3.967  -0.639  -12.073 1.00 19.75 ? 38  ILE A CA  1 
ATOM   229  C C   . ILE A 1 31  ? -2.897  0.256   -11.468 1.00 14.63 ? 38  ILE A C   1 
ATOM   230  O O   . ILE A 1 31  ? -3.107  1.456   -11.318 1.00 13.05 ? 38  ILE A O   1 
ATOM   231  C CB  . ILE A 1 31  ? -4.228  -0.211  -13.531 1.00 20.34 ? 38  ILE A CB  1 
ATOM   232  C CG1 . ILE A 1 31  ? -5.422  -0.980  -14.099 1.00 28.66 ? 38  ILE A CG1 1 
ATOM   233  C CG2 . ILE A 1 31  ? -2.993  -0.401  -14.388 1.00 21.11 ? 38  ILE A CG2 1 
ATOM   234  C CD1 . ILE A 1 31  ? -6.011  -0.357  -15.349 1.00 32.21 ? 38  ILE A CD1 1 
ATOM   235  N N   . LEU A 1 32  ? -1.763  -0.327  -11.093 1.00 14.63 ? 39  LEU A N   1 
ATOM   236  C CA  . LEU A 1 32  ? -0.625  0.464   -10.641 1.00 11.94 ? 39  LEU A CA  1 
ATOM   237  C C   . LEU A 1 32  ? -0.017  1.176   -11.845 1.00 14.34 ? 39  LEU A C   1 
ATOM   238  O O   . LEU A 1 32  ? 0.420   0.517   -12.798 1.00 7.30  ? 39  LEU A O   1 
ATOM   239  C CB  . LEU A 1 32  ? 0.421   -0.423  -9.956  1.00 12.97 ? 39  LEU A CB  1 
ATOM   240  C CG  . LEU A 1 32  ? 1.700   0.315   -9.590  1.00 14.02 ? 39  LEU A CG  1 
ATOM   241  C CD1 . LEU A 1 32  ? 1.354   1.450   -8.632  1.00 10.17 ? 39  LEU A CD1 1 
ATOM   242  C CD2 . LEU A 1 32  ? 2.702   -0.620  -8.959  1.00 9.77  ? 39  LEU A CD2 1 
ATOM   243  N N   . VAL A 1 33  ? -0.012  2.510   -11.816 1.00 9.85  ? 40  VAL A N   1 
ATOM   244  C CA  . VAL A 1 33  ? 0.433   3.290   -12.964 1.00 7.67  ? 40  VAL A CA  1 
ATOM   245  C C   . VAL A 1 33  ? 1.805   3.918   -12.743 1.00 11.27 ? 40  VAL A C   1 
ATOM   246  O O   . VAL A 1 33  ? 2.625   3.957   -13.656 1.00 9.01  ? 40  VAL A O   1 
ATOM   247  C CB  . VAL A 1 33  ? -0.593  4.398   -13.316 1.00 13.51 ? 40  VAL A CB  1 
ATOM   248  C CG1 . VAL A 1 33  ? -0.068  5.316   -14.441 1.00 11.33 ? 40  VAL A CG1 1 
ATOM   249  C CG2 . VAL A 1 33  ? -1.906  3.765   -13.713 1.00 9.94  ? 40  VAL A CG2 1 
ATOM   250  N N   . ALA A 1 34  ? 2.069   4.412   -11.540 1.00 6.96  ? 41  ALA A N   1 
ATOM   251  C CA  . ALA A 1 34  ? 3.331   5.099   -11.287 1.00 8.11  ? 41  ALA A CA  1 
ATOM   252  C C   . ALA A 1 34  ? 3.739   4.973   -9.830  1.00 12.40 ? 41  ALA A C   1 
ATOM   253  O O   . ALA A 1 34  ? 2.917   4.656   -8.980  1.00 5.93  ? 41  ALA A O   1 
ATOM   254  C CB  . ALA A 1 34  ? 3.233   6.608   -11.674 1.00 7.14  ? 41  ALA A CB  1 
ATOM   255  N N   . ILE A 1 35  ? 5.009   5.244   -9.547  1.00 8.39  ? 42  ILE A N   1 
ATOM   256  C CA  . ILE A 1 35  ? 5.448   5.428   -8.168  1.00 8.19  ? 42  ILE A CA  1 
ATOM   257  C C   . ILE A 1 35  ? 6.318   6.672   -8.083  1.00 6.60  ? 42  ILE A C   1 
ATOM   258  O O   . ILE A 1 35  ? 6.894   7.099   -9.091  1.00 9.88  ? 42  ILE A O   1 
ATOM   259  C CB  . ILE A 1 35  ? 6.246   4.210   -7.642  1.00 4.79  ? 42  ILE A CB  1 
ATOM   260  C CG1 . ILE A 1 35  ? 7.479   3.983   -8.519  1.00 7.93  ? 42  ILE A CG1 1 
ATOM   261  C CG2 . ILE A 1 35  ? 5.374   2.971   -7.595  1.00 9.13  ? 42  ILE A CG2 1 
ATOM   262  C CD1 . ILE A 1 35  ? 8.603   3.282   -7.807  1.00 10.28 ? 42  ILE A CD1 1 
ATOM   263  N N   . THR A 1 36  ? 6.409   7.275   -6.900  1.00 12.59 ? 43  THR A N   1 
ATOM   264  C CA  . THR A 1 36  ? 7.411   8.317   -6.680  1.00 10.90 ? 43  THR A CA  1 
ATOM   265  C C   . THR A 1 36  ? 8.338   7.945   -5.531  1.00 9.18  ? 43  THR A C   1 
ATOM   266  O O   . THR A 1 36  ? 7.976   7.226   -4.589  1.00 13.40 ? 43  THR A O   1 
ATOM   267  C CB  . THR A 1 36  ? 6.793   9.728   -6.391  1.00 10.84 ? 43  THR A CB  1 
ATOM   268  O OG1 . THR A 1 36  ? 5.843   9.646   -5.328  1.00 12.10 ? 43  THR A OG1 1 
ATOM   269  C CG2 . THR A 1 36  ? 6.111   10.288  -7.631  1.00 9.70  ? 43  THR A CG2 1 
ATOM   270  N N   . SER A 1 37  ? 9.548   8.458   -5.613  1.00 11.25 ? 44  SER A N   1 
ATOM   271  C CA  . SER A 1 37  ? 10.556  8.156   -4.625  1.00 12.38 ? 44  SER A CA  1 
ATOM   272  C C   . SER A 1 37  ? 11.604  9.248   -4.644  1.00 15.07 ? 44  SER A C   1 
ATOM   273  O O   . SER A 1 37  ? 11.710  10.001  -5.615  1.00 16.18 ? 44  SER A O   1 
ATOM   274  C CB  . SER A 1 37  ? 11.182  6.792   -4.920  1.00 11.84 ? 44  SER A CB  1 
ATOM   275  O OG  . SER A 1 37  ? 12.363  6.596   -4.178  1.00 13.18 ? 44  SER A OG  1 
ATOM   276  N N   . THR A 1 38  ? 12.398  9.322   -3.590  1.00 13.54 ? 45  THR A N   1 
ATOM   277  C CA  . THR A 1 38  ? 13.584  10.169  -3.623  1.00 14.51 ? 45  THR A CA  1 
ATOM   278  C C   . THR A 1 38  ? 14.782  9.414   -4.225  1.00 17.16 ? 45  THR A C   1 
ATOM   279  O O   . THR A 1 38  ? 15.817  10.004  -4.525  1.00 15.73 ? 45  THR A O   1 
ATOM   280  C CB  . THR A 1 38  ? 13.945  10.682  -2.229  1.00 10.92 ? 45  THR A CB  1 
ATOM   281  O OG1 . THR A 1 38  ? 14.206  9.574   -1.363  1.00 18.61 ? 45  THR A OG1 1 
ATOM   282  C CG2 . THR A 1 38  ? 12.798  11.493  -1.654  1.00 19.84 ? 45  THR A CG2 1 
ATOM   283  N N   . LYS A 1 39  ? 14.643  8.111   -4.420  1.00 14.04 ? 46  LYS A N   1 
ATOM   284  C CA  . LYS A 1 39  ? 15.734  7.336   -5.011  1.00 12.69 ? 46  LYS A CA  1 
ATOM   285  C C   . LYS A 1 39  ? 15.631  7.374   -6.514  1.00 11.11 ? 46  LYS A C   1 
ATOM   286  O O   . LYS A 1 39  ? 14.529  7.276   -7.060  1.00 8.80  ? 46  LYS A O   1 
ATOM   287  C CB  . LYS A 1 39  ? 15.712  5.887   -4.502  1.00 15.39 ? 46  LYS A CB  1 
ATOM   288  C CG  . LYS A 1 39  ? 15.920  5.816   -3.009  1.00 24.07 ? 46  LYS A CG  1 
ATOM   289  C CD  . LYS A 1 39  ? 15.675  4.431   -2.453  1.00 29.67 ? 46  LYS A CD  1 
ATOM   290  C CE  . LYS A 1 39  ? 16.272  4.316   -1.055  1.00 49.60 ? 46  LYS A CE  1 
ATOM   291  N NZ  . LYS A 1 39  ? 16.034  5.556   -0.269  1.00 49.48 ? 46  LYS A NZ  1 
ATOM   292  N N   . ASP A 1 40  ? 16.775  7.514   -7.187  1.00 11.31 ? 47  ASP A N   1 
ATOM   293  C CA  . ASP A 1 40  ? 16.788  7.679   -8.634  1.00 15.51 ? 47  ASP A CA  1 
ATOM   294  C C   . ASP A 1 40  ? 17.148  6.396   -9.395  1.00 18.70 ? 47  ASP A C   1 
ATOM   295  O O   . ASP A 1 40  ? 17.140  6.384   -10.621 1.00 17.96 ? 47  ASP A O   1 
ATOM   296  C CB  . ASP A 1 40  ? 17.764  8.790   -9.019  1.00 21.15 ? 47  ASP A CB  1 
ATOM   297  C CG  . ASP A 1 40  ? 19.215  8.362   -8.890  1.00 21.85 ? 47  ASP A CG  1 
ATOM   298  O OD1 . ASP A 1 40  ? 19.502  7.388   -8.152  1.00 22.75 ? 47  ASP A OD1 1 
ATOM   299  O OD2 . ASP A 1 40  ? 20.072  9.001   -9.536  1.00 27.61 ? 47  ASP A OD2 1 
ATOM   300  N N   . ASN A 1 41  ? 17.456  5.319   -8.680  1.00 17.32 ? 48  ASN A N   1 
ATOM   301  C CA  . ASN A 1 41  ? 17.901  4.091   -9.352  1.00 21.06 ? 48  ASN A CA  1 
ATOM   302  C C   . ASN A 1 41  ? 17.017  2.867   -9.099  1.00 23.73 ? 48  ASN A C   1 
ATOM   303  O O   . ASN A 1 41  ? 17.513  1.743   -9.011  1.00 14.17 ? 48  ASN A O   1 
ATOM   304  C CB  . ASN A 1 41  ? 19.335  3.765   -8.942  1.00 16.82 ? 48  ASN A CB  1 
ATOM   305  C CG  . ASN A 1 41  ? 19.452  3.456   -7.464  1.00 28.62 ? 48  ASN A CG  1 
ATOM   306  O OD1 . ASN A 1 41  ? 18.522  3.698   -6.691  1.00 22.03 ? 48  ASN A OD1 1 
ATOM   307  N ND2 . ASN A 1 41  ? 20.600  2.922   -7.060  1.00 38.24 ? 48  ASN A ND2 1 
ATOM   308  N N   . LEU A 1 42  ? 15.711  3.083   -8.987  1.00 11.46 ? 49  LEU A N   1 
ATOM   309  C CA  . LEU A 1 42  ? 14.791  1.968   -8.797  1.00 14.66 ? 49  LEU A CA  1 
ATOM   310  C C   . LEU A 1 42  ? 14.581  1.233   -10.124 1.00 13.74 ? 49  LEU A C   1 
ATOM   311  O O   . LEU A 1 42  ? 14.631  1.846   -11.184 1.00 14.12 ? 49  LEU A O   1 
ATOM   312  C CB  . LEU A 1 42  ? 13.464  2.475   -8.216  1.00 9.91  ? 49  LEU A CB  1 
ATOM   313  C CG  . LEU A 1 42  ? 13.604  3.081   -6.820  1.00 13.30 ? 49  LEU A CG  1 
ATOM   314  C CD1 . LEU A 1 42  ? 12.262  3.653   -6.313  1.00 11.69 ? 49  LEU A CD1 1 
ATOM   315  C CD2 . LEU A 1 42  ? 14.169  2.038   -5.843  1.00 13.26 ? 49  LEU A CD2 1 
ATOM   316  N N   . LYS A 1 43  ? 14.350  -0.077  -10.071 1.00 10.93 ? 50  LYS A N   1 
ATOM   317  C CA  . LYS A 1 43  ? 14.186  -0.873  -11.293 1.00 10.30 ? 50  LYS A CA  1 
ATOM   318  C C   . LYS A 1 43  ? 12.801  -1.482  -11.415 1.00 9.06  ? 50  LYS A C   1 
ATOM   319  O O   . LYS A 1 43  ? 12.203  -1.488  -12.485 1.00 11.03 ? 50  LYS A O   1 
ATOM   320  C CB  . LYS A 1 43  ? 15.236  -1.990  -11.352 1.00 11.69 ? 50  LYS A CB  1 
ATOM   321  C CG  . LYS A 1 43  ? 16.680  -1.493  -11.333 1.00 27.39 ? 50  LYS A CG  1 
ATOM   322  C CD  . LYS A 1 43  ? 16.887  -0.249  -12.197 1.00 26.79 ? 50  LYS A CD  1 
ATOM   323  C CE  . LYS A 1 43  ? 18.332  0.256   -12.106 1.00 34.40 ? 50  LYS A CE  1 
ATOM   324  N NZ  . LYS A 1 43  ? 18.820  0.385   -10.692 1.00 30.98 ? 50  LYS A NZ  1 
ATOM   325  N N   . THR A 1 44  ? 12.296  -2.029  -10.320 1.00 10.63 ? 51  THR A N   1 
ATOM   326  C CA  . THR A 1 44  ? 10.998  -2.657  -10.354 1.00 10.31 ? 51  THR A CA  1 
ATOM   327  C C   . THR A 1 44  ? 10.219  -2.273  -9.096  1.00 8.34  ? 51  THR A C   1 
ATOM   328  O O   . THR A 1 44  ? 10.776  -1.685  -8.155  1.00 6.50  ? 51  THR A O   1 
ATOM   329  C CB  . THR A 1 44  ? 11.100  -4.204  -10.453 1.00 14.64 ? 51  THR A CB  1 
ATOM   330  O OG1 . THR A 1 44  ? 11.631  -4.707  -9.240  1.00 10.32 ? 51  THR A OG1 1 
ATOM   331  C CG2 . THR A 1 44  ? 12.010  -4.641  -11.592 1.00 8.83  ? 51  THR A CG2 1 
ATOM   332  N N   . VAL A 1 45  ? 8.941   -2.625  -9.074  1.00 10.00 ? 52  VAL A N   1 
ATOM   333  C CA  . VAL A 1 45  ? 8.119   -2.400  -7.888  1.00 14.91 ? 52  VAL A CA  1 
ATOM   334  C C   . VAL A 1 45  ? 7.198   -3.599  -7.674  1.00 12.45 ? 52  VAL A C   1 
ATOM   335  O O   . VAL A 1 45  ? 6.744   -4.231  -8.638  1.00 11.50 ? 52  VAL A O   1 
ATOM   336  C CB  . VAL A 1 45  ? 7.304   -1.086  -8.014  1.00 12.54 ? 52  VAL A CB  1 
ATOM   337  C CG1 . VAL A 1 45  ? 6.441   -1.098  -9.274  1.00 8.60  ? 52  VAL A CG1 1 
ATOM   338  C CG2 . VAL A 1 45  ? 6.451   -0.846  -6.771  1.00 11.48 ? 52  VAL A CG2 1 
ATOM   339  N N   A THR A 1 46  ? 6.930   -3.927  -6.414  0.79 11.36 ? 53  THR A N   1 
ATOM   340  N N   B THR A 1 46  ? 6.943   -3.934  -6.412  0.21 11.15 ? 53  THR A N   1 
ATOM   341  C CA  A THR A 1 46  ? 6.058   -5.050  -6.115  0.79 11.92 ? 53  THR A CA  1 
ATOM   342  C CA  B THR A 1 46  ? 6.070   -5.051  -6.083  0.21 12.00 ? 53  THR A CA  1 
ATOM   343  C C   A THR A 1 46  ? 4.635   -4.554  -5.908  0.79 14.56 ? 53  THR A C   1 
ATOM   344  C C   B THR A 1 46  ? 4.633   -4.578  -5.880  0.21 14.32 ? 53  THR A C   1 
ATOM   345  O O   A THR A 1 46  ? 4.373   -3.669  -5.088  0.79 11.66 ? 53  THR A O   1 
ATOM   346  O O   B THR A 1 46  ? 4.359   -3.739  -5.021  0.21 11.64 ? 53  THR A O   1 
ATOM   347  C CB  A THR A 1 46  ? 6.536   -5.813  -4.875  0.79 11.97 ? 53  THR A CB  1 
ATOM   348  C CB  B THR A 1 46  ? 6.550   -5.786  -4.819  0.21 11.98 ? 53  THR A CB  1 
ATOM   349  O OG1 A THR A 1 46  ? 7.850   -6.314  -5.118  0.79 13.62 ? 53  THR A OG1 1 
ATOM   350  O OG1 B THR A 1 46  ? 6.739   -4.840  -3.759  0.21 10.02 ? 53  THR A OG1 1 
ATOM   351  C CG2 A THR A 1 46  ? 5.599   -6.958  -4.553  0.79 11.07 ? 53  THR A CG2 1 
ATOM   352  C CG2 B THR A 1 46  ? 7.858   -6.496  -5.087  0.21 13.76 ? 53  THR A CG2 1 
ATOM   353  N N   . CYS A 1 47  ? 3.725   -5.111  -6.687  1.00 9.13  ? 54  CYS A N   1 
ATOM   354  C CA  . CYS A 1 47  ? 2.314   -4.794  -6.568  1.00 12.68 ? 54  CYS A CA  1 
ATOM   355  C C   . CYS A 1 47  ? 1.615   -5.977  -5.878  1.00 12.89 ? 54  CYS A C   1 
ATOM   356  O O   . CYS A 1 47  ? 1.806   -7.116  -6.281  1.00 13.94 ? 54  CYS A O   1 
ATOM   357  C CB  . CYS A 1 47  ? 1.725   -4.503  -7.954  1.00 10.39 ? 54  CYS A CB  1 
ATOM   358  S SG  . CYS A 1 47  ? -0.007  -4.073  -7.953  1.00 19.93 ? 54  CYS A SG  1 
ATOM   359  N N   . LEU A 1 48  ? 0.845   -5.706  -4.822  1.00 15.14 ? 55  LEU A N   1 
ATOM   360  C CA  . LEU A 1 48  ? 0.203   -6.764  -4.033  1.00 21.95 ? 55  LEU A CA  1 
ATOM   361  C C   . LEU A 1 48  ? -1.238  -6.982  -4.490  1.00 21.99 ? 55  LEU A C   1 
ATOM   362  O O   . LEU A 1 48  ? -2.020  -6.040  -4.579  1.00 22.49 ? 55  LEU A O   1 
ATOM   363  C CB  . LEU A 1 48  ? 0.238   -6.427  -2.540  1.00 14.99 ? 55  LEU A CB  1 
ATOM   364  C CG  . LEU A 1 48  ? 1.619   -6.061  -1.996  1.00 22.15 ? 55  LEU A CG  1 
ATOM   365  C CD1 . LEU A 1 48  ? 1.538   -5.586  -0.554  1.00 6.71  ? 55  LEU A CD1 1 
ATOM   366  C CD2 . LEU A 1 48  ? 2.548   -7.251  -2.098  1.00 16.17 ? 55  LEU A CD2 1 
ATOM   367  N N   . THR A 1 49  ? -1.570  -8.226  -4.815  1.00 18.49 ? 56  THR A N   1 
ATOM   368  C CA  . THR A 1 49  ? -2.891  -8.552  -5.354  1.00 37.66 ? 56  THR A CA  1 
ATOM   369  C C   . THR A 1 49  ? -3.447  -9.841  -4.747  1.00 43.80 ? 56  THR A C   1 
ATOM   370  O O   . THR A 1 49  ? -4.595  -10.221 -5.003  1.00 45.44 ? 56  THR A O   1 
ATOM   371  C CB  . THR A 1 49  ? -2.826  -8.668  -6.871  1.00 34.94 ? 56  THR A CB  1 
ATOM   372  N N   A THR A 1 51  ? -3.770  -12.974 -5.019  0.50 37.56 ? 58  THR A N   1 
ATOM   373  N N   B THR A 1 51  ? -3.475  -14.092 -7.263  0.50 39.69 ? 58  THR A N   1 
ATOM   374  C CA  A THR A 1 51  ? -3.034  -13.817 -5.955  0.50 41.42 ? 58  THR A CA  1 
ATOM   375  C CA  B THR A 1 51  ? -3.058  -13.409 -6.042  0.50 40.78 ? 58  THR A CA  1 
ATOM   376  C C   A THR A 1 51  ? -1.528  -13.534 -5.927  0.50 39.94 ? 58  THR A C   1 
ATOM   377  C C   B THR A 1 51  ? -1.541  -13.263 -5.973  0.50 40.09 ? 58  THR A C   1 
ATOM   378  O O   A THR A 1 51  ? -0.849  -13.645 -6.948  0.50 38.63 ? 58  THR A O   1 
ATOM   379  O O   B THR A 1 51  ? -0.864  -13.239 -7.001  0.50 38.45 ? 58  THR A O   1 
ATOM   380  C CB  A THR A 1 51  ? -3.556  -13.644 -7.398  0.50 39.97 ? 58  THR A CB  1 
ATOM   381  C CB  B THR A 1 51  ? -3.545  -14.156 -4.785  0.50 32.69 ? 58  THR A CB  1 
ATOM   382  O OG1 A THR A 1 51  ? -3.672  -12.249 -7.705  0.50 35.58 ? 58  THR A OG1 1 
ATOM   383  O OG1 B THR A 1 51  ? -4.027  -15.452 -5.158  0.50 33.49 ? 58  THR A OG1 1 
ATOM   384  C CG2 A THR A 1 51  ? -4.915  -14.315 -7.567  0.50 22.48 ? 58  THR A CG2 1 
ATOM   385  C CG2 B THR A 1 51  ? -4.659  -13.382 -4.109  0.50 36.56 ? 58  THR A CG2 1 
ATOM   386  N N   . GLY A 1 52  ? -1.017  -13.164 -4.753  1.00 29.23 ? 59  GLY A N   1 
ATOM   387  C CA  . GLY A 1 52  ? 0.415   -13.047 -4.536  1.00 31.14 ? 59  GLY A CA  1 
ATOM   388  C C   . GLY A 1 52  ? 1.015   -11.683 -4.817  1.00 30.03 ? 59  GLY A C   1 
ATOM   389  O O   . GLY A 1 52  ? 0.317   -10.674 -4.756  1.00 33.83 ? 59  GLY A O   1 
ATOM   390  N N   . LYS A 1 53  ? 2.318   -11.650 -5.103  1.00 14.27 ? 60  LYS A N   1 
ATOM   391  C CA  . LYS A 1 53  ? 2.993   -10.403 -5.457  1.00 13.67 ? 60  LYS A CA  1 
ATOM   392  C C   . LYS A 1 53  ? 3.299   -10.383 -6.943  1.00 23.30 ? 60  LYS A C   1 
ATOM   393  O O   . LYS A 1 53  ? 3.891   -11.334 -7.480  1.00 20.27 ? 60  LYS A O   1 
ATOM   394  C CB  . LYS A 1 53  ? 4.283   -10.221 -4.659  1.00 15.48 ? 60  LYS A CB  1 
ATOM   395  C CG  . LYS A 1 53  ? 4.080   -10.296 -3.152  1.00 29.09 ? 60  LYS A CG  1 
ATOM   396  C CD  . LYS A 1 53  ? 5.389   -10.219 -2.387  1.00 32.04 ? 60  LYS A CD  1 
ATOM   397  C CE  . LYS A 1 53  ? 5.157   -10.501 -0.909  1.00 30.06 ? 60  LYS A CE  1 
ATOM   398  N NZ  . LYS A 1 53  ? 4.446   -11.798 -0.687  1.00 37.32 ? 60  LYS A NZ  1 
ATOM   399  N N   . THR A 1 54  ? 2.886   -9.312  -7.614  1.00 10.42 ? 61  THR A N   1 
ATOM   400  C CA  . THR A 1 54  ? 3.325   -9.114  -8.988  1.00 16.49 ? 61  THR A CA  1 
ATOM   401  C C   . THR A 1 54  ? 4.465   -8.112  -9.026  1.00 16.90 ? 61  THR A C   1 
ATOM   402  O O   . THR A 1 54  ? 4.387   -7.014  -8.451  1.00 17.31 ? 61  THR A O   1 
ATOM   403  C CB  . THR A 1 54  ? 2.195   -8.636  -9.900  1.00 28.60 ? 61  THR A CB  1 
ATOM   404  O OG1 . THR A 1 54  ? 1.078   -9.516  -9.760  1.00 28.66 ? 61  THR A OG1 1 
ATOM   405  C CG2 . THR A 1 54  ? 2.658   -8.639  -11.372 1.00 24.00 ? 61  THR A CG2 1 
ATOM   406  N N   . VAL A 1 55  ? 5.526   -8.487  -9.714  1.00 9.01  ? 62  VAL A N   1 
ATOM   407  C CA  . VAL A 1 55  ? 6.702   -7.646  -9.766  1.00 11.25 ? 62  VAL A CA  1 
ATOM   408  C C   . VAL A 1 55  ? 6.726   -6.986  -11.119 1.00 17.45 ? 62  VAL A C   1 
ATOM   409  O O   . VAL A 1 55  ? 6.801   -7.676  -12.140 1.00 12.76 ? 62  VAL A O   1 
ATOM   410  C CB  . VAL A 1 55  ? 7.977   -8.448  -9.528  1.00 18.64 ? 62  VAL A CB  1 
ATOM   411  C CG1 . VAL A 1 55  ? 9.213   -7.532  -9.584  1.00 17.82 ? 62  VAL A CG1 1 
ATOM   412  C CG2 . VAL A 1 55  ? 7.880   -9.138  -8.201  1.00 14.25 ? 62  VAL A CG2 1 
ATOM   413  N N   . LEU A 1 56  ? 6.606   -5.657  -11.122 1.00 15.93 ? 63  LEU A N   1 
ATOM   414  C CA  . LEU A 1 56  ? 6.523   -4.874  -12.356 1.00 11.41 ? 63  LEU A CA  1 
ATOM   415  C C   . LEU A 1 56  ? 7.787   -4.065  -12.638 1.00 12.68 ? 63  LEU A C   1 
ATOM   416  O O   . LEU A 1 56  ? 8.373   -3.497  -11.722 1.00 4.64  ? 63  LEU A O   1 
ATOM   417  C CB  . LEU A 1 56  ? 5.334   -3.918  -12.286 1.00 7.92  ? 63  LEU A CB  1 
ATOM   418  C CG  . LEU A 1 56  ? 3.993   -4.581  -12.018 1.00 18.20 ? 63  LEU A CG  1 
ATOM   419  C CD1 . LEU A 1 56  ? 2.977   -3.553  -11.596 1.00 10.97 ? 63  LEU A CD1 1 
ATOM   420  C CD2 . LEU A 1 56  ? 3.539   -5.312  -13.276 1.00 24.25 ? 63  LEU A CD2 1 
ATOM   421  N N   . ASN A 1 57  ? 8.178   -3.984  -13.910 1.00 12.29 ? 64  ASN A N   1 
ATOM   422  C CA  . ASN A 1 57  ? 9.290   -3.134  -14.323 1.00 12.10 ? 64  ASN A CA  1 
ATOM   423  C C   . ASN A 1 57  ? 8.950   -1.659  -14.354 1.00 11.07 ? 64  ASN A C   1 
ATOM   424  O O   . ASN A 1 57  ? 7.833   -1.278  -14.727 1.00 8.42  ? 64  ASN A O   1 
ATOM   425  C CB  . ASN A 1 57  ? 9.780   -3.555  -15.699 1.00 19.91 ? 64  ASN A CB  1 
ATOM   426  C CG  . ASN A 1 57  ? 10.408  -4.923  -15.676 1.00 27.02 ? 64  ASN A CG  1 
ATOM   427  O OD1 . ASN A 1 57  ? 11.159  -5.252  -14.762 1.00 15.84 ? 64  ASN A OD1 1 
ATOM   428  N ND2 . ASN A 1 57  ? 10.083  -5.738  -16.664 1.00 23.93 ? 64  ASN A ND2 1 
ATOM   429  N N   . LEU A 1 58  ? 9.914   -0.829  -13.982 1.00 11.79 ? 65  LEU A N   1 
ATOM   430  C CA  . LEU A 1 58  ? 9.740   0.631   -14.055 1.00 10.86 ? 65  LEU A CA  1 
ATOM   431  C C   . LEU A 1 58  ? 10.414  1.229   -15.295 1.00 18.40 ? 65  LEU A C   1 
ATOM   432  O O   . LEU A 1 58  ? 11.487  0.771   -15.682 1.00 13.60 ? 65  LEU A O   1 
ATOM   433  C CB  . LEU A 1 58  ? 10.328  1.288   -12.820 1.00 7.84  ? 65  LEU A CB  1 
ATOM   434  C CG  . LEU A 1 58  ? 9.811   0.771   -11.489 1.00 9.15  ? 65  LEU A CG  1 
ATOM   435  C CD1 . LEU A 1 58  ? 10.539  1.449   -10.335 1.00 14.20 ? 65  LEU A CD1 1 
ATOM   436  C CD2 . LEU A 1 58  ? 8.347   1.070   -11.455 1.00 10.67 ? 65  LEU A CD2 1 
ATOM   437  N N   . ASP A 1 59  ? 9.789   2.237   -15.912 1.00 13.36 ? 66  ASP A N   1 
ATOM   438  C CA  . ASP A 1 59  ? 10.460  3.104   -16.900 1.00 16.21 ? 66  ASP A CA  1 
ATOM   439  C C   . ASP A 1 59  ? 11.544  3.931   -16.208 1.00 15.87 ? 66  ASP A C   1 
ATOM   440  O O   . ASP A 1 59  ? 11.464  4.131   -15.003 1.00 13.35 ? 66  ASP A O   1 
ATOM   441  C CB  . ASP A 1 59  ? 9.468   4.074   -17.566 1.00 9.55  ? 66  ASP A CB  1 
ATOM   442  C CG  . ASP A 1 59  ? 8.658   3.438   -18.658 1.00 17.49 ? 66  ASP A CG  1 
ATOM   443  O OD1 . ASP A 1 59  ? 8.969   2.299   -19.044 1.00 17.68 ? 66  ASP A OD1 1 
ATOM   444  O OD2 . ASP A 1 59  ? 7.706   4.088   -19.133 1.00 25.53 ? 66  ASP A OD2 1 
ATOM   445  N N   . PRO A 1 60  ? 12.530  4.455   -16.968 1.00 9.51  ? 67  PRO A N   1 
ATOM   446  C CA  . PRO A 1 60  ? 13.461  5.417   -16.359 1.00 13.89 ? 67  PRO A CA  1 
ATOM   447  C C   . PRO A 1 60  ? 12.667  6.601   -15.804 1.00 10.75 ? 67  PRO A C   1 
ATOM   448  O O   . PRO A 1 60  ? 11.644  6.951   -16.392 1.00 9.22  ? 67  PRO A O   1 
ATOM   449  C CB  . PRO A 1 60  ? 14.363  5.836   -17.533 1.00 16.01 ? 67  PRO A CB  1 
ATOM   450  C CG  . PRO A 1 60  ? 14.268  4.698   -18.496 1.00 19.50 ? 67  PRO A CG  1 
ATOM   451  C CD  . PRO A 1 60  ? 12.881  4.158   -18.372 1.00 14.89 ? 67  PRO A CD  1 
ATOM   452  N N   . PRO A 1 61  ? 13.102  7.186   -14.679 1.00 10.75 ? 68  PRO A N   1 
ATOM   453  C CA  . PRO A 1 61  ? 12.240  8.177   -14.012 1.00 12.15 ? 68  PRO A CA  1 
ATOM   454  C C   . PRO A 1 61  ? 12.261  9.587   -14.603 1.00 11.95 ? 68  PRO A C   1 
ATOM   455  O O   . PRO A 1 61  ? 13.237  9.994   -15.231 1.00 12.66 ? 68  PRO A O   1 
ATOM   456  C CB  . PRO A 1 61  ? 12.799  8.223   -12.586 1.00 10.91 ? 68  PRO A CB  1 
ATOM   457  C CG  . PRO A 1 61  ? 14.238  7.844   -12.741 1.00 17.77 ? 68  PRO A CG  1 
ATOM   458  C CD  . PRO A 1 61  ? 14.279  6.832   -13.870 1.00 10.17 ? 68  PRO A CD  1 
ATOM   459  N N   . MET A 1 62  ? 11.181  10.327  -14.391 1.00 10.74 ? 69  MET A N   1 
ATOM   460  C CA  . MET A 1 62  ? 11.252  11.776  -14.513 1.00 10.46 ? 69  MET A CA  1 
ATOM   461  C C   . MET A 1 62  ? 11.769  12.354  -13.204 1.00 18.63 ? 69  MET A C   1 
ATOM   462  O O   . MET A 1 62  ? 11.555  11.781  -12.138 1.00 13.79 ? 69  MET A O   1 
ATOM   463  C CB  . MET A 1 62  ? 9.896   12.367  -14.849 1.00 14.75 ? 69  MET A CB  1 
ATOM   464  C CG  . MET A 1 62  ? 9.317   11.846  -16.122 1.00 13.61 ? 69  MET A CG  1 
ATOM   465  S SD  . MET A 1 62  ? 7.656   12.468  -16.326 1.00 19.27 ? 69  MET A SD  1 
ATOM   466  C CE  . MET A 1 62  ? 7.196   11.574  -17.813 1.00 20.43 ? 69  MET A CE  1 
ATOM   467  N N   . ARG A 1 63  ? 12.452  13.489  -13.286 1.00 10.81 ? 70  ARG A N   1 
ATOM   468  C CA  . ARG A 1 63  ? 13.029  14.123  -12.113 1.00 11.83 ? 70  ARG A CA  1 
ATOM   469  C C   . ARG A 1 63  ? 12.383  15.484  -11.886 1.00 14.66 ? 70  ARG A C   1 
ATOM   470  O O   . ARG A 1 63  ? 12.370  16.327  -12.787 1.00 14.36 ? 70  ARG A O   1 
ATOM   471  C CB  . ARG A 1 63  ? 14.539  14.284  -12.278 1.00 15.61 ? 70  ARG A CB  1 
ATOM   472  C CG  . ARG A 1 63  ? 15.242  14.875  -11.052 1.00 18.47 ? 70  ARG A CG  1 
ATOM   473  C CD  . ARG A 1 63  ? 16.742  15.005  -11.307 1.00 15.08 ? 70  ARG A CD  1 
ATOM   474  N NE  . ARG A 1 63  ? 17.495  15.442  -10.133 1.00 25.83 ? 70  ARG A NE  1 
ATOM   475  C CZ  . ARG A 1 63  ? 17.790  16.711  -9.869  1.00 28.88 ? 70  ARG A CZ  1 
ATOM   476  N NH1 . ARG A 1 63  ? 17.377  17.672  -10.685 1.00 20.37 ? 70  ARG A NH1 1 
ATOM   477  N NH2 . ARG A 1 63  ? 18.497  17.019  -8.791  1.00 25.55 ? 70  ARG A NH2 1 
ATOM   478  N N   . PHE A 1 64  ? 11.840  15.697  -10.696 1.00 15.18 ? 71  PHE A N   1 
ATOM   479  C CA  . PHE A 1 64  ? 11.238  16.990  -10.369 1.00 13.97 ? 71  PHE A CA  1 
ATOM   480  C C   . PHE A 1 64  ? 11.932  17.595  -9.163  1.00 14.21 ? 71  PHE A C   1 
ATOM   481  O O   . PHE A 1 64  ? 11.861  17.055  -8.063  1.00 15.87 ? 71  PHE A O   1 
ATOM   482  C CB  . PHE A 1 64  ? 9.730   16.838  -10.110 1.00 15.23 ? 71  PHE A CB  1 
ATOM   483  C CG  . PHE A 1 64  ? 8.964   16.340  -11.306 1.00 22.53 ? 71  PHE A CG  1 
ATOM   484  C CD1 . PHE A 1 64  ? 8.630   17.203  -12.342 1.00 14.55 ? 71  PHE A CD1 1 
ATOM   485  C CD2 . PHE A 1 64  ? 8.585   15.011  -11.402 1.00 23.27 ? 71  PHE A CD2 1 
ATOM   486  C CE1 . PHE A 1 64  ? 7.944   16.749  -13.447 1.00 14.52 ? 71  PHE A CE1 1 
ATOM   487  C CE2 . PHE A 1 64  ? 7.884   14.551  -12.508 1.00 19.15 ? 71  PHE A CE2 1 
ATOM   488  C CZ  . PHE A 1 64  ? 7.568   15.420  -13.533 1.00 17.22 ? 71  PHE A CZ  1 
ATOM   489  N N   . ALA A 1 65  ? 12.631  18.705  -9.373  1.00 16.59 ? 72  ALA A N   1 
ATOM   490  C CA  . ALA A 1 65  ? 13.286  19.404  -8.274  1.00 25.01 ? 72  ALA A CA  1 
ATOM   491  C C   . ALA A 1 65  ? 12.630  20.754  -8.048  1.00 21.69 ? 72  ALA A C   1 
ATOM   492  O O   . ALA A 1 65  ? 12.458  21.172  -6.902  1.00 41.92 ? 72  ALA A O   1 
ATOM   493  C CB  . ALA A 1 65  ? 14.785  19.572  -8.540  1.00 23.93 ? 72  ALA A CB  1 
ATOM   494  N N   . SER A 1 73  ? 13.098  16.588  -1.102  1.00 38.01 ? 80  SER A N   1 
ATOM   495  C CA  . SER A 1 73  ? 13.487  17.672  -1.997  1.00 44.13 ? 80  SER A CA  1 
ATOM   496  C C   . SER A 1 73  ? 13.235  17.316  -3.467  1.00 43.33 ? 80  SER A C   1 
ATOM   497  O O   . SER A 1 73  ? 12.299  17.812  -4.093  1.00 42.46 ? 80  SER A O   1 
ATOM   498  C CB  . SER A 1 73  ? 14.961  18.028  -1.784  1.00 45.40 ? 80  SER A CB  1 
ATOM   499  O OG  . SER A 1 73  ? 15.561  18.482  -2.986  1.00 48.99 ? 80  SER A OG  1 
ATOM   500  N N   . VAL A 1 74  ? 14.088  16.465  -4.019  1.00 29.04 ? 81  VAL A N   1 
ATOM   501  C CA  . VAL A 1 74  ? 13.942  16.044  -5.404  1.00 28.44 ? 81  VAL A CA  1 
ATOM   502  C C   . VAL A 1 74  ? 13.065  14.805  -5.438  1.00 23.70 ? 81  VAL A C   1 
ATOM   503  O O   . VAL A 1 74  ? 13.221  13.910  -4.618  1.00 24.12 ? 81  VAL A O   1 
ATOM   504  C CB  . VAL A 1 74  ? 15.300  15.752  -6.069  1.00 28.60 ? 81  VAL A CB  1 
ATOM   505  C CG1 . VAL A 1 74  ? 15.093  15.238  -7.478  1.00 17.89 ? 81  VAL A CG1 1 
ATOM   506  C CG2 . VAL A 1 74  ? 16.177  17.011  -6.081  1.00 25.92 ? 81  VAL A CG2 1 
ATOM   507  N N   . VAL A 1 75  ? 12.124  14.768  -6.370  1.00 19.72 ? 82  VAL A N   1 
ATOM   508  C CA  . VAL A 1 75  ? 11.219  13.642  -6.473  1.00 17.16 ? 82  VAL A CA  1 
ATOM   509  C C   . VAL A 1 75  ? 11.333  12.979  -7.839  1.00 15.06 ? 82  VAL A C   1 
ATOM   510  O O   . VAL A 1 75  ? 11.247  13.655  -8.863  1.00 16.38 ? 82  VAL A O   1 
ATOM   511  C CB  . VAL A 1 75  ? 9.770   14.081  -6.226  1.00 19.67 ? 82  VAL A CB  1 
ATOM   512  C CG1 . VAL A 1 75  ? 8.820   12.914  -6.428  1.00 26.43 ? 82  VAL A CG1 1 
ATOM   513  C CG2 . VAL A 1 75  ? 9.632   14.632  -4.819  1.00 24.63 ? 82  VAL A CG2 1 
ATOM   514  N N   . TYR A 1 76  ? 11.529  11.660  -7.843  1.00 14.01 ? 83  TYR A N   1 
ATOM   515  C CA  . TYR A 1 76  ? 11.585  10.887  -9.088  1.00 10.12 ? 83  TYR A CA  1 
ATOM   516  C C   . TYR A 1 76  ? 10.260  10.173  -9.315  1.00 15.89 ? 83  TYR A C   1 
ATOM   517  O O   . TYR A 1 76  ? 9.750   9.488   -8.419  1.00 10.90 ? 83  TYR A O   1 
ATOM   518  C CB  . TYR A 1 76  ? 12.751  9.894   -9.061  1.00 7.51  ? 83  TYR A CB  1 
ATOM   519  C CG  . TYR A 1 76  ? 14.100  10.600  -9.037  1.00 11.80 ? 83  TYR A CG  1 
ATOM   520  C CD1 . TYR A 1 76  ? 14.735  10.968  -10.219 1.00 14.09 ? 83  TYR A CD1 1 
ATOM   521  C CD2 . TYR A 1 76  ? 14.720  10.928  -7.835  1.00 14.58 ? 83  TYR A CD2 1 
ATOM   522  C CE1 . TYR A 1 76  ? 15.952  11.632  -10.206 1.00 18.86 ? 83  TYR A CE1 1 
ATOM   523  C CE2 . TYR A 1 76  ? 15.950  11.605  -7.811  1.00 17.51 ? 83  TYR A CE2 1 
ATOM   524  C CZ  . TYR A 1 76  ? 16.559  11.949  -9.004  1.00 15.35 ? 83  TYR A CZ  1 
ATOM   525  O OH  . TYR A 1 76  ? 17.783  12.616  -9.003  1.00 17.46 ? 83  TYR A OH  1 
ATOM   526  N N   . LEU A 1 77  ? 9.683   10.383  -10.495 1.00 10.32 ? 84  LEU A N   1 
ATOM   527  C CA  . LEU A 1 77  ? 8.442   9.718   -10.884 1.00 11.27 ? 84  LEU A CA  1 
ATOM   528  C C   . LEU A 1 77  ? 8.766   8.624   -11.896 1.00 9.94  ? 84  LEU A C   1 
ATOM   529  O O   . LEU A 1 77  ? 9.379   8.902   -12.932 1.00 10.96 ? 84  LEU A O   1 
ATOM   530  C CB  . LEU A 1 77  ? 7.461   10.721  -11.489 1.00 10.93 ? 84  LEU A CB  1 
ATOM   531  C CG  . LEU A 1 77  ? 6.085   10.296  -12.029 1.00 14.37 ? 84  LEU A CG  1 
ATOM   532  C CD1 . LEU A 1 77  ? 5.171   9.783   -10.939 1.00 6.12  ? 84  LEU A CD1 1 
ATOM   533  C CD2 . LEU A 1 77  ? 5.432   11.471  -12.782 1.00 8.70  ? 84  LEU A CD2 1 
ATOM   534  N N   . TYR A 1 78  ? 8.380   7.390   -11.585 1.00 8.13  ? 85  TYR A N   1 
ATOM   535  C CA  . TYR A 1 78  ? 8.541   6.261   -12.496 1.00 10.76 ? 85  TYR A CA  1 
ATOM   536  C C   . TYR A 1 78  ? 7.192   5.728   -12.962 1.00 13.10 ? 85  TYR A C   1 
ATOM   537  O O   . TYR A 1 78  ? 6.345   5.355   -12.143 1.00 11.42 ? 85  TYR A O   1 
ATOM   538  C CB  . TYR A 1 78  ? 9.268   5.097   -11.830 1.00 8.78  ? 85  TYR A CB  1 
ATOM   539  C CG  . TYR A 1 78  ? 10.606  5.346   -11.175 1.00 10.86 ? 85  TYR A CG  1 
ATOM   540  C CD1 . TYR A 1 78  ? 10.709  6.036   -9.969  1.00 10.70 ? 85  TYR A CD1 1 
ATOM   541  C CD2 . TYR A 1 78  ? 11.764  4.797   -11.721 1.00 10.41 ? 85  TYR A CD2 1 
ATOM   542  C CE1 . TYR A 1 78  ? 11.938  6.215   -9.359  1.00 8.81  ? 85  TYR A CE1 1 
ATOM   543  C CE2 . TYR A 1 78  ? 12.983  4.967   -11.123 1.00 7.93  ? 85  TYR A CE2 1 
ATOM   544  C CZ  . TYR A 1 78  ? 13.069  5.665   -9.944  1.00 8.86  ? 85  TYR A CZ  1 
ATOM   545  O OH  . TYR A 1 78  ? 14.299  5.810   -9.360  1.00 12.71 ? 85  TYR A OH  1 
ATOM   546  N N   . PHE A 1 79  ? 6.995   5.637   -14.264 1.00 4.83  ? 86  PHE A N   1 
ATOM   547  C CA  . PHE A 1 79  ? 5.819   4.955   -14.759 1.00 8.25  ? 86  PHE A CA  1 
ATOM   548  C C   . PHE A 1 79  ? 6.117   3.468   -14.893 1.00 9.69  ? 86  PHE A C   1 
ATOM   549  O O   . PHE A 1 79  ? 7.247   3.074   -15.191 1.00 5.71  ? 86  PHE A O   1 
ATOM   550  C CB  . PHE A 1 79  ? 5.360   5.554   -16.088 1.00 10.13 ? 86  PHE A CB  1 
ATOM   551  C CG  . PHE A 1 79  ? 4.725   6.913   -15.935 1.00 12.91 ? 86  PHE A CG  1 
ATOM   552  C CD1 . PHE A 1 79  ? 3.490   7.042   -15.337 1.00 8.32  ? 86  PHE A CD1 1 
ATOM   553  C CD2 . PHE A 1 79  ? 5.367   8.049   -16.379 1.00 21.63 ? 86  PHE A CD2 1 
ATOM   554  C CE1 . PHE A 1 79  ? 2.897   8.280   -15.182 1.00 16.59 ? 86  PHE A CE1 1 
ATOM   555  C CE2 . PHE A 1 79  ? 4.782   9.289   -16.233 1.00 21.68 ? 86  PHE A CE2 1 
ATOM   556  C CZ  . PHE A 1 79  ? 3.542   9.405   -15.635 1.00 15.41 ? 86  PHE A CZ  1 
ATOM   557  N N   . ILE A 1 80  ? 5.100   2.659   -14.626 1.00 8.98  ? 87  ILE A N   1 
ATOM   558  C CA  . ILE A 1 80  ? 5.207   1.221   -14.791 1.00 10.63 ? 87  ILE A CA  1 
ATOM   559  C C   . ILE A 1 80  ? 5.289   0.947   -16.297 1.00 12.27 ? 87  ILE A C   1 
ATOM   560  O O   . ILE A 1 80  ? 4.619   1.593   -17.113 1.00 6.62  ? 87  ILE A O   1 
ATOM   561  C CB  . ILE A 1 80  ? 4.015   0.466   -14.122 1.00 8.36  ? 87  ILE A CB  1 
ATOM   562  C CG1 . ILE A 1 80  ? 4.274   0.226   -12.637 1.00 8.60  ? 87  ILE A CG1 1 
ATOM   563  C CG2 . ILE A 1 80  ? 3.804   -0.932  -14.751 1.00 4.69  ? 87  ILE A CG2 1 
ATOM   564  C CD1 . ILE A 1 80  ? 4.707   1.422   -11.811 1.00 10.90 ? 87  ILE A CD1 1 
ATOM   565  N N   . GLN A 1 81  ? 6.149   0.009   -16.665 1.00 9.89  ? 88  GLN A N   1 
ATOM   566  C CA  . GLN A 1 81  ? 6.350   -0.380  -18.074 1.00 13.40 ? 88  GLN A CA  1 
ATOM   567  C C   . GLN A 1 81  ? 5.036   -0.661  -18.839 1.00 15.30 ? 88  GLN A C   1 
ATOM   568  O O   . GLN A 1 81  ? 4.136   -1.331  -18.290 1.00 16.85 ? 88  GLN A O   1 
ATOM   569  C CB  . GLN A 1 81  ? 7.236   -1.629  -18.114 1.00 13.84 ? 88  GLN A CB  1 
ATOM   570  C CG  . GLN A 1 81  ? 7.832   -1.986  -19.487 1.00 27.43 ? 88  GLN A CG  1 
ATOM   571  C CD  . GLN A 1 81  ? 8.622   -3.283  -19.454 1.00 20.29 ? 88  GLN A CD  1 
ATOM   572  O OE1 . GLN A 1 81  ? 8.273   -4.211  -18.724 1.00 33.02 ? 88  GLN A OE1 1 
ATOM   573  N NE2 . GLN A 1 81  ? 9.700   -3.347  -20.231 1.00 32.17 ? 88  GLN A NE2 1 
ATOM   574  N N   . ASN A 1 82  ? 4.935   -0.145  -20.073 1.00 14.56 ? 89  ASN A N   1 
ATOM   575  C CA  . ASN A 1 82  ? 3.804   -0.392  -20.972 1.00 21.27 ? 89  ASN A CA  1 
ATOM   576  C C   . ASN A 1 82  ? 2.439   0.231   -20.667 1.00 22.06 ? 89  ASN A C   1 
ATOM   577  O O   . ASN A 1 82  ? 1.523   0.108   -21.482 1.00 30.97 ? 89  ASN A O   1 
ATOM   578  C CB  . ASN A 1 82  ? 3.601   -1.904  -21.134 1.00 23.42 ? 89  ASN A CB  1 
ATOM   579  C CG  . ASN A 1 82  ? 4.769   -2.597  -21.851 1.00 29.01 ? 89  ASN A CG  1 
ATOM   580  O OD1 . ASN A 1 82  ? 5.905   -2.148  -21.792 1.00 51.25 ? 89  ASN A OD1 1 
ATOM   581  N ND2 . ASN A 1 82  ? 4.477   -3.722  -22.515 1.00 44.28 ? 89  ASN A ND2 1 
ATOM   582  N N   A ILE A 1 83  ? 2.301   0.867   -19.512 0.50 21.29 ? 90  ILE A N   1 
ATOM   583  N N   B ILE A 1 83  ? 2.289   0.854   -19.513 0.50 21.28 ? 90  ILE A N   1 
ATOM   584  C CA  A ILE A 1 83  ? 1.048   1.528   -19.128 0.50 13.73 ? 90  ILE A CA  1 
ATOM   585  C CA  B ILE A 1 83  ? 1.027   1.500   -19.181 0.50 13.75 ? 90  ILE A CA  1 
ATOM   586  C C   A ILE A 1 83  ? 0.653   2.624   -20.133 0.50 15.14 ? 90  ILE A C   1 
ATOM   587  C C   B ILE A 1 83  ? 0.661   2.565   -20.216 0.50 15.18 ? 90  ILE A C   1 
ATOM   588  O O   A ILE A 1 83  ? 1.501   3.399   -20.578 0.50 12.58 ? 90  ILE A O   1 
ATOM   589  O O   B ILE A 1 83  ? 1.523   3.272   -20.748 0.50 12.47 ? 90  ILE A O   1 
ATOM   590  C CB  A ILE A 1 83  ? 1.158   2.133   -17.710 0.50 17.49 ? 90  ILE A CB  1 
ATOM   591  C CB  B ILE A 1 83  ? 1.084   2.143   -17.810 0.50 17.56 ? 90  ILE A CB  1 
ATOM   592  C CG1 A ILE A 1 83  ? 1.333   1.024   -16.673 0.50 18.07 ? 90  ILE A CG1 1 
ATOM   593  C CG1 B ILE A 1 83  ? 2.178   3.195   -17.808 0.50 11.72 ? 90  ILE A CG1 1 
ATOM   594  C CG2 A ILE A 1 83  ? -0.082  2.948   -17.358 0.50 13.20 ? 90  ILE A CG2 1 
ATOM   595  C CG2 B ILE A 1 83  ? 1.330   1.098   -16.740 0.50 18.04 ? 90  ILE A CG2 1 
ATOM   596  C CD1 A ILE A 1 83  ? 0.087   0.200   -16.428 0.50 13.89 ? 90  ILE A CD1 1 
ATOM   597  C CD1 B ILE A 1 83  ? 2.427   3.754   -16.517 0.50 13.31 ? 90  ILE A CD1 1 
ATOM   598  N N   . SER A 1 84  ? -0.629  2.666   -20.499 1.00 11.32 ? 91  SER A N   1 
ATOM   599  C CA  . SER A 1 84  ? -1.122  3.556   -21.550 1.00 16.26 ? 91  SER A CA  1 
ATOM   600  C C   . SER A 1 84  ? -0.927  5.048   -21.258 1.00 17.11 ? 91  SER A C   1 
ATOM   601  O O   . SER A 1 84  ? -0.823  5.455   -20.103 1.00 11.65 ? 91  SER A O   1 
ATOM   602  C CB  . SER A 1 84  ? -2.602  3.290   -21.787 1.00 15.66 ? 91  SER A CB  1 
ATOM   603  O OG  . SER A 1 84  ? -3.376  4.008   -20.841 1.00 18.51 ? 91  SER A OG  1 
ATOM   604  N N   . SER A 1 85  ? -0.914  5.858   -22.317 1.00 16.22 ? 92  SER A N   1 
ATOM   605  C CA  . SER A 1 85  ? -0.746  7.298   -22.179 1.00 13.75 ? 92  SER A CA  1 
ATOM   606  C C   . SER A 1 85  ? -1.906  7.940   -21.397 1.00 14.99 ? 92  SER A C   1 
ATOM   607  O O   . SER A 1 85  ? -1.686  8.826   -20.574 1.00 11.10 ? 92  SER A O   1 
ATOM   608  C CB  . SER A 1 85  ? -0.600  7.945   -23.564 1.00 14.78 ? 92  SER A CB  1 
ATOM   609  O OG  . SER A 1 85  ? 0.641   7.591   -24.162 1.00 15.81 ? 92  SER A OG  1 
ATOM   610  N N   . LEU A 1 86  ? -3.133  7.497   -21.638 1.00 13.58 ? 93  LEU A N   1 
ATOM   611  C CA  . LEU A 1 86  ? -4.266  8.065   -20.902 1.00 14.81 ? 93  LEU A CA  1 
ATOM   612  C C   . LEU A 1 86  ? -4.167  7.841   -19.388 1.00 10.16 ? 93  LEU A C   1 
ATOM   613  O O   . LEU A 1 86  ? -4.469  8.740   -18.610 1.00 18.81 ? 93  LEU A O   1 
ATOM   614  C CB  . LEU A 1 86  ? -5.588  7.497   -21.420 1.00 15.00 ? 93  LEU A CB  1 
ATOM   615  C CG  . LEU A 1 86  ? -5.891  7.935   -22.859 1.00 28.24 ? 93  LEU A CG  1 
ATOM   616  C CD1 . LEU A 1 86  ? -7.155  7.275   -23.389 1.00 27.19 ? 93  LEU A CD1 1 
ATOM   617  C CD2 . LEU A 1 86  ? -5.970  9.465   -22.985 1.00 19.47 ? 93  LEU A CD2 1 
ATOM   618  N N   . ASN A 1 87  ? -3.738  6.651   -18.978 1.00 11.66 ? 94  ASN A N   1 
ATOM   619  C CA  . ASN A 1 87  ? -3.524  6.359   -17.564 1.00 7.94  ? 94  ASN A CA  1 
ATOM   620  C C   . ASN A 1 87  ? -2.367  7.156   -16.987 1.00 13.44 ? 94  ASN A C   1 
ATOM   621  O O   . ASN A 1 87  ? -2.451  7.665   -15.863 1.00 11.77 ? 94  ASN A O   1 
ATOM   622  C CB  . ASN A 1 87  ? -3.293  4.858   -17.348 1.00 13.33 ? 94  ASN A CB  1 
ATOM   623  C CG  . ASN A 1 87  ? -4.562  4.053   -17.519 1.00 19.00 ? 94  ASN A CG  1 
ATOM   624  O OD1 . ASN A 1 87  ? -5.659  4.601   -17.433 1.00 15.88 ? 94  ASN A OD1 1 
ATOM   625  N ND2 . ASN A 1 87  ? -4.422  2.757   -17.783 1.00 17.73 ? 94  ASN A ND2 1 
ATOM   626  N N   . ARG A 1 88  ? -1.290  7.282   -17.754 1.00 12.14 ? 95  ARG A N   1 
ATOM   627  C CA  . ARG A 1 88  ? -0.183  8.135   -17.345 1.00 10.08 ? 95  ARG A CA  1 
ATOM   628  C C   . ARG A 1 88  ? -0.668  9.575   -17.145 1.00 13.63 ? 95  ARG A C   1 
ATOM   629  O O   . ARG A 1 88  ? -0.297  10.241  -16.172 1.00 8.89  ? 95  ARG A O   1 
ATOM   630  C CB  . ARG A 1 88  ? 0.939   8.090   -18.382 1.00 16.73 ? 95  ARG A CB  1 
ATOM   631  C CG  . ARG A 1 88  ? 1.615   6.730   -18.502 1.00 15.90 ? 95  ARG A CG  1 
ATOM   632  C CD  . ARG A 1 88  ? 2.807   6.764   -19.438 1.00 16.09 ? 95  ARG A CD  1 
ATOM   633  N NE  . ARG A 1 88  ? 3.248   5.414   -19.765 1.00 20.29 ? 95  ARG A NE  1 
ATOM   634  C CZ  . ARG A 1 88  ? 4.516   5.067   -19.951 1.00 29.87 ? 95  ARG A CZ  1 
ATOM   635  N NH1 . ARG A 1 88  ? 5.474   5.978   -19.841 1.00 35.62 ? 95  ARG A NH1 1 
ATOM   636  N NH2 . ARG A 1 88  ? 4.830   3.808   -20.237 1.00 32.75 ? 95  ARG A NH2 1 
ATOM   637  N N   . GLY A 1 89  ? -1.502  10.050  -18.065 1.00 12.86 ? 96  GLY A N   1 
ATOM   638  C CA  . GLY A 1 89  ? -1.964  11.428  -18.003 1.00 14.11 ? 96  GLY A CA  1 
ATOM   639  C C   . GLY A 1 89  ? -2.844  11.687  -16.791 1.00 11.76 ? 96  GLY A C   1 
ATOM   640  O O   . GLY A 1 89  ? -2.827  12.776  -16.220 1.00 18.27 ? 96  GLY A O   1 
ATOM   641  N N   . MET A 1 90  ? -3.623  10.687  -16.394 1.00 10.85 ? 97  MET A N   1 
ATOM   642  C CA  . MET A 1 90  ? -4.454  10.813  -15.192 1.00 15.35 ? 97  MET A CA  1 
ATOM   643  C C   . MET A 1 90  ? -3.590  11.025  -13.958 1.00 8.66  ? 97  MET A C   1 
ATOM   644  O O   . MET A 1 90  ? -3.870  11.888  -13.145 1.00 11.61 ? 97  MET A O   1 
ATOM   645  C CB  . MET A 1 90  ? -5.337  9.579   -15.015 1.00 14.46 ? 97  MET A CB  1 
ATOM   646  C CG  . MET A 1 90  ? -6.371  9.441   -16.112 1.00 21.94 ? 97  MET A CG  1 
ATOM   647  S SD  . MET A 1 90  ? -7.382  7.969   -15.912 1.00 33.33 ? 97  MET A SD  1 
ATOM   648  C CE  . MET A 1 90  ? -8.153  8.307   -14.339 1.00 22.61 ? 97  MET A CE  1 
ATOM   649  N N   . VAL A 1 91  ? -2.540  10.226  -13.820 1.00 15.85 ? 98  VAL A N   1 
ATOM   650  C CA  . VAL A 1 91  ? -1.628  10.378  -12.692 1.00 9.23  ? 98  VAL A CA  1 
ATOM   651  C C   . VAL A 1 91  ? -0.917  11.739  -12.735 1.00 18.06 ? 98  VAL A C   1 
ATOM   652  O O   . VAL A 1 91  ? -0.787  12.420  -11.711 1.00 14.28 ? 98  VAL A O   1 
ATOM   653  C CB  . VAL A 1 91  ? -0.589  9.250   -12.661 1.00 10.37 ? 98  VAL A CB  1 
ATOM   654  C CG1 . VAL A 1 91  ? 0.568   9.601   -11.711 1.00 15.70 ? 98  VAL A CG1 1 
ATOM   655  C CG2 . VAL A 1 91  ? -1.262  7.943   -12.225 1.00 12.10 ? 98  VAL A CG2 1 
ATOM   656  N N   . ILE A 1 92  ? -0.464  12.140  -13.920 1.00 12.55 ? 99  ILE A N   1 
ATOM   657  C CA  . ILE A 1 92  ? 0.220   13.425  -14.045 1.00 12.73 ? 99  ILE A CA  1 
ATOM   658  C C   . ILE A 1 92  ? -0.715  14.572  -13.644 1.00 13.52 ? 99  ILE A C   1 
ATOM   659  O O   . ILE A 1 92  ? -0.303  15.507  -12.963 1.00 15.67 ? 99  ILE A O   1 
ATOM   660  C CB  . ILE A 1 92  ? 0.758   13.622  -15.458 1.00 15.33 ? 99  ILE A CB  1 
ATOM   661  C CG1 . ILE A 1 92  ? 2.031   12.792  -15.611 1.00 12.30 ? 99  ILE A CG1 1 
ATOM   662  C CG2 . ILE A 1 92  ? 1.042   15.110  -15.740 1.00 14.91 ? 99  ILE A CG2 1 
ATOM   663  C CD1 . ILE A 1 92  ? 2.600   12.801  -16.967 1.00 28.70 ? 99  ILE A CD1 1 
ATOM   664  N N   . GLY A 1 93  ? -1.978  14.480  -14.035 1.00 14.90 ? 100 GLY A N   1 
ATOM   665  C CA  . GLY A 1 93  ? -2.962  15.466  -13.628 1.00 20.55 ? 100 GLY A CA  1 
ATOM   666  C C   . GLY A 1 93  ? -3.155  15.527  -12.122 1.00 24.85 ? 100 GLY A C   1 
ATOM   667  O O   . GLY A 1 93  ? -3.307  16.604  -11.550 1.00 19.21 ? 100 GLY A O   1 
ATOM   668  N N   . HIS A 1 94  ? -3.143  14.363  -11.479 1.00 20.55 ? 101 HIS A N   1 
ATOM   669  C CA  . HIS A 1 94  ? -3.327  14.281  -10.030 1.00 19.33 ? 101 HIS A CA  1 
ATOM   670  C C   . HIS A 1 94  ? -2.127  14.844  -9.291  1.00 22.25 ? 101 HIS A C   1 
ATOM   671  O O   . HIS A 1 94  ? -2.274  15.530  -8.282  1.00 30.96 ? 101 HIS A O   1 
ATOM   672  C CB  . HIS A 1 94  ? -3.571  12.829  -9.601  1.00 20.30 ? 101 HIS A CB  1 
ATOM   673  C CG  . HIS A 1 94  ? -3.695  12.645  -8.117  1.00 20.99 ? 101 HIS A CG  1 
ATOM   674  N ND1 . HIS A 1 94  ? -2.607  12.445  -7.294  1.00 24.73 ? 101 HIS A ND1 1 
ATOM   675  C CD2 . HIS A 1 94  ? -4.785  12.614  -7.315  1.00 19.97 ? 101 HIS A CD2 1 
ATOM   676  C CE1 . HIS A 1 94  ? -3.021  12.295  -6.050  1.00 16.95 ? 101 HIS A CE1 1 
ATOM   677  N NE2 . HIS A 1 94  ? -4.336  12.394  -6.032  1.00 27.82 ? 101 HIS A NE2 1 
ATOM   678  N N   . ILE A 1 95  ? -0.938  14.566  -9.803  1.00 17.82 ? 102 ILE A N   1 
ATOM   679  C CA  . ILE A 1 95  ? 0.289   14.999  -9.151  1.00 22.85 ? 102 ILE A CA  1 
ATOM   680  C C   . ILE A 1 95  ? 0.558   16.493  -9.342  1.00 21.92 ? 102 ILE A C   1 
ATOM   681  O O   . ILE A 1 95  ? 1.181   17.119  -8.498  1.00 32.27 ? 102 ILE A O   1 
ATOM   682  C CB  . ILE A 1 95  ? 1.494   14.187  -9.652  1.00 15.17 ? 102 ILE A CB  1 
ATOM   683  C CG1 . ILE A 1 95  ? 1.336   12.726  -9.234  1.00 28.06 ? 102 ILE A CG1 1 
ATOM   684  C CG2 . ILE A 1 95  ? 2.802   14.714  -9.070  1.00 21.75 ? 102 ILE A CG2 1 
ATOM   685  C CD1 . ILE A 1 95  ? 2.640   12.052  -8.856  1.00 17.85 ? 102 ILE A CD1 1 
ATOM   686  N N   . SER A 1 96  ? 0.076   17.074  -10.434 1.00 25.70 ? 103 SER A N   1 
ATOM   687  C CA  . SER A 1 96  ? 0.266   18.508  -10.649 1.00 29.06 ? 103 SER A CA  1 
ATOM   688  C C   . SER A 1 96  ? -0.561  19.316  -9.649  1.00 29.66 ? 103 SER A C   1 
ATOM   689  O O   . SER A 1 96  ? -0.376  20.519  -9.499  1.00 34.50 ? 103 SER A O   1 
ATOM   690  C CB  . SER A 1 96  ? -0.105  18.902  -12.076 1.00 25.31 ? 103 SER A CB  1 
ATOM   691  O OG  . SER A 1 96  ? -1.507  18.829  -12.272 1.00 35.64 ? 103 SER A OG  1 
ATOM   692  N N   . GLU A 1 97  ? -1.477  18.643  -8.963  1.00 36.56 ? 104 GLU A N   1 
ATOM   693  C CA  . GLU A 1 97  ? -2.253  19.262  -7.895  1.00 37.77 ? 104 GLU A CA  1 
ATOM   694  C C   . GLU A 1 97  ? -1.569  19.017  -6.553  1.00 42.45 ? 104 GLU A C   1 
ATOM   695  O O   . GLU A 1 97  ? -1.603  19.858  -5.651  1.00 39.19 ? 104 GLU A O   1 
ATOM   696  C CB  . GLU A 1 97  ? -3.673  18.704  -7.888  1.00 39.83 ? 104 GLU A CB  1 
ATOM   697  C CG  . GLU A 1 97  ? -4.389  18.878  -9.215  1.00 24.30 ? 104 GLU A CG  1 
ATOM   698  C CD  . GLU A 1 97  ? -5.696  18.121  -9.249  1.00 49.76 ? 104 GLU A CD  1 
ATOM   699  O OE1 . GLU A 1 97  ? -5.780  17.062  -8.589  1.00 52.12 ? 104 GLU A OE1 1 
ATOM   700  O OE2 . GLU A 1 97  ? -6.642  18.591  -9.917  1.00 55.62 ? 104 GLU A OE2 1 
ATOM   701  N N   . THR A 1 98  ? -0.951  17.845  -6.446  1.00 27.12 ? 105 THR A N   1 
ATOM   702  C CA  . THR A 1 98  ? -0.164  17.454  -5.291  1.00 42.73 ? 105 THR A CA  1 
ATOM   703  C C   . THR A 1 98  ? 1.190   18.161  -5.324  1.00 34.10 ? 105 THR A C   1 
ATOM   704  O O   . THR A 1 98  ? 1.621   18.745  -4.335  1.00 20.18 ? 105 THR A O   1 
ATOM   705  C CB  . THR A 1 98  ? 0.021   15.932  -5.267  1.00 11.82 ? 105 THR A CB  1 
ATOM   706  N N   . ASN B 1 1   ? -14.786 -6.102  -3.375  1.00 45.67 ? 8   ASN B N   1 
ATOM   707  C CA  . ASN B 1 1   ? -13.855 -6.902  -2.592  1.00 30.99 ? 8   ASN B CA  1 
ATOM   708  C C   . ASN B 1 1   ? -12.723 -6.051  -2.002  1.00 27.66 ? 8   ASN B C   1 
ATOM   709  O O   . ASN B 1 1   ? -12.905 -4.862  -1.737  1.00 32.63 ? 8   ASN B O   1 
ATOM   710  C CB  . ASN B 1 1   ? -13.283 -8.041  -3.444  1.00 31.52 ? 8   ASN B CB  1 
ATOM   711  C CG  . ASN B 1 1   ? -12.798 -7.570  -4.805  1.00 33.20 ? 8   ASN B CG  1 
ATOM   712  O OD1 . ASN B 1 1   ? -12.660 -6.372  -5.048  1.00 45.42 ? 8   ASN B OD1 1 
ATOM   713  N ND2 . ASN B 1 1   ? -12.533 -8.519  -5.702  1.00 47.59 ? 8   ASN B ND2 1 
ATOM   714  N N   . VAL B 1 2   ? -11.561 -6.668  -1.806  1.00 14.53 ? 9   VAL B N   1 
ATOM   715  C CA  . VAL B 1 2   ? -10.503 -6.084  -0.992  1.00 14.58 ? 9   VAL B CA  1 
ATOM   716  C C   . VAL B 1 2   ? -9.249  -5.735  -1.794  1.00 14.14 ? 9   VAL B C   1 
ATOM   717  O O   . VAL B 1 2   ? -8.723  -6.558  -2.532  1.00 23.76 ? 9   VAL B O   1 
ATOM   718  C CB  . VAL B 1 2   ? -10.133 -7.042  0.156   1.00 19.26 ? 9   VAL B CB  1 
ATOM   719  C CG1 . VAL B 1 2   ? -8.885  -6.569  0.881   1.00 13.15 ? 9   VAL B CG1 1 
ATOM   720  C CG2 . VAL B 1 2   ? -11.298 -7.164  1.119   1.00 18.60 ? 9   VAL B CG2 1 
ATOM   721  N N   . PHE B 1 3   ? -8.785  -4.499  -1.639  1.00 14.45 ? 10  PHE B N   1 
ATOM   722  C CA  . PHE B 1 3   ? -7.579  -4.015  -2.303  1.00 17.18 ? 10  PHE B CA  1 
ATOM   723  C C   . PHE B 1 3   ? -6.439  -3.918  -1.301  1.00 15.64 ? 10  PHE B C   1 
ATOM   724  O O   . PHE B 1 3   ? -6.602  -3.331  -0.232  1.00 14.18 ? 10  PHE B O   1 
ATOM   725  C CB  . PHE B 1 3   ? -7.848  -2.650  -2.952  1.00 18.33 ? 10  PHE B CB  1 
ATOM   726  C CG  . PHE B 1 3   ? -6.616  -1.950  -3.457  1.00 21.39 ? 10  PHE B CG  1 
ATOM   727  C CD1 . PHE B 1 3   ? -5.886  -1.107  -2.630  1.00 15.34 ? 10  PHE B CD1 1 
ATOM   728  C CD2 . PHE B 1 3   ? -6.211  -2.101  -4.768  1.00 25.83 ? 10  PHE B CD2 1 
ATOM   729  C CE1 . PHE B 1 3   ? -4.759  -0.453  -3.104  1.00 15.20 ? 10  PHE B CE1 1 
ATOM   730  C CE2 . PHE B 1 3   ? -5.086  -1.441  -5.248  1.00 28.15 ? 10  PHE B CE2 1 
ATOM   731  C CZ  . PHE B 1 3   ? -4.367  -0.623  -4.428  1.00 13.96 ? 10  PHE B CZ  1 
ATOM   732  N N   . THR B 1 4   ? -5.283  -4.461  -1.678  1.00 13.60 ? 11  THR B N   1 
ATOM   733  C CA  . THR B 1 4   ? -4.106  -4.516  -0.813  1.00 12.18 ? 11  THR B CA  1 
ATOM   734  C C   . THR B 1 4   ? -2.936  -3.662  -1.345  1.00 18.38 ? 11  THR B C   1 
ATOM   735  O O   . THR B 1 4   ? -2.598  -3.736  -2.515  1.00 10.41 ? 11  THR B O   1 
ATOM   736  C CB  . THR B 1 4   ? -3.613  -5.976  -0.659  1.00 18.34 ? 11  THR B CB  1 
ATOM   737  O OG1 . THR B 1 4   ? -4.709  -6.821  -0.278  1.00 20.43 ? 11  THR B OG1 1 
ATOM   738  C CG2 . THR B 1 4   ? -2.502  -6.066  0.386   1.00 13.23 ? 11  THR B CG2 1 
ATOM   739  N N   . ALA B 1 5   ? -2.335  -2.857  -0.474  1.00 11.55 ? 12  ALA B N   1 
ATOM   740  C CA  . ALA B 1 5   ? -1.059  -2.199  -0.752  1.00 13.22 ? 12  ALA B CA  1 
ATOM   741  C C   . ALA B 1 5   ? -0.329  -2.053  0.562   1.00 9.20  ? 12  ALA B C   1 
ATOM   742  O O   . ALA B 1 5   ? -0.496  -2.867  1.460   1.00 5.95  ? 12  ALA B O   1 
ATOM   743  C CB  . ALA B 1 5   ? -1.246  -0.830  -1.403  1.00 9.25  ? 12  ALA B CB  1 
ATOM   744  N N   . GLN B 1 6   ? 0.474   -1.004  0.661   1.00 5.62  ? 13  GLN B N   1 
ATOM   745  C CA  . GLN B 1 6   ? 1.165   -0.695  1.888   1.00 8.35  ? 13  GLN B CA  1 
ATOM   746  C C   . GLN B 1 6   ? 0.864   0.736   2.344   1.00 10.82 ? 13  GLN B C   1 
ATOM   747  O O   . GLN B 1 6   ? 0.318   1.534   1.583   1.00 6.94  ? 13  GLN B O   1 
ATOM   748  C CB  . GLN B 1 6   ? 2.657   -0.912  1.703   1.00 8.48  ? 13  GLN B CB  1 
ATOM   749  C CG  . GLN B 1 6   ? 2.984   -2.400  1.569   1.00 8.88  ? 13  GLN B CG  1 
ATOM   750  C CD  . GLN B 1 6   ? 4.457   -2.650  1.421   1.00 11.50 ? 13  GLN B CD  1 
ATOM   751  O OE1 . GLN B 1 6   ? 5.142   -1.935  0.696   1.00 13.90 ? 13  GLN B OE1 1 
ATOM   752  N NE2 . GLN B 1 6   ? 4.958   -3.668  2.105   1.00 6.85  ? 13  GLN B NE2 1 
ATOM   753  N N   . ASN B 1 7   ? 1.199   1.034   3.593   1.00 10.27 ? 14  ASN B N   1 
ATOM   754  C CA  . ASN B 1 7   ? 1.075   2.389   4.151   1.00 7.75  ? 14  ASN B CA  1 
ATOM   755  C C   . ASN B 1 7   ? 2.059   2.525   5.291   1.00 7.56  ? 14  ASN B C   1 
ATOM   756  O O   . ASN B 1 7   ? 2.768   1.567   5.612   1.00 12.10 ? 14  ASN B O   1 
ATOM   757  C CB  . ASN B 1 7   ? -0.355  2.664   4.625   1.00 7.86  ? 14  ASN B CB  1 
ATOM   758  C CG  . ASN B 1 7   ? -1.275  3.098   3.488   1.00 13.01 ? 14  ASN B CG  1 
ATOM   759  O OD1 . ASN B 1 7   ? -2.164  2.362   3.089   1.00 10.80 ? 14  ASN B OD1 1 
ATOM   760  N ND2 . ASN B 1 7   ? -1.045  4.299   2.953   1.00 7.40  ? 14  ASN B ND2 1 
ATOM   761  N N   . THR B 1 8   ? 2.094   3.697   5.908   1.00 10.07 ? 15  THR B N   1 
ATOM   762  C CA  . THR B 1 8   ? 3.040   3.979   6.974   1.00 16.53 ? 15  THR B CA  1 
ATOM   763  C C   . THR B 1 8   ? 2.287   4.182   8.286   1.00 13.10 ? 15  THR B C   1 
ATOM   764  O O   . THR B 1 8   ? 1.391   5.024   8.370   1.00 9.72  ? 15  THR B O   1 
ATOM   765  C CB  . THR B 1 8   ? 3.896   5.239   6.654   1.00 13.42 ? 15  THR B CB  1 
ATOM   766  O OG1 . THR B 1 8   ? 4.688   5.008   5.472   1.00 15.28 ? 15  THR B OG1 1 
ATOM   767  C CG2 . THR B 1 8   ? 4.818   5.545   7.808   1.00 13.71 ? 15  THR B CG2 1 
ATOM   768  N N   . ALA B 1 9   ? 2.651   3.406   9.305   1.00 12.88 ? 16  ALA B N   1 
ATOM   769  C CA  . ALA B 1 9   ? 2.014   3.501   10.616  1.00 9.12  ? 16  ALA B CA  1 
ATOM   770  C C   . ALA B 1 9   ? 2.994   4.021   11.663  1.00 14.40 ? 16  ALA B C   1 
ATOM   771  O O   . ALA B 1 9   ? 4.208   3.956   11.476  1.00 12.92 ? 16  ALA B O   1 
ATOM   772  C CB  . ALA B 1 9   ? 1.464   2.150   11.031  1.00 10.70 ? 16  ALA B CB  1 
ATOM   773  N N   . GLN B 1 10  ? 2.451   4.532   12.763  1.00 12.46 ? 17  GLN B N   1 
ATOM   774  C CA  . GLN B 1 10  ? 3.242   5.112   13.844  1.00 18.53 ? 17  GLN B CA  1 
ATOM   775  C C   . GLN B 1 10  ? 3.027   4.309   15.127  1.00 14.86 ? 17  GLN B C   1 
ATOM   776  O O   . GLN B 1 10  ? 1.893   3.923   15.427  1.00 12.65 ? 17  GLN B O   1 
ATOM   777  C CB  . GLN B 1 10  ? 2.845   6.589   14.075  1.00 10.55 ? 17  GLN B CB  1 
ATOM   778  C CG  . GLN B 1 10  ? 2.960   7.513   12.858  1.00 27.14 ? 17  GLN B CG  1 
ATOM   779  C CD  . GLN B 1 10  ? 1.830   7.338   11.841  1.00 27.78 ? 17  GLN B CD  1 
ATOM   780  O OE1 . GLN B 1 10  ? 0.653   7.202   12.200  1.00 20.20 ? 17  GLN B OE1 1 
ATOM   781  N NE2 . GLN B 1 10  ? 2.191   7.341   10.558  1.00 24.34 ? 17  GLN B NE2 1 
ATOM   782  N N   . ASP B 1 11  ? 4.089   4.049   15.891  1.00 13.87 ? 18  ASP B N   1 
ATOM   783  C CA  . ASP B 1 11  ? 3.878   3.528   17.248  1.00 13.69 ? 18  ASP B CA  1 
ATOM   784  C C   . ASP B 1 11  ? 3.609   4.698   18.205  1.00 12.59 ? 18  ASP B C   1 
ATOM   785  O O   . ASP B 1 11  ? 3.548   5.858   17.785  1.00 14.76 ? 18  ASP B O   1 
ATOM   786  C CB  . ASP B 1 11  ? 5.060   2.664   17.728  1.00 18.80 ? 18  ASP B CB  1 
ATOM   787  C CG  . ASP B 1 11  ? 6.372   3.434   17.862  1.00 18.41 ? 18  ASP B CG  1 
ATOM   788  O OD1 . ASP B 1 11  ? 6.375   4.681   17.956  1.00 25.64 ? 18  ASP B OD1 1 
ATOM   789  O OD2 . ASP B 1 11  ? 7.428   2.766   17.888  1.00 36.46 ? 18  ASP B OD2 1 
ATOM   790  N N   . PHE B 1 12  ? 3.440   4.410   19.487  1.00 23.13 ? 19  PHE B N   1 
ATOM   791  C CA  . PHE B 1 12  ? 3.003   5.465   20.392  1.00 21.25 ? 19  PHE B CA  1 
ATOM   792  C C   . PHE B 1 12  ? 4.092   6.521   20.608  1.00 33.85 ? 19  PHE B C   1 
ATOM   793  O O   . PHE B 1 12  ? 3.798   7.640   21.037  1.00 39.17 ? 19  PHE B O   1 
ATOM   794  C CB  . PHE B 1 12  ? 2.539   4.878   21.722  1.00 40.01 ? 19  PHE B CB  1 
ATOM   795  C CG  . PHE B 1 12  ? 1.698   3.646   21.577  1.00 37.03 ? 19  PHE B CG  1 
ATOM   796  C CD1 . PHE B 1 12  ? 0.320   3.745   21.470  1.00 42.68 ? 19  PHE B CD1 1 
ATOM   797  C CD2 . PHE B 1 12  ? 2.278   2.390   21.567  1.00 36.54 ? 19  PHE B CD2 1 
ATOM   798  C CE1 . PHE B 1 12  ? -0.467  2.615   21.342  1.00 38.39 ? 19  PHE B CE1 1 
ATOM   799  C CE2 . PHE B 1 12  ? 1.495   1.252   21.447  1.00 40.70 ? 19  PHE B CE2 1 
ATOM   800  C CZ  . PHE B 1 12  ? 0.119   1.367   21.336  1.00 36.41 ? 19  PHE B CZ  1 
ATOM   801  N N   . ASN B 1 13  ? 5.326   6.193   20.234  1.00 30.25 ? 20  ASN B N   1 
ATOM   802  C CA  . ASN B 1 13  ? 6.429   7.137   20.336  1.00 23.96 ? 20  ASN B CA  1 
ATOM   803  C C   . ASN B 1 13  ? 6.626   7.951   19.068  1.00 24.96 ? 20  ASN B C   1 
ATOM   804  O O   . ASN B 1 13  ? 7.501   8.811   19.014  1.00 26.98 ? 20  ASN B O   1 
ATOM   805  C CB  . ASN B 1 13  ? 7.719   6.398   20.684  1.00 33.85 ? 20  ASN B CB  1 
ATOM   806  C CG  . ASN B 1 13  ? 7.666   5.765   22.058  1.00 51.09 ? 20  ASN B CG  1 
ATOM   807  O OD1 . ASN B 1 13  ? 7.987   4.585   22.227  1.00 53.30 ? 20  ASN B OD1 1 
ATOM   808  N ND2 . ASN B 1 13  ? 7.270   6.553   23.053  1.00 39.19 ? 20  ASN B ND2 1 
ATOM   809  N N   . GLY B 1 14  ? 5.810   7.678   18.052  1.00 16.31 ? 21  GLY B N   1 
ATOM   810  C CA  . GLY B 1 14  ? 5.877   8.418   16.810  1.00 22.03 ? 21  GLY B CA  1 
ATOM   811  C C   . GLY B 1 14  ? 6.732   7.752   15.753  1.00 22.98 ? 21  GLY B C   1 
ATOM   812  O O   . GLY B 1 14  ? 6.803   8.221   14.613  1.00 17.03 ? 21  GLY B O   1 
ATOM   813  N N   . ASN B 1 15  ? 7.381   6.651   16.121  1.00 17.07 ? 22  ASN B N   1 
ATOM   814  C CA  . ASN B 1 15  ? 8.260   5.960   15.189  1.00 19.53 ? 22  ASN B CA  1 
ATOM   815  C C   . ASN B 1 15  ? 7.493   5.220   14.094  1.00 23.27 ? 22  ASN B C   1 
ATOM   816  O O   . ASN B 1 15  ? 6.490   4.563   14.362  1.00 18.64 ? 22  ASN B O   1 
ATOM   817  C CB  . ASN B 1 15  ? 9.166   5.001   15.953  1.00 18.52 ? 22  ASN B CB  1 
ATOM   818  C CG  . ASN B 1 15  ? 10.040  5.726   16.950  1.00 31.35 ? 22  ASN B CG  1 
ATOM   819  O OD1 . ASN B 1 15  ? 10.549  6.814   16.665  1.00 34.03 ? 22  ASN B OD1 1 
ATOM   820  N ND2 . ASN B 1 15  ? 10.206  5.143   18.131  1.00 31.52 ? 22  ASN B ND2 1 
ATOM   821  N N   . GLU B 1 16  ? 7.983   5.331   12.862  1.00 15.99 ? 23  GLU B N   1 
ATOM   822  C CA  . GLU B 1 16  ? 7.240   4.882   11.690  1.00 18.78 ? 23  GLU B CA  1 
ATOM   823  C C   . GLU B 1 16  ? 7.724   3.545   11.142  1.00 19.75 ? 23  GLU B C   1 
ATOM   824  O O   . GLU B 1 16  ? 8.904   3.218   11.204  1.00 20.29 ? 23  GLU B O   1 
ATOM   825  C CB  . GLU B 1 16  ? 7.308   5.946   10.582  1.00 15.36 ? 23  GLU B CB  1 
ATOM   826  C CG  . GLU B 1 16  ? 6.585   7.234   10.946  1.00 26.99 ? 23  GLU B CG  1 
ATOM   827  C CD  . GLU B 1 16  ? 6.438   8.179   9.772   1.00 40.83 ? 23  GLU B CD  1 
ATOM   828  O OE1 . GLU B 1 16  ? 7.371   8.260   8.946   1.00 48.03 ? 23  GLU B OE1 1 
ATOM   829  O OE2 . GLU B 1 16  ? 5.380   8.842   9.676   1.00 47.90 ? 23  GLU B OE2 1 
ATOM   830  N N   . SER B 1 17  ? 6.785   2.781   10.593  1.00 16.19 ? 24  SER B N   1 
ATOM   831  C CA  . SER B 1 17  ? 7.062   1.484   10.007  1.00 11.99 ? 24  SER B CA  1 
ATOM   832  C C   . SER B 1 17  ? 6.160   1.276   8.802   1.00 13.11 ? 24  SER B C   1 
ATOM   833  O O   . SER B 1 17  ? 5.049   1.792   8.766   1.00 12.77 ? 24  SER B O   1 
ATOM   834  C CB  . SER B 1 17  ? 6.822   0.367   11.025  1.00 20.01 ? 24  SER B CB  1 
ATOM   835  O OG  . SER B 1 17  ? 7.608   0.540   12.185  1.00 41.03 ? 24  SER B OG  1 
ATOM   836  N N   . THR B 1 18  ? 6.632   0.505   7.833   1.00 13.22 ? 25  THR B N   1 
ATOM   837  C CA  . THR B 1 18  ? 5.824   0.141   6.685   1.00 14.05 ? 25  THR B CA  1 
ATOM   838  C C   . THR B 1 18  ? 4.959   -1.060  7.041   1.00 13.76 ? 25  THR B C   1 
ATOM   839  O O   . THR B 1 18  ? 5.451   -2.039  7.617   1.00 12.30 ? 25  THR B O   1 
ATOM   840  C CB  . THR B 1 18  ? 6.695   -0.187  5.453   1.00 15.02 ? 25  THR B CB  1 
ATOM   841  O OG1 . THR B 1 18  ? 7.476   0.966   5.095   1.00 16.01 ? 25  THR B OG1 1 
ATOM   842  C CG2 . THR B 1 18  ? 5.807   -0.549  4.286   1.00 10.49 ? 25  THR B CG2 1 
ATOM   843  N N   . VAL B 1 19  ? 3.667   -0.969  6.721   1.00 11.83 ? 26  VAL B N   1 
ATOM   844  C CA  . VAL B 1 19  ? 2.685   -2.004  7.077   1.00 4.87  ? 26  VAL B CA  1 
ATOM   845  C C   . VAL B 1 19  ? 1.907   -2.363  5.816   1.00 11.12 ? 26  VAL B C   1 
ATOM   846  O O   . VAL B 1 19  ? 1.884   -1.579  4.867   1.00 8.14  ? 26  VAL B O   1 
ATOM   847  C CB  . VAL B 1 19  ? 1.691   -1.528  8.175   1.00 9.51  ? 26  VAL B CB  1 
ATOM   848  C CG1 . VAL B 1 19  ? 2.414   -1.203  9.486   1.00 10.05 ? 26  VAL B CG1 1 
ATOM   849  C CG2 . VAL B 1 19  ? 0.915   -0.304  7.687   1.00 7.53  ? 26  VAL B CG2 1 
ATOM   850  N N   . LYS B 1 20  ? 1.299   -3.552  5.800   1.00 7.65  ? 27  LYS B N   1 
ATOM   851  C CA  . LYS B 1 20  ? 0.377   -3.942  4.744   1.00 10.87 ? 27  LYS B CA  1 
ATOM   852  C C   . LYS B 1 20  ? -0.987  -3.336  5.060   1.00 9.39  ? 27  LYS B C   1 
ATOM   853  O O   . LYS B 1 20  ? -1.378  -3.254  6.227   1.00 4.90  ? 27  LYS B O   1 
ATOM   854  C CB  . LYS B 1 20  ? 0.287   -5.467  4.641   1.00 8.78  ? 27  LYS B CB  1 
ATOM   855  C CG  . LYS B 1 20  ? -0.179  -6.067  3.322   1.00 13.06 ? 27  LYS B CG  1 
ATOM   856  C CD  . LYS B 1 20  ? 0.342   -7.567  3.259   1.00 16.73 ? 27  LYS B CD  1 
ATOM   857  C CE  . LYS B 1 20  ? -0.301  -8.453  2.176   1.00 31.59 ? 27  LYS B CE  1 
ATOM   858  N NZ  . LYS B 1 20  ? 0.467   -9.755  1.965   1.00 13.68 ? 27  LYS B NZ  1 
ATOM   859  N N   . SER B 1 21  ? -1.698  -2.890  4.031   1.00 9.47  ? 28  SER B N   1 
ATOM   860  C CA  . SER B 1 21  ? -2.943  -2.143  4.234   1.00 7.69  ? 28  SER B CA  1 
ATOM   861  C C   . SER B 1 21  ? -4.061  -2.714  3.379   1.00 9.45  ? 28  SER B C   1 
ATOM   862  O O   . SER B 1 21  ? -3.841  -3.156  2.241   1.00 11.16 ? 28  SER B O   1 
ATOM   863  C CB  . SER B 1 21  ? -2.724  -0.650  3.926   1.00 9.96  ? 28  SER B CB  1 
ATOM   864  O OG  . SER B 1 21  ? -2.201  -0.443  2.619   1.00 10.04 ? 28  SER B OG  1 
ATOM   865  N N   . PHE B 1 22  ? -5.265  -2.717  3.936   1.00 5.78  ? 29  PHE B N   1 
ATOM   866  C CA  . PHE B 1 22  ? -6.399  -3.431  3.349   1.00 12.79 ? 29  PHE B CA  1 
ATOM   867  C C   . PHE B 1 22  ? -7.594  -2.485  3.238   1.00 10.03 ? 29  PHE B C   1 
ATOM   868  O O   . PHE B 1 22  ? -8.054  -1.918  4.239   1.00 13.03 ? 29  PHE B O   1 
ATOM   869  C CB  . PHE B 1 22  ? -6.760  -4.680  4.188   1.00 9.97  ? 29  PHE B CB  1 
ATOM   870  C CG  . PHE B 1 22  ? -5.640  -5.676  4.291   1.00 11.84 ? 29  PHE B CG  1 
ATOM   871  C CD1 . PHE B 1 22  ? -4.670  -5.553  5.277   1.00 14.32 ? 29  PHE B CD1 1 
ATOM   872  C CD2 . PHE B 1 22  ? -5.524  -6.706  3.368   1.00 9.76  ? 29  PHE B CD2 1 
ATOM   873  C CE1 . PHE B 1 22  ? -3.617  -6.466  5.359   1.00 12.44 ? 29  PHE B CE1 1 
ATOM   874  C CE2 . PHE B 1 22  ? -4.474  -7.616  3.438   1.00 15.88 ? 29  PHE B CE2 1 
ATOM   875  C CZ  . PHE B 1 22  ? -3.519  -7.490  4.428   1.00 11.97 ? 29  PHE B CZ  1 
ATOM   876  N N   . TYR B 1 23  ? -8.066  -2.323  2.006   1.00 7.51  ? 30  TYR B N   1 
ATOM   877  C CA  . TYR B 1 23  ? -9.069  -1.336  1.620   1.00 8.57  ? 30  TYR B CA  1 
ATOM   878  C C   . TYR B 1 23  ? -10.310 -2.025  1.078   1.00 10.27 ? 30  TYR B C   1 
ATOM   879  O O   . TYR B 1 23  ? -10.199 -3.056  0.440   1.00 12.09 ? 30  TYR B O   1 
ATOM   880  C CB  . TYR B 1 23  ? -8.508  -0.389  0.531   1.00 9.89  ? 30  TYR B CB  1 
ATOM   881  C CG  . TYR B 1 23  ? -7.449  0.581   1.004   1.00 10.69 ? 30  TYR B CG  1 
ATOM   882  C CD1 . TYR B 1 23  ? -6.132  0.178   1.158   1.00 10.12 ? 30  TYR B CD1 1 
ATOM   883  C CD2 . TYR B 1 23  ? -7.769  1.905   1.289   1.00 8.08  ? 30  TYR B CD2 1 
ATOM   884  C CE1 . TYR B 1 23  ? -5.157  1.055   1.582   1.00 6.92  ? 30  TYR B CE1 1 
ATOM   885  C CE2 . TYR B 1 23  ? -6.800  2.792   1.712   1.00 11.50 ? 30  TYR B CE2 1 
ATOM   886  C CZ  . TYR B 1 23  ? -5.500  2.360   1.854   1.00 8.39  ? 30  TYR B CZ  1 
ATOM   887  O OH  . TYR B 1 23  ? -4.542  3.223   2.289   1.00 7.87  ? 30  TYR B OH  1 
ATOM   888  N N   . VAL B 1 24  ? -11.488 -1.463  1.317   1.00 9.98  ? 31  VAL B N   1 
ATOM   889  C CA  . VAL B 1 24  ? -12.661 -1.873  0.552   1.00 16.29 ? 31  VAL B CA  1 
ATOM   890  C C   . VAL B 1 24  ? -13.130 -0.668  -0.256  1.00 21.19 ? 31  VAL B C   1 
ATOM   891  O O   . VAL B 1 24  ? -12.654 0.445   -0.047  1.00 15.22 ? 31  VAL B O   1 
ATOM   892  C CB  . VAL B 1 24  ? -13.814 -2.405  1.441   1.00 14.53 ? 31  VAL B CB  1 
ATOM   893  C CG1 . VAL B 1 24  ? -13.380 -3.652  2.189   1.00 16.82 ? 31  VAL B CG1 1 
ATOM   894  C CG2 . VAL B 1 24  ? -14.297 -1.327  2.406   1.00 18.34 ? 31  VAL B CG2 1 
ATOM   895  N N   . THR B 1 25  ? -14.053 -0.881  -1.185  1.00 21.52 ? 32  THR B N   1 
ATOM   896  C CA  . THR B 1 25  ? -14.557 0.231   -1.981  1.00 18.62 ? 32  THR B CA  1 
ATOM   897  C C   . THR B 1 25  ? -16.041 0.494   -1.733  1.00 24.50 ? 32  THR B C   1 
ATOM   898  O O   . THR B 1 25  ? -16.876 -0.392  -1.902  1.00 27.91 ? 32  THR B O   1 
ATOM   899  C CB  . THR B 1 25  ? -14.310 -0.018  -3.474  1.00 23.01 ? 32  THR B CB  1 
ATOM   900  O OG1 . THR B 1 25  ? -12.898 -0.101  -3.696  1.00 19.90 ? 32  THR B OG1 1 
ATOM   901  C CG2 . THR B 1 25  ? -14.884 1.121   -4.315  1.00 25.33 ? 32  THR B CG2 1 
ATOM   902  N N   . ARG B 1 26  ? -16.354 1.719   -1.309  1.00 26.61 ? 33  ARG B N   1 
ATOM   903  C CA  . ARG B 1 26  ? -17.733 2.151   -1.088  1.00 26.80 ? 33  ARG B CA  1 
ATOM   904  C C   . ARG B 1 26  ? -18.020 3.467   -1.813  1.00 36.81 ? 33  ARG B C   1 
ATOM   905  O O   . ARG B 1 26  ? -17.454 4.509   -1.472  1.00 35.85 ? 33  ARG B O   1 
ATOM   906  C CB  . ARG B 1 26  ? -18.013 2.296   0.397   1.00 29.80 ? 33  ARG B CB  1 
ATOM   907  N N   . THR B 1 27  ? -18.900 3.403   -2.808  1.00 34.70 ? 34  THR B N   1 
ATOM   908  C CA  . THR B 1 27  ? -19.259 4.557   -3.632  1.00 25.80 ? 34  THR B CA  1 
ATOM   909  C C   . THR B 1 27  ? -18.054 5.135   -4.364  1.00 39.08 ? 34  THR B C   1 
ATOM   910  O O   . THR B 1 27  ? -17.869 6.353   -4.405  1.00 42.14 ? 34  THR B O   1 
ATOM   911  C CB  . THR B 1 27  ? -19.925 5.630   -2.782  1.00 38.15 ? 34  THR B CB  1 
ATOM   912  N N   . GLY B 1 28  ? -17.233 4.264   -4.943  1.00 32.01 ? 35  GLY B N   1 
ATOM   913  C CA  . GLY B 1 28  ? -16.084 4.705   -5.719  1.00 31.27 ? 35  GLY B CA  1 
ATOM   914  C C   . GLY B 1 28  ? -14.874 5.116   -4.893  1.00 33.97 ? 35  GLY B C   1 
ATOM   915  O O   . GLY B 1 28  ? -13.785 5.295   -5.438  1.00 34.11 ? 35  GLY B O   1 
ATOM   916  N N   . LYS B 1 29  ? -15.059 5.247   -3.580  1.00 30.45 ? 36  LYS B N   1 
ATOM   917  C CA  . LYS B 1 29  ? -13.988 5.678   -2.683  1.00 32.42 ? 36  LYS B CA  1 
ATOM   918  C C   . LYS B 1 29  ? -13.345 4.518   -1.910  1.00 33.11 ? 36  LYS B C   1 
ATOM   919  O O   . LYS B 1 29  ? -14.013 3.567   -1.503  1.00 22.21 ? 36  LYS B O   1 
ATOM   920  C CB  . LYS B 1 29  ? -14.512 6.726   -1.708  1.00 26.33 ? 36  LYS B CB  1 
ATOM   921  N N   . LYS B 1 30  ? -12.034 4.619   -1.712  1.00 19.63 ? 37  LYS B N   1 
ATOM   922  C CA  . LYS B 1 30  ? -11.270 3.597   -1.013  1.00 22.40 ? 37  LYS B CA  1 
ATOM   923  C C   . LYS B 1 30  ? -11.277 3.869   0.481   1.00 24.18 ? 37  LYS B C   1 
ATOM   924  O O   . LYS B 1 30  ? -10.916 4.955   0.925   1.00 22.23 ? 37  LYS B O   1 
ATOM   925  C CB  . LYS B 1 30  ? -9.832  3.549   -1.539  1.00 29.32 ? 37  LYS B CB  1 
ATOM   926  C CG  . LYS B 1 30  ? -9.685  2.945   -2.945  1.00 26.49 ? 37  LYS B CG  1 
ATOM   927  C CD  . LYS B 1 30  ? -9.587  1.432   -2.887  1.00 23.70 ? 37  LYS B CD  1 
ATOM   928  C CE  . LYS B 1 30  ? -9.707  0.791   -4.261  1.00 28.20 ? 37  LYS B CE  1 
ATOM   929  N NZ  . LYS B 1 30  ? -10.982 1.150   -4.940  1.00 35.00 ? 37  LYS B NZ  1 
ATOM   930  N N   . ILE B 1 31  ? -11.699 2.877   1.253   1.00 17.03 ? 38  ILE B N   1 
ATOM   931  C CA  . ILE B 1 31  ? -11.775 3.004   2.704   1.00 15.07 ? 38  ILE B CA  1 
ATOM   932  C C   . ILE B 1 31  ? -10.733 2.091   3.321   1.00 11.70 ? 38  ILE B C   1 
ATOM   933  O O   . ILE B 1 31  ? -10.774 0.886   3.107   1.00 10.74 ? 38  ILE B O   1 
ATOM   934  C CB  . ILE B 1 31  ? -13.186 2.644   3.237   1.00 16.98 ? 38  ILE B CB  1 
ATOM   935  C CG1 . ILE B 1 31  ? -14.257 3.500   2.556   1.00 25.98 ? 38  ILE B CG1 1 
ATOM   936  C CG2 . ILE B 1 31  ? -13.271 2.803   4.754   1.00 18.53 ? 38  ILE B CG2 1 
ATOM   937  C CD1 . ILE B 1 31  ? -15.664 3.204   3.035   1.00 33.32 ? 38  ILE B CD1 1 
ATOM   938  N N   . LEU B 1 32  ? -9.786  2.671   4.052   1.00 11.73 ? 39  LEU B N   1 
ATOM   939  C CA  . LEU B 1 32  ? -8.803  1.892   4.791   1.00 12.13 ? 39  LEU B CA  1 
ATOM   940  C C   . LEU B 1 32  ? -9.493  1.141   5.928   1.00 14.46 ? 39  LEU B C   1 
ATOM   941  O O   . LEU B 1 32  ? -10.051 1.773   6.822   1.00 9.23  ? 39  LEU B O   1 
ATOM   942  C CB  . LEU B 1 32  ? -7.698  2.798   5.346   1.00 7.16  ? 39  LEU B CB  1 
ATOM   943  C CG  . LEU B 1 32  ? -6.596  2.042   6.076   1.00 9.96  ? 39  LEU B CG  1 
ATOM   944  C CD1 . LEU B 1 32  ? -5.987  0.977   5.154   1.00 7.62  ? 39  LEU B CD1 1 
ATOM   945  C CD2 . LEU B 1 32  ? -5.536  2.980   6.591   1.00 8.97  ? 39  LEU B CD2 1 
ATOM   946  N N   . VAL B 1 33  ? -9.464  -0.192  5.881   1.00 8.18  ? 40  VAL B N   1 
ATOM   947  C CA  . VAL B 1 33  ? -10.165 -1.034  6.862   1.00 8.97  ? 40  VAL B CA  1 
ATOM   948  C C   . VAL B 1 33  ? -9.212  -1.635  7.896   1.00 11.29 ? 40  VAL B C   1 
ATOM   949  O O   . VAL B 1 33  ? -9.521  -1.682  9.083   1.00 11.92 ? 40  VAL B O   1 
ATOM   950  C CB  . VAL B 1 33  ? -10.943 -2.187  6.162   1.00 8.87  ? 40  VAL B CB  1 
ATOM   951  C CG1 . VAL B 1 33  ? -11.525 -3.192  7.182   1.00 9.10  ? 40  VAL B CG1 1 
ATOM   952  C CG2 . VAL B 1 33  ? -12.044 -1.619  5.288   1.00 12.50 ? 40  VAL B CG2 1 
ATOM   953  N N   . ALA B 1 34  ? -8.044  -2.091  7.461   1.00 8.66  ? 41  ALA B N   1 
ATOM   954  C CA  . ALA B 1 34  ? -7.124  -2.746  8.385   1.00 11.75 ? 41  ALA B CA  1 
ATOM   955  C C   . ALA B 1 34  ? -5.686  -2.660  7.909   1.00 8.96  ? 41  ALA B C   1 
ATOM   956  O O   . ALA B 1 34  ? -5.441  -2.409  6.738   1.00 8.73  ? 41  ALA B O   1 
ATOM   957  C CB  . ALA B 1 34  ? -7.522  -4.230  8.577   1.00 6.31  ? 41  ALA B CB  1 
ATOM   958  N N   . ILE B 1 35  ? -4.745  -2.904  8.816   1.00 6.79  ? 42  ILE B N   1 
ATOM   959  C CA  . ILE B 1 35  ? -3.343  -3.093  8.442   1.00 4.04  ? 42  ILE B CA  1 
ATOM   960  C C   . ILE B 1 35  ? -2.782  -4.338  9.151   1.00 9.40  ? 42  ILE B C   1 
ATOM   961  O O   . ILE B 1 35  ? -3.307  -4.756  10.188  1.00 12.87 ? 42  ILE B O   1 
ATOM   962  C CB  . ILE B 1 35  ? -2.472  -1.868  8.804   1.00 5.77  ? 42  ILE B CB  1 
ATOM   963  C CG1 . ILE B 1 35  ? -2.530  -1.623  10.322  1.00 9.02  ? 42  ILE B CG1 1 
ATOM   964  C CG2 . ILE B 1 35  ? -2.936  -0.626  8.039   1.00 4.36  ? 42  ILE B CG2 1 
ATOM   965  C CD1 . ILE B 1 35  ? -1.446  -0.715  10.855  1.00 7.26  ? 42  ILE B CD1 1 
ATOM   966  N N   . THR B 1 36  ? -1.740  -4.947  8.587   1.00 15.16 ? 43  THR B N   1 
ATOM   967  C CA  . THR B 1 36  ? -0.971  -5.954  9.322   1.00 11.42 ? 43  THR B CA  1 
ATOM   968  C C   . THR B 1 36  ? 0.503   -5.550  9.437   1.00 10.62 ? 43  THR B C   1 
ATOM   969  O O   . THR B 1 36  ? 1.042   -4.794  8.629   1.00 9.97  ? 43  THR B O   1 
ATOM   970  C CB  . THR B 1 36  ? -1.089  -7.382  8.704   1.00 11.68 ? 43  THR B CB  1 
ATOM   971  O OG1 . THR B 1 36  ? -0.665  -7.385  7.336   1.00 11.49 ? 43  THR B OG1 1 
ATOM   972  C CG2 . THR B 1 36  ? -2.527  -7.873  8.787   1.00 8.99  ? 43  THR B CG2 1 
ATOM   973  N N   . SER B 1 37  ? 1.148   -6.058  10.473  1.00 11.21 ? 44  SER B N   1 
ATOM   974  C CA  . SER B 1 37  ? 2.517   -5.689  10.776  1.00 8.61  ? 44  SER B CA  1 
ATOM   975  C C   . SER B 1 37  ? 3.116   -6.790  11.622  1.00 13.55 ? 44  SER B C   1 
ATOM   976  O O   . SER B 1 37  ? 2.390   -7.610  12.179  1.00 11.19 ? 44  SER B O   1 
ATOM   977  C CB  . SER B 1 37  ? 2.543   -4.347  11.520  1.00 9.59  ? 44  SER B CB  1 
ATOM   978  O OG  . SER B 1 37  ? 3.837   -4.009  11.963  1.00 9.35  ? 44  SER B OG  1 
ATOM   979  N N   . THR B 1 38  ? 4.431   -6.817  11.746  1.00 13.76 ? 45  THR B N   1 
ATOM   980  C CA  . THR B 1 38  ? 5.041   -7.705  12.728  1.00 12.75 ? 45  THR B CA  1 
ATOM   981  C C   . THR B 1 38  ? 5.173   -6.980  14.068  1.00 14.99 ? 45  THR B C   1 
ATOM   982  O O   . THR B 1 38  ? 5.561   -7.570  15.063  1.00 10.59 ? 45  THR B O   1 
ATOM   983  C CB  . THR B 1 38  ? 6.409   -8.194  12.280  1.00 8.84  ? 45  THR B CB  1 
ATOM   984  O OG1 . THR B 1 38  ? 7.222   -7.068  11.943  1.00 19.84 ? 45  THR B OG1 1 
ATOM   985  C CG2 . THR B 1 38  ? 6.269   -9.088  11.051  1.00 18.51 ? 45  THR B CG2 1 
ATOM   986  N N   A LYS B 1 39  ? 4.847   -5.693  14.077  0.63 13.15 ? 46  LYS B N   1 
ATOM   987  N N   B LYS B 1 39  ? 4.833   -5.697  14.084  0.37 13.15 ? 46  LYS B N   1 
ATOM   988  C CA  A LYS B 1 39  ? 4.957   -4.894  15.291  0.63 14.10 ? 46  LYS B CA  1 
ATOM   989  C CA  B LYS B 1 39  ? 4.978   -4.890  15.291  0.37 14.11 ? 46  LYS B CA  1 
ATOM   990  C C   A LYS B 1 39  ? 3.661   -4.926  16.074  0.63 13.84 ? 46  LYS B C   1 
ATOM   991  C C   B LYS B 1 39  ? 3.673   -4.865  16.077  0.37 13.85 ? 46  LYS B C   1 
ATOM   992  O O   A LYS B 1 39  ? 2.578   -4.873  15.494  0.63 13.30 ? 46  LYS B O   1 
ATOM   993  O O   B LYS B 1 39  ? 2.595   -4.723  15.500  0.37 13.33 ? 46  LYS B O   1 
ATOM   994  C CB  A LYS B 1 39  ? 5.338   -3.453  14.956  0.63 13.16 ? 46  LYS B CB  1 
ATOM   995  C CB  B LYS B 1 39  ? 5.428   -3.468  14.935  0.37 13.18 ? 46  LYS B CB  1 
ATOM   996  C CG  A LYS B 1 39  ? 6.568   -3.350  14.077  0.63 11.20 ? 46  LYS B CG  1 
ATOM   997  C CG  B LYS B 1 39  ? 6.945   -3.297  14.786  0.37 13.66 ? 46  LYS B CG  1 
ATOM   998  C CD  A LYS B 1 39  ? 7.192   -1.975  14.173  0.63 13.96 ? 46  LYS B CD  1 
ATOM   999  C CD  B LYS B 1 39  ? 7.550   -4.224  13.735  0.37 15.51 ? 46  LYS B CD  1 
ATOM   1000 C CE  A LYS B 1 39  ? 8.687   -2.017  13.862  0.63 14.65 ? 46  LYS B CE  1 
ATOM   1001 C CE  B LYS B 1 39  ? 7.018   -3.919  12.346  0.37 15.82 ? 46  LYS B CE  1 
ATOM   1002 N NZ  A LYS B 1 39  ? 8.975   -1.793  12.414  0.63 20.73 ? 46  LYS B NZ  1 
ATOM   1003 N NZ  B LYS B 1 39  ? 7.351   -4.967  11.337  0.37 15.98 ? 46  LYS B NZ  1 
ATOM   1004 N N   . ASP B 1 40  ? 3.776   -5.006  17.396  1.00 14.64 ? 47  ASP B N   1 
ATOM   1005 C CA  . ASP B 1 40  ? 2.603   -5.130  18.252  1.00 18.49 ? 47  ASP B CA  1 
ATOM   1006 C C   . ASP B 1 40  ? 2.199   -3.807  18.905  1.00 14.27 ? 47  ASP B C   1 
ATOM   1007 O O   . ASP B 1 40  ? 1.188   -3.737  19.584  1.00 17.16 ? 47  ASP B O   1 
ATOM   1008 C CB  . ASP B 1 40  ? 2.843   -6.199  19.332  1.00 16.16 ? 47  ASP B CB  1 
ATOM   1009 C CG  . ASP B 1 40  ? 3.712   -5.707  20.491  1.00 23.56 ? 47  ASP B CG  1 
ATOM   1010 O OD1 . ASP B 1 40  ? 4.460   -4.717  20.337  1.00 21.06 ? 47  ASP B OD1 1 
ATOM   1011 O OD2 . ASP B 1 40  ? 3.651   -6.337  21.570  1.00 28.18 ? 47  ASP B OD2 1 
ATOM   1012 N N   . ASN B 1 41  ? 2.972   -2.751  18.674  1.00 15.71 ? 48  ASN B N   1 
ATOM   1013 C CA  . ASN B 1 41  ? 2.728   -1.494  19.388  1.00 14.76 ? 48  ASN B CA  1 
ATOM   1014 C C   . ASN B 1 41  ? 2.339   -0.321  18.487  1.00 20.45 ? 48  ASN B C   1 
ATOM   1015 O O   . ASN B 1 41  ? 2.702   0.815   18.764  1.00 10.19 ? 48  ASN B O   1 
ATOM   1016 C CB  . ASN B 1 41  ? 3.971   -1.113  20.185  1.00 17.95 ? 48  ASN B CB  1 
ATOM   1017 C CG  . ASN B 1 41  ? 5.160   -0.831  19.284  1.00 28.21 ? 48  ASN B CG  1 
ATOM   1018 O OD1 . ASN B 1 41  ? 5.226   -1.335  18.160  1.00 27.90 ? 48  ASN B OD1 1 
ATOM   1019 N ND2 . ASN B 1 41  ? 6.089   -0.002  19.756  1.00 30.59 ? 48  ASN B ND2 1 
ATOM   1020 N N   . LEU B 1 42  ? 1.610   -0.582  17.407  1.00 12.37 ? 49  LEU B N   1 
ATOM   1021 C CA  . LEU B 1 42  ? 1.185   0.517   16.540  1.00 12.71 ? 49  LEU B CA  1 
ATOM   1022 C C   . LEU B 1 42  ? -0.003  1.272   17.139  1.00 16.39 ? 49  LEU B C   1 
ATOM   1023 O O   . LEU B 1 42  ? -0.846  0.684   17.821  1.00 15.58 ? 49  LEU B O   1 
ATOM   1024 C CB  . LEU B 1 42  ? 0.841   -0.010  15.148  1.00 12.26 ? 49  LEU B CB  1 
ATOM   1025 C CG  . LEU B 1 42  ? 2.043   -0.689  14.505  1.00 12.71 ? 49  LEU B CG  1 
ATOM   1026 C CD1 . LEU B 1 42  ? 1.693   -1.259  13.128  1.00 10.28 ? 49  LEU B CD1 1 
ATOM   1027 C CD2 . LEU B 1 42  ? 3.211   0.308   14.435  1.00 11.55 ? 49  LEU B CD2 1 
ATOM   1028 N N   . LYS B 1 43  ? -0.079  2.570   16.867  1.00 11.43 ? 50  LYS B N   1 
ATOM   1029 C CA  . LYS B 1 43  ? -1.141  3.410   17.420  1.00 13.37 ? 50  LYS B CA  1 
ATOM   1030 C C   . LYS B 1 43  ? -2.059  3.971   16.340  1.00 13.44 ? 50  LYS B C   1 
ATOM   1031 O O   . LYS B 1 43  ? -3.277  3.987   16.481  1.00 10.84 ? 50  LYS B O   1 
ATOM   1032 C CB  . LYS B 1 43  ? -0.530  4.574   18.214  1.00 16.13 ? 50  LYS B CB  1 
ATOM   1033 C CG  . LYS B 1 43  ? -1.548  5.448   18.928  1.00 33.79 ? 50  LYS B CG  1 
ATOM   1034 C CD  . LYS B 1 43  ? -0.903  6.719   19.476  1.00 34.07 ? 50  LYS B CD  1 
ATOM   1035 C CE  . LYS B 1 43  ? -1.905  7.556   20.248  1.00 29.38 ? 50  LYS B CE  1 
ATOM   1036 N NZ  . LYS B 1 43  ? -1.315  8.866   20.636  1.00 56.81 ? 50  LYS B NZ  1 
ATOM   1037 N N   . THR B 1 44  ? -1.454  4.463   15.269  1.00 9.36  ? 51  THR B N   1 
ATOM   1038 C CA  . THR B 1 44  ? -2.181  5.140   14.215  1.00 11.97 ? 51  THR B CA  1 
ATOM   1039 C C   . THR B 1 44  ? -1.571  4.744   12.889  1.00 8.95  ? 51  THR B C   1 
ATOM   1040 O O   . THR B 1 44  ? -0.465  4.208   12.849  1.00 9.50  ? 51  THR B O   1 
ATOM   1041 C CB  . THR B 1 44  ? -2.109  6.683   14.332  1.00 14.24 ? 51  THR B CB  1 
ATOM   1042 O OG1 . THR B 1 44  ? -0.761  7.103   14.092  1.00 11.43 ? 51  THR B OG1 1 
ATOM   1043 C CG2 . THR B 1 44  ? -2.562  7.158   15.706  1.00 12.82 ? 51  THR B CG2 1 
ATOM   1044 N N   . VAL B 1 45  ? -2.286  5.013   11.811  1.00 9.43  ? 52  VAL B N   1 
ATOM   1045 C CA  . VAL B 1 45  ? -1.732  4.784   10.482  1.00 12.22 ? 52  VAL B CA  1 
ATOM   1046 C C   . VAL B 1 45  ? -2.092  5.969   9.584   1.00 14.43 ? 52  VAL B C   1 
ATOM   1047 O O   . VAL B 1 45  ? -3.145  6.603   9.763   1.00 11.06 ? 52  VAL B O   1 
ATOM   1048 C CB  . VAL B 1 45  ? -2.245  3.458   9.889   1.00 13.06 ? 52  VAL B CB  1 
ATOM   1049 C CG1 . VAL B 1 45  ? -3.773  3.454   9.824   1.00 6.33  ? 52  VAL B CG1 1 
ATOM   1050 C CG2 . VAL B 1 45  ? -1.613  3.194   8.514   1.00 9.75  ? 52  VAL B CG2 1 
ATOM   1051 N N   . THR B 1 46  ? -1.190  6.300   8.661   1.00 9.91  ? 53  THR B N   1 
ATOM   1052 C CA  . THR B 1 46  ? -1.422  7.393   7.735   1.00 10.58 ? 53  THR B CA  1 
ATOM   1053 C C   . THR B 1 46  ? -2.044  6.863   6.455   1.00 16.83 ? 53  THR B C   1 
ATOM   1054 O O   . THR B 1 46  ? -1.540  5.923   5.842   1.00 12.40 ? 53  THR B O   1 
ATOM   1055 C CB  . THR B 1 46  ? -0.126  8.135   7.419   1.00 13.36 ? 53  THR B CB  1 
ATOM   1056 O OG1 . THR B 1 46  ? 0.387   8.688   8.637   1.00 23.33 ? 53  THR B OG1 1 
ATOM   1057 C CG2 . THR B 1 46  ? -0.396  9.257   6.454   1.00 13.26 ? 53  THR B CG2 1 
ATOM   1058 N N   . CYS B 1 47  ? -3.182  7.432   6.094   1.00 10.19 ? 54  CYS B N   1 
ATOM   1059 C CA  . CYS B 1 47  ? -3.860  7.091   4.854   1.00 8.99  ? 54  CYS B CA  1 
ATOM   1060 C C   . CYS B 1 47  ? -3.734  8.270   3.898   1.00 12.85 ? 54  CYS B C   1 
ATOM   1061 O O   . CYS B 1 47  ? -3.984  9.422   4.279   1.00 14.21 ? 54  CYS B O   1 
ATOM   1062 C CB  . CYS B 1 47  ? -5.321  6.749   5.134   1.00 10.51 ? 54  CYS B CB  1 
ATOM   1063 S SG  . CYS B 1 47  ? -6.325  6.380   3.711   1.00 24.06 ? 54  CYS B SG  1 
ATOM   1064 N N   . LEU B 1 48  ? -3.319  7.989   2.664   1.00 19.89 ? 55  LEU B N   1 
ATOM   1065 C CA  . LEU B 1 48  ? -3.017  9.043   1.699   1.00 28.81 ? 55  LEU B CA  1 
ATOM   1066 C C   . LEU B 1 48  ? -4.173  9.261   0.711   1.00 27.94 ? 55  LEU B C   1 
ATOM   1067 O O   . LEU B 1 48  ? -4.654  8.314   0.097   1.00 27.84 ? 55  LEU B O   1 
ATOM   1068 C CB  . LEU B 1 48  ? -1.728  8.707   0.941   1.00 20.40 ? 55  LEU B CB  1 
ATOM   1069 C CG  . LEU B 1 48  ? -0.560  8.255   1.817   1.00 20.03 ? 55  LEU B CG  1 
ATOM   1070 C CD1 . LEU B 1 48  ? 0.620   7.819   0.979   1.00 11.65 ? 55  LEU B CD1 1 
ATOM   1071 C CD2 . LEU B 1 48  ? -0.134  9.376   2.734   1.00 18.23 ? 55  LEU B CD2 1 
ATOM   1072 N N   . THR B 1 49  ? -4.626  10.508  0.587   1.00 26.95 ? 56  THR B N   1 
ATOM   1073 C CA  . THR B 1 49  ? -5.653  10.869  -0.395  1.00 41.54 ? 56  THR B CA  1 
ATOM   1074 C C   . THR B 1 49  ? -5.585  12.349  -0.788  1.00 46.20 ? 56  THR B C   1 
ATOM   1075 O O   . THR B 1 49  ? -6.085  12.754  -1.847  1.00 43.43 ? 56  THR B O   1 
ATOM   1076 C CB  . THR B 1 49  ? -7.039  10.527  0.137   1.00 39.87 ? 56  THR B CB  1 
ATOM   1077 N N   . THR B 1 51  ? -5.773  15.891  -1.042  1.00 41.87 ? 58  THR B N   1 
ATOM   1078 C CA  . THR B 1 51  ? -6.370  16.230  0.245   1.00 48.46 ? 58  THR B CA  1 
ATOM   1079 C C   . THR B 1 51  ? -5.485  15.738  1.397   1.00 48.22 ? 58  THR B C   1 
ATOM   1080 O O   . THR B 1 51  ? -5.973  15.457  2.498   1.00 47.12 ? 58  THR B O   1 
ATOM   1081 C CB  . THR B 1 51  ? -7.785  15.633  0.396   1.00 37.46 ? 58  THR B CB  1 
ATOM   1082 O OG1 . THR B 1 51  ? -7.831  14.337  -0.206  1.00 44.86 ? 58  THR B OG1 1 
ATOM   1083 C CG2 . THR B 1 51  ? -8.816  16.519  -0.291  1.00 28.00 ? 58  THR B CG2 1 
ATOM   1084 N N   . GLY B 1 52  ? -4.191  15.599  1.117   1.00 31.36 ? 59  GLY B N   1 
ATOM   1085 C CA  . GLY B 1 52  ? -3.189  15.369  2.147   1.00 34.15 ? 59  GLY B CA  1 
ATOM   1086 C C   . GLY B 1 52  ? -3.148  14.000  2.808   1.00 28.92 ? 59  GLY B C   1 
ATOM   1087 O O   . GLY B 1 52  ? -3.521  12.990  2.202   1.00 34.15 ? 59  GLY B O   1 
ATOM   1088 N N   . LYS B 1 53  ? -2.651  13.971  4.048   1.00 18.65 ? 60  LYS B N   1 
ATOM   1089 C CA  . LYS B 1 53  ? -2.592  12.747  4.844   1.00 15.83 ? 60  LYS B CA  1 
ATOM   1090 C C   . LYS B 1 53  ? -3.652  12.768  5.920   1.00 20.75 ? 60  LYS B C   1 
ATOM   1091 O O   . LYS B 1 53  ? -3.780  13.751  6.664   1.00 22.90 ? 60  LYS B O   1 
ATOM   1092 C CB  . LYS B 1 53  ? -1.225  12.558  5.503   1.00 14.01 ? 60  LYS B CB  1 
ATOM   1093 C CG  . LYS B 1 53  ? -0.064  12.547  4.527   1.00 34.91 ? 60  LYS B CG  1 
ATOM   1094 C CD  . LYS B 1 53  ? 1.276   12.544  5.238   1.00 23.18 ? 60  LYS B CD  1 
ATOM   1095 C CE  . LYS B 1 53  ? 2.403   12.839  4.253   1.00 25.94 ? 60  LYS B CE  1 
ATOM   1096 N NZ  . LYS B 1 53  ? 2.202   14.145  3.556   1.00 36.03 ? 60  LYS B NZ  1 
ATOM   1097 N N   . THR B 1 54  ? -4.418  11.690  6.010   1.00 10.83 ? 61  THR B N   1 
ATOM   1098 C CA  . THR B 1 54  ? -5.260  11.505  7.174   1.00 17.07 ? 61  THR B CA  1 
ATOM   1099 C C   . THR B 1 54  ? -4.593  10.537  8.153   1.00 20.66 ? 61  THR B C   1 
ATOM   1100 O O   . THR B 1 54  ? -4.036  9.505   7.755   1.00 17.32 ? 61  THR B O   1 
ATOM   1101 C CB  . THR B 1 54  ? -6.640  10.995  6.793   1.00 30.90 ? 61  THR B CB  1 
ATOM   1102 O OG1 . THR B 1 54  ? -6.545  9.638   6.347   1.00 37.85 ? 61  THR B OG1 1 
ATOM   1103 C CG2 . THR B 1 54  ? -7.230  11.863  5.711   1.00 16.63 ? 61  THR B CG2 1 
ATOM   1104 N N   . VAL B 1 55  ? -4.635  10.878  9.435   1.00 10.82 ? 62  VAL B N   1 
ATOM   1105 C CA  . VAL B 1 55  ? -4.085  9.993   10.451  1.00 9.89  ? 62  VAL B CA  1 
ATOM   1106 C C   . VAL B 1 55  ? -5.248  9.346   11.175  1.00 14.01 ? 62  VAL B C   1 
ATOM   1107 O O   . VAL B 1 55  ? -6.079  10.039  11.773  1.00 13.57 ? 62  VAL B O   1 
ATOM   1108 C CB  . VAL B 1 55  ? -3.176  10.733  11.452  1.00 20.47 ? 62  VAL B CB  1 
ATOM   1109 C CG1 . VAL B 1 55  ? -2.543  9.737   12.438  1.00 10.48 ? 62  VAL B CG1 1 
ATOM   1110 C CG2 . VAL B 1 55  ? -2.097  11.509  10.718  1.00 10.91 ? 62  VAL B CG2 1 
ATOM   1111 N N   . LEU B 1 56  ? -5.326  8.024   11.074  1.00 14.19 ? 63  LEU B N   1 
ATOM   1112 C CA  . LEU B 1 56  ? -6.428  7.240   11.639  1.00 11.24 ? 63  LEU B CA  1 
ATOM   1113 C C   . LEU B 1 56  ? -5.947  6.458   12.842  1.00 10.16 ? 63  LEU B C   1 
ATOM   1114 O O   . LEU B 1 56  ? -4.840  5.925   12.816  1.00 3.42  ? 63  LEU B O   1 
ATOM   1115 C CB  . LEU B 1 56  ? -6.989  6.259   10.601  1.00 10.53 ? 63  LEU B CB  1 
ATOM   1116 C CG  . LEU B 1 56  ? -7.447  6.893   9.295   1.00 17.81 ? 63  LEU B CG  1 
ATOM   1117 C CD1 . LEU B 1 56  ? -7.674  5.830   8.241   1.00 11.21 ? 63  LEU B CD1 1 
ATOM   1118 C CD2 . LEU B 1 56  ? -8.699  7.713   9.543   1.00 25.19 ? 63  LEU B CD2 1 
ATOM   1119 N N   . ASN B 1 57  ? -6.786  6.351   13.873  1.00 12.04 ? 64  ASN B N   1 
ATOM   1120 C CA  . ASN B 1 57  ? -6.480  5.496   15.016  1.00 11.52 ? 64  ASN B CA  1 
ATOM   1121 C C   . ASN B 1 57  ? -6.733  4.020   14.757  1.00 13.36 ? 64  ASN B C   1 
ATOM   1122 O O   . ASN B 1 57  ? -7.643  3.650   14.005  1.00 8.28  ? 64  ASN B O   1 
ATOM   1123 C CB  . ASN B 1 57  ? -7.286  5.923   16.231  1.00 19.54 ? 64  ASN B CB  1 
ATOM   1124 C CG  . ASN B 1 57  ? -7.056  7.366   16.590  1.00 21.66 ? 64  ASN B CG  1 
ATOM   1125 O OD1 . ASN B 1 57  ? -5.918  7.790   16.788  1.00 15.78 ? 64  ASN B OD1 1 
ATOM   1126 N ND2 . ASN B 1 57  ? -8.132  8.134   16.664  1.00 25.67 ? 64  ASN B ND2 1 
ATOM   1127 N N   . LEU B 1 58  ? -5.935  3.185   15.408  1.00 10.74 ? 65  LEU B N   1 
ATOM   1128 C CA  . LEU B 1 58  ? -6.060  1.730   15.286  1.00 12.36 ? 65  LEU B CA  1 
ATOM   1129 C C   . LEU B 1 58  ? -6.668  1.130   16.549  1.00 13.20 ? 65  LEU B C   1 
ATOM   1130 O O   . LEU B 1 58  ? -6.371  1.590   17.646  1.00 15.58 ? 65  LEU B O   1 
ATOM   1131 C CB  . LEU B 1 58  ? -4.697  1.099   15.034  1.00 8.53  ? 65  LEU B CB  1 
ATOM   1132 C CG  . LEU B 1 58  ? -3.910  1.672   13.866  1.00 10.08 ? 65  LEU B CG  1 
ATOM   1133 C CD1 . LEU B 1 58  ? -2.451  1.222   13.933  1.00 14.13 ? 65  LEU B CD1 1 
ATOM   1134 C CD2 . LEU B 1 58  ? -4.557  1.196   12.607  1.00 10.73 ? 65  LEU B CD2 1 
ATOM   1135 N N   . ASP B 1 59  ? -7.521  0.117   16.401  1.00 13.32 ? 66  ASP B N   1 
ATOM   1136 C CA  . ASP B 1 59  ? -7.922  -0.720  17.541  1.00 13.07 ? 66  ASP B CA  1 
ATOM   1137 C C   . ASP B 1 59  ? -6.703  -1.495  18.042  1.00 15.13 ? 66  ASP B C   1 
ATOM   1138 O O   . ASP B 1 59  ? -5.717  -1.606  17.319  1.00 16.67 ? 66  ASP B O   1 
ATOM   1139 C CB  . ASP B 1 59  ? -9.022  -1.717  17.143  1.00 11.38 ? 66  ASP B CB  1 
ATOM   1140 C CG  . ASP B 1 59  ? -10.363 -1.068  16.940  1.00 11.64 ? 66  ASP B CG  1 
ATOM   1141 O OD1 . ASP B 1 59  ? -10.546 0.087   17.359  1.00 16.47 ? 66  ASP B OD1 1 
ATOM   1142 O OD2 . ASP B 1 59  ? -11.241 -1.723  16.343  1.00 24.27 ? 66  ASP B OD2 1 
ATOM   1143 N N   . PRO B 1 60  ? -6.764  -2.044  19.272  1.00 10.96 ? 67  PRO B N   1 
ATOM   1144 C CA  . PRO B 1 60  ? -5.739  -3.014  19.678  1.00 15.97 ? 67  PRO B CA  1 
ATOM   1145 C C   . PRO B 1 60  ? -5.725  -4.198  18.697  1.00 8.50  ? 67  PRO B C   1 
ATOM   1146 O O   . PRO B 1 60  ? -6.776  -4.576  18.163  1.00 8.39  ? 67  PRO B O   1 
ATOM   1147 C CB  . PRO B 1 60  ? -6.189  -3.440  21.093  1.00 11.37 ? 67  PRO B CB  1 
ATOM   1148 C CG  . PRO B 1 60  ? -6.976  -2.262  21.597  1.00 13.32 ? 67  PRO B CG  1 
ATOM   1149 C CD  . PRO B 1 60  ? -7.694  -1.730  20.376  1.00 16.97 ? 67  PRO B CD  1 
ATOM   1150 N N   . PRO B 1 61  ? -4.541  -4.755  18.428  1.00 10.64 ? 68  PRO B N   1 
ATOM   1151 C CA  . PRO B 1 61  ? -4.444  -5.735  17.340  1.00 10.77 ? 68  PRO B CA  1 
ATOM   1152 C C   . PRO B 1 61  ? -4.875  -7.149  17.724  1.00 10.29 ? 68  PRO B C   1 
ATOM   1153 O O   . PRO B 1 61  ? -4.779  -7.538  18.886  1.00 16.65 ? 68  PRO B O   1 
ATOM   1154 C CB  . PRO B 1 61  ? -2.952  -5.720  16.995  1.00 9.21  ? 68  PRO B CB  1 
ATOM   1155 C CG  . PRO B 1 61  ? -2.281  -5.374  18.312  1.00 14.22 ? 68  PRO B CG  1 
ATOM   1156 C CD  . PRO B 1 61  ? -3.224  -4.415  19.003  1.00 11.36 ? 68  PRO B CD  1 
ATOM   1157 N N   . MET B 1 62  ? -5.335  -7.922  16.752  1.00 13.92 ? 69  MET B N   1 
ATOM   1158 C CA  . MET B 1 62  ? -5.411  -9.362  16.965  1.00 14.41 ? 69  MET B CA  1 
ATOM   1159 C C   . MET B 1 62  ? -4.026  -9.918  16.673  1.00 17.78 ? 69  MET B C   1 
ATOM   1160 O O   . MET B 1 62  ? -3.280  -9.317  15.898  1.00 17.76 ? 69  MET B O   1 
ATOM   1161 C CB  . MET B 1 62  ? -6.467  -9.995  16.078  1.00 14.61 ? 69  MET B CB  1 
ATOM   1162 C CG  . MET B 1 62  ? -7.827  -9.355  16.204  1.00 12.79 ? 69  MET B CG  1 
ATOM   1163 S SD  . MET B 1 62  ? -8.931  -10.031 14.973  1.00 19.54 ? 69  MET B SD  1 
ATOM   1164 C CE  . MET B 1 62  ? -10.410 -9.069  15.289  1.00 30.44 ? 69  MET B CE  1 
ATOM   1165 N N   . ARG B 1 63  ? -3.674  -11.048 17.289  1.00 13.58 ? 70  ARG B N   1 
ATOM   1166 C CA  . ARG B 1 63  ? -2.339  -11.643 17.121  1.00 14.40 ? 70  ARG B CA  1 
ATOM   1167 C C   . ARG B 1 63  ? -2.395  -13.055 16.530  1.00 19.11 ? 70  ARG B C   1 
ATOM   1168 O O   . ARG B 1 63  ? -3.058  -13.935 17.067  1.00 13.46 ? 70  ARG B O   1 
ATOM   1169 C CB  . ARG B 1 63  ? -1.606  -11.674 18.466  1.00 15.19 ? 70  ARG B CB  1 
ATOM   1170 C CG  . ARG B 1 63  ? -0.242  -12.345 18.444  1.00 15.05 ? 70  ARG B CG  1 
ATOM   1171 C CD  . ARG B 1 63  ? 0.328   -12.385 19.849  1.00 15.14 ? 70  ARG B CD  1 
ATOM   1172 N NE  . ARG B 1 63  ? 1.708   -12.854 19.929  1.00 27.78 ? 70  ARG B NE  1 
ATOM   1173 C CZ  . ARG B 1 63  ? 2.063   -14.134 20.014  1.00 30.65 ? 70  ARG B CZ  1 
ATOM   1174 N NH1 . ARG B 1 63  ? 1.141   -15.082 20.009  1.00 27.37 ? 70  ARG B NH1 1 
ATOM   1175 N NH2 . ARG B 1 63  ? 3.342   -14.466 20.098  1.00 29.12 ? 70  ARG B NH2 1 
ATOM   1176 N N   . PHE B 1 64  ? -1.718  -13.267 15.410  1.00 14.22 ? 71  PHE B N   1 
ATOM   1177 C CA  . PHE B 1 64  ? -1.706  -14.593 14.793  1.00 14.50 ? 71  PHE B CA  1 
ATOM   1178 C C   . PHE B 1 64  ? -0.297  -15.110 14.714  1.00 17.39 ? 71  PHE B C   1 
ATOM   1179 O O   . PHE B 1 64  ? 0.537   -14.557 13.993  1.00 16.57 ? 71  PHE B O   1 
ATOM   1180 C CB  . PHE B 1 64  ? -2.340  -14.546 13.410  1.00 19.10 ? 71  PHE B CB  1 
ATOM   1181 C CG  . PHE B 1 64  ? -3.720  -13.973 13.417  1.00 24.97 ? 71  PHE B CG  1 
ATOM   1182 C CD1 . PHE B 1 64  ? -4.807  -14.763 13.766  1.00 19.14 ? 71  PHE B CD1 1 
ATOM   1183 C CD2 . PHE B 1 64  ? -3.932  -12.641 13.105  1.00 22.69 ? 71  PHE B CD2 1 
ATOM   1184 C CE1 . PHE B 1 64  ? -6.087  -14.231 13.797  1.00 18.65 ? 71  PHE B CE1 1 
ATOM   1185 C CE2 . PHE B 1 64  ? -5.209  -12.105 13.132  1.00 22.73 ? 71  PHE B CE2 1 
ATOM   1186 C CZ  . PHE B 1 64  ? -6.286  -12.896 13.473  1.00 23.72 ? 71  PHE B CZ  1 
ATOM   1187 N N   . ALA B 1 65  ? -0.026  -16.158 15.482  1.00 20.11 ? 72  ALA B N   1 
ATOM   1188 C CA  . ALA B 1 65  ? 1.309   -16.735 15.548  1.00 24.74 ? 72  ALA B CA  1 
ATOM   1189 C C   . ALA B 1 65  ? 1.306   -18.083 14.847  1.00 27.24 ? 72  ALA B C   1 
ATOM   1190 O O   . ALA B 1 65  ? 0.328   -18.833 14.919  1.00 25.94 ? 72  ALA B O   1 
ATOM   1191 C CB  . ALA B 1 65  ? 1.768   -16.872 16.988  1.00 26.14 ? 72  ALA B CB  1 
ATOM   1192 N N   . HIS B 1 66  ? 2.395   -18.385 14.152  1.00 33.47 ? 73  HIS B N   1 
ATOM   1193 C CA  . HIS B 1 66  ? 2.457   -19.618 13.385  1.00 31.60 ? 73  HIS B CA  1 
ATOM   1194 C C   . HIS B 1 66  ? 3.890   -20.133 13.327  1.00 37.15 ? 73  HIS B C   1 
ATOM   1195 O O   . HIS B 1 66  ? 4.843   -19.354 13.399  1.00 38.19 ? 73  HIS B O   1 
ATOM   1196 C CB  . HIS B 1 66  ? 1.893   -19.391 11.977  1.00 39.87 ? 73  HIS B CB  1 
ATOM   1197 C CG  . HIS B 1 66  ? 1.698   -20.642 11.191  1.00 52.33 ? 73  HIS B CG  1 
ATOM   1198 N ND1 . HIS B 1 66  ? 2.723   -21.277 10.518  1.00 60.29 ? 73  HIS B ND1 1 
ATOM   1199 C CD2 . HIS B 1 66  ? 0.588   -21.398 10.957  1.00 60.61 ? 73  HIS B CD2 1 
ATOM   1200 C CE1 . HIS B 1 66  ? 2.261   -22.357 9.914   1.00 41.63 ? 73  HIS B CE1 1 
ATOM   1201 N NE2 . HIS B 1 66  ? 0.966   -22.447 10.169  1.00 43.83 ? 73  HIS B NE2 1 
ATOM   1202 N N   . THR B 1 67  ? 4.040   -21.449 13.218  1.00 21.17 ? 74  THR B N   1 
ATOM   1203 C CA  . THR B 1 67  ? 5.366   -22.050 13.138  1.00 29.37 ? 74  THR B CA  1 
ATOM   1204 C C   . THR B 1 67  ? 5.519   -22.877 11.867  1.00 23.78 ? 74  THR B C   1 
ATOM   1205 O O   . THR B 1 67  ? 4.741   -23.801 11.619  1.00 25.66 ? 74  THR B O   1 
ATOM   1206 C CB  . THR B 1 67  ? 5.662   -22.932 14.369  1.00 35.16 ? 74  THR B CB  1 
ATOM   1207 O OG1 . THR B 1 67  ? 5.602   -22.129 15.558  1.00 22.43 ? 74  THR B OG1 1 
ATOM   1208 C CG2 . THR B 1 67  ? 7.045   -23.566 14.250  1.00 23.41 ? 74  THR B CG2 1 
ATOM   1209 N N   . VAL B 1 68  ? 6.517   -22.522 11.061  1.00 27.64 ? 75  VAL B N   1 
ATOM   1210 C CA  . VAL B 1 68  ? 6.838   -23.248 9.835   1.00 26.77 ? 75  VAL B CA  1 
ATOM   1211 C C   . VAL B 1 68  ? 8.266   -23.746 9.879   1.00 18.63 ? 75  VAL B C   1 
ATOM   1212 O O   . VAL B 1 68  ? 9.190   -22.948 10.062  1.00 25.76 ? 75  VAL B O   1 
ATOM   1213 C CB  . VAL B 1 68  ? 6.689   -22.372 8.578   1.00 27.73 ? 75  VAL B CB  1 
ATOM   1214 C CG1 . VAL B 1 68  ? 6.996   -23.200 7.327   1.00 31.62 ? 75  VAL B CG1 1 
ATOM   1215 C CG2 . VAL B 1 68  ? 5.304   -21.767 8.503   1.00 36.05 ? 75  VAL B CG2 1 
ATOM   1216 N N   . GLY B 1 69  ? 8.449   -25.054 9.691   1.00 22.67 ? 76  GLY B N   1 
ATOM   1217 C CA  . GLY B 1 69  ? 9.771   -25.660 9.683   1.00 26.50 ? 76  GLY B CA  1 
ATOM   1218 C C   . GLY B 1 69  ? 10.643  -25.199 10.833  1.00 18.32 ? 76  GLY B C   1 
ATOM   1219 O O   . GLY B 1 69  ? 11.832  -24.947 10.658  1.00 22.04 ? 76  GLY B O   1 
ATOM   1220 N N   . GLY B 1 70  ? 10.038  -25.045 12.006  1.00 26.74 ? 77  GLY B N   1 
ATOM   1221 C CA  . GLY B 1 70  ? 10.775  -24.630 13.185  1.00 18.53 ? 77  GLY B CA  1 
ATOM   1222 C C   . GLY B 1 70  ? 11.022  -23.143 13.355  1.00 26.22 ? 77  GLY B C   1 
ATOM   1223 O O   . GLY B 1 70  ? 11.725  -22.743 14.276  1.00 32.27 ? 77  GLY B O   1 
ATOM   1224 N N   . LYS B 1 71  ? 10.473  -22.318 12.472  1.00 21.69 ? 78  LYS B N   1 
ATOM   1225 C CA  . LYS B 1 71  ? 10.601  -20.869 12.643  1.00 32.00 ? 78  LYS B CA  1 
ATOM   1226 C C   . LYS B 1 71  ? 9.253   -20.266 13.004  1.00 26.98 ? 78  LYS B C   1 
ATOM   1227 O O   . LYS B 1 71  ? 8.256   -20.467 12.309  1.00 20.18 ? 78  LYS B O   1 
ATOM   1228 C CB  . LYS B 1 71  ? 11.155  -20.201 11.377  1.00 37.50 ? 78  LYS B CB  1 
ATOM   1229 C CG  . LYS B 1 71  ? 10.744  -18.735 11.205  1.00 45.58 ? 78  LYS B CG  1 
ATOM   1230 C CD  . LYS B 1 71  ? 11.441  -17.825 12.215  1.00 51.67 ? 78  LYS B CD  1 
ATOM   1231 C CE  . LYS B 1 71  ? 11.432  -16.363 11.770  1.00 61.20 ? 78  LYS B CE  1 
ATOM   1232 N NZ  . LYS B 1 71  ? 11.352  -15.422 12.929  1.00 56.74 ? 78  LYS B NZ  1 
ATOM   1233 N N   . GLN B 1 72  ? 9.219   -19.522 14.097  1.00 28.64 ? 79  GLN B N   1 
ATOM   1234 C CA  . GLN B 1 72  ? 7.976   -18.892 14.493  1.00 33.98 ? 79  GLN B CA  1 
ATOM   1235 C C   . GLN B 1 72  ? 7.885   -17.491 13.890  1.00 39.62 ? 79  GLN B C   1 
ATOM   1236 O O   . GLN B 1 72  ? 8.883   -16.776 13.756  1.00 35.22 ? 79  GLN B O   1 
ATOM   1237 C CB  . GLN B 1 72  ? 7.853   -18.848 16.016  1.00 35.06 ? 79  GLN B CB  1 
ATOM   1238 C CG  . GLN B 1 72  ? 6.469   -18.459 16.536  1.00 42.58 ? 79  GLN B CG  1 
ATOM   1239 C CD  . GLN B 1 72  ? 6.524   -17.303 17.512  1.00 42.78 ? 79  GLN B CD  1 
ATOM   1240 O OE1 . GLN B 1 72  ? 7.448   -16.485 17.481  1.00 57.87 ? 79  GLN B OE1 1 
ATOM   1241 N NE2 . GLN B 1 72  ? 5.543   -17.240 18.403  1.00 56.12 ? 79  GLN B NE2 1 
ATOM   1242 N N   . SER B 1 73  ? 6.679   -17.124 13.487  1.00 39.00 ? 80  SER B N   1 
ATOM   1243 C CA  . SER B 1 73  ? 6.418   -15.812 12.926  1.00 27.28 ? 80  SER B CA  1 
ATOM   1244 C C   . SER B 1 73  ? 5.119   -15.313 13.521  1.00 28.12 ? 80  SER B C   1 
ATOM   1245 O O   . SER B 1 73  ? 4.192   -16.091 13.717  1.00 29.23 ? 80  SER B O   1 
ATOM   1246 C CB  . SER B 1 73  ? 6.326   -15.884 11.408  1.00 24.51 ? 80  SER B CB  1 
ATOM   1247 O OG  . SER B 1 73  ? 5.352   -16.840 11.019  1.00 41.28 ? 80  SER B OG  1 
ATOM   1248 N N   . VAL B 1 74  ? 5.048   -14.026 13.830  1.00 21.11 ? 81  VAL B N   1 
ATOM   1249 C CA  . VAL B 1 74  ? 3.832   -13.477 14.399  1.00 16.95 ? 81  VAL B CA  1 
ATOM   1250 C C   . VAL B 1 74  ? 3.359   -12.331 13.513  1.00 17.74 ? 81  VAL B C   1 
ATOM   1251 O O   . VAL B 1 74  ? 4.154   -11.517 13.066  1.00 19.36 ? 81  VAL B O   1 
ATOM   1252 C CB  . VAL B 1 74  ? 4.050   -12.996 15.851  1.00 22.59 ? 81  VAL B CB  1 
ATOM   1253 C CG1 . VAL B 1 74  ? 2.760   -12.457 16.436  1.00 23.08 ? 81  VAL B CG1 1 
ATOM   1254 C CG2 . VAL B 1 74  ? 4.601   -14.136 16.721  1.00 26.12 ? 81  VAL B CG2 1 
ATOM   1255 N N   . VAL B 1 75  ? 2.068   -12.298 13.218  1.00 13.90 ? 82  VAL B N   1 
ATOM   1256 C CA  . VAL B 1 75  ? 1.500   -11.178 12.470  1.00 14.67 ? 82  VAL B CA  1 
ATOM   1257 C C   . VAL B 1 75  ? 0.391   -10.530 13.298  1.00 15.02 ? 82  VAL B C   1 
ATOM   1258 O O   . VAL B 1 75  ? -0.454  -11.238 13.869  1.00 15.11 ? 82  VAL B O   1 
ATOM   1259 C CB  . VAL B 1 75  ? 0.958   -11.628 11.089  1.00 19.43 ? 82  VAL B CB  1 
ATOM   1260 C CG1 . VAL B 1 75  ? 0.251   -10.484 10.387  1.00 23.09 ? 82  VAL B CG1 1 
ATOM   1261 C CG2 . VAL B 1 75  ? 2.097   -12.136 10.215  1.00 22.31 ? 82  VAL B CG2 1 
ATOM   1262 N N   . TYR B 1 76  ? 0.397   -9.195  13.374  1.00 10.80 ? 83  TYR B N   1 
ATOM   1263 C CA  . TYR B 1 76  ? -0.629  -8.450  14.127  1.00 13.39 ? 83  TYR B CA  1 
ATOM   1264 C C   . TYR B 1 76  ? -1.613  -7.759  13.190  1.00 16.12 ? 83  TYR B C   1 
ATOM   1265 O O   . TYR B 1 76  ? -1.201  -7.001  12.309  1.00 11.66 ? 83  TYR B O   1 
ATOM   1266 C CB  . TYR B 1 76  ? 0.025   -7.421  15.048  1.00 10.63 ? 83  TYR B CB  1 
ATOM   1267 C CG  . TYR B 1 76  ? 0.861   -8.059  16.135  1.00 14.13 ? 83  TYR B CG  1 
ATOM   1268 C CD1 . TYR B 1 76  ? 0.272   -8.491  17.312  1.00 10.54 ? 83  TYR B CD1 1 
ATOM   1269 C CD2 . TYR B 1 76  ? 2.232   -8.253  15.974  1.00 13.83 ? 83  TYR B CD2 1 
ATOM   1270 C CE1 . TYR B 1 76  ? 1.019   -9.094  18.302  1.00 12.11 ? 83  TYR B CE1 1 
ATOM   1271 C CE2 . TYR B 1 76  ? 2.990   -8.862  16.973  1.00 15.62 ? 83  TYR B CE2 1 
ATOM   1272 C CZ  . TYR B 1 76  ? 2.367   -9.276  18.138  1.00 12.19 ? 83  TYR B CZ  1 
ATOM   1273 O OH  . TYR B 1 76  ? 3.084   -9.882  19.149  1.00 21.86 ? 83  TYR B OH  1 
ATOM   1274 N N   . LEU B 1 77  ? -2.906  -8.035  13.371  1.00 8.16  ? 84  LEU B N   1 
ATOM   1275 C CA  . LEU B 1 77  ? -3.956  -7.423  12.554  1.00 9.63  ? 84  LEU B CA  1 
ATOM   1276 C C   . LEU B 1 77  ? -4.651  -6.278  13.318  1.00 12.94 ? 84  LEU B C   1 
ATOM   1277 O O   . LEU B 1 77  ? -5.280  -6.518  14.344  1.00 11.52 ? 84  LEU B O   1 
ATOM   1278 C CB  . LEU B 1 77  ? -4.985  -8.477  12.142  1.00 8.76  ? 84  LEU B CB  1 
ATOM   1279 C CG  . LEU B 1 77  ? -6.222  -8.057  11.323  1.00 10.90 ? 84  LEU B CG  1 
ATOM   1280 C CD1 . LEU B 1 77  ? -5.826  -7.468  10.000  1.00 12.01 ? 84  LEU B CD1 1 
ATOM   1281 C CD2 . LEU B 1 77  ? -7.154  -9.249  11.094  1.00 7.52  ? 84  LEU B CD2 1 
ATOM   1282 N N   . TYR B 1 78  ? -4.518  -5.048  12.825  1.00 7.76  ? 85  TYR B N   1 
ATOM   1283 C CA  . TYR B 1 78  ? -5.188  -3.887  13.409  1.00 10.77 ? 85  TYR B CA  1 
ATOM   1284 C C   . TYR B 1 78  ? -6.360  -3.418  12.563  1.00 12.00 ? 85  TYR B C   1 
ATOM   1285 O O   . TYR B 1 78  ? -6.171  -3.067  11.405  1.00 9.13  ? 85  TYR B O   1 
ATOM   1286 C CB  . TYR B 1 78  ? -4.229  -2.704  13.552  1.00 9.44  ? 85  TYR B CB  1 
ATOM   1287 C CG  . TYR B 1 78  ? -2.947  -2.920  14.338  1.00 12.17 ? 85  TYR B CG  1 
ATOM   1288 C CD1 . TYR B 1 78  ? -1.872  -3.611  13.791  1.00 11.42 ? 85  TYR B CD1 1 
ATOM   1289 C CD2 . TYR B 1 78  ? -2.797  -2.374  15.612  1.00 9.95  ? 85  TYR B CD2 1 
ATOM   1290 C CE1 . TYR B 1 78  ? -0.694  -3.769  14.506  1.00 9.91  ? 85  TYR B CE1 1 
ATOM   1291 C CE2 . TYR B 1 78  ? -1.630  -2.532  16.327  1.00 8.22  ? 85  TYR B CE2 1 
ATOM   1292 C CZ  . TYR B 1 78  ? -0.585  -3.220  15.771  1.00 9.62  ? 85  TYR B CZ  1 
ATOM   1293 O OH  . TYR B 1 78  ? 0.575   -3.372  16.482  1.00 14.31 ? 85  TYR B OH  1 
ATOM   1294 N N   . PHE B 1 79  ? -7.561  -3.359  13.127  1.00 5.60  ? 86  PHE B N   1 
ATOM   1295 C CA  . PHE B 1 79  ? -8.641  -2.677  12.416  1.00 7.62  ? 86  PHE B CA  1 
ATOM   1296 C C   . PHE B 1 79  ? -8.651  -1.169  12.714  1.00 11.59 ? 86  PHE B C   1 
ATOM   1297 O O   . PHE B 1 79  ? -8.345  -0.744  13.822  1.00 7.08  ? 86  PHE B O   1 
ATOM   1298 C CB  . PHE B 1 79  ? -9.990  -3.308  12.753  1.00 12.34 ? 86  PHE B CB  1 
ATOM   1299 C CG  . PHE B 1 79  ? -10.198 -4.658  12.102  1.00 10.99 ? 86  PHE B CG  1 
ATOM   1300 C CD1 . PHE B 1 79  ? -10.306 -4.762  10.732  1.00 11.50 ? 86  PHE B CD1 1 
ATOM   1301 C CD2 . PHE B 1 79  ? -10.261 -5.812  12.858  1.00 20.85 ? 86  PHE B CD2 1 
ATOM   1302 C CE1 . PHE B 1 79  ? -10.482 -5.995  10.117  1.00 15.51 ? 86  PHE B CE1 1 
ATOM   1303 C CE2 . PHE B 1 79  ? -10.452 -7.055  12.257  1.00 14.66 ? 86  PHE B CE2 1 
ATOM   1304 C CZ  . PHE B 1 79  ? -10.560 -7.146  10.887  1.00 18.99 ? 86  PHE B CZ  1 
ATOM   1305 N N   . ILE B 1 80  ? -8.971  -0.371  11.703  1.00 7.88  ? 87  ILE B N   1 
ATOM   1306 C CA  . ILE B 1 80  ? -9.050  1.078   11.865  1.00 13.82 ? 87  ILE B CA  1 
ATOM   1307 C C   . ILE B 1 80  ? -10.263 1.397   12.752  1.00 15.93 ? 87  ILE B C   1 
ATOM   1308 O O   . ILE B 1 80  ? -11.327 0.785   12.611  1.00 10.59 ? 87  ILE B O   1 
ATOM   1309 C CB  . ILE B 1 80  ? -9.139  1.813   10.500  1.00 10.79 ? 87  ILE B CB  1 
ATOM   1310 C CG1 . ILE B 1 80  ? -7.733  2.053   9.927   1.00 7.35  ? 87  ILE B CG1 1 
ATOM   1311 C CG2 . ILE B 1 80  ? -9.805  3.189   10.664  1.00 9.48  ? 87  ILE B CG2 1 
ATOM   1312 C CD1 . ILE B 1 80  ? -6.928  0.800   9.636   1.00 13.00 ? 87  ILE B CD1 1 
ATOM   1313 N N   . GLN B 1 81  ? -10.075 2.310   13.698  1.00 10.64 ? 88  GLN B N   1 
ATOM   1314 C CA  . GLN B 1 81  ? -11.115 2.635   14.688  1.00 19.32 ? 88  GLN B CA  1 
ATOM   1315 C C   . GLN B 1 81  ? -12.481 2.899   14.054  1.00 16.17 ? 88  GLN B C   1 
ATOM   1316 O O   . GLN B 1 81  ? -12.592 3.612   13.058  1.00 19.50 ? 88  GLN B O   1 
ATOM   1317 C CB  . GLN B 1 81  ? -10.687 3.852   15.525  1.00 11.91 ? 88  GLN B CB  1 
ATOM   1318 C CG  . GLN B 1 81  ? -11.531 4.104   16.780  1.00 25.00 ? 88  GLN B CG  1 
ATOM   1319 C CD  . GLN B 1 81  ? -10.975 5.238   17.625  1.00 24.42 ? 88  GLN B CD  1 
ATOM   1320 O OE1 . GLN B 1 81  ? -10.631 6.298   17.110  1.00 30.70 ? 88  GLN B OE1 1 
ATOM   1321 N NE2 . GLN B 1 81  ? -10.868 5.008   18.931  1.00 38.37 ? 88  GLN B NE2 1 
ATOM   1322 N N   . ASN B 1 82  ? -13.505 2.277   14.629  1.00 23.07 ? 89  ASN B N   1 
ATOM   1323 C CA  . ASN B 1 82  ? -14.903 2.487   14.256  1.00 19.82 ? 89  ASN B CA  1 
ATOM   1324 C C   . ASN B 1 82  ? -15.356 1.968   12.874  1.00 21.67 ? 89  ASN B C   1 
ATOM   1325 O O   . ASN B 1 82  ? -16.508 2.151   12.493  1.00 23.21 ? 89  ASN B O   1 
ATOM   1326 C CB  . ASN B 1 82  ? -15.241 3.976   14.383  1.00 23.05 ? 89  ASN B CB  1 
ATOM   1327 C CG  . ASN B 1 82  ? -15.186 4.464   15.833  1.00 23.39 ? 89  ASN B CG  1 
ATOM   1328 O OD1 . ASN B 1 82  ? -14.859 3.708   16.747  1.00 37.19 ? 89  ASN B OD1 1 
ATOM   1329 N ND2 . ASN B 1 82  ? -15.483 5.727   16.035  1.00 19.87 ? 89  ASN B ND2 1 
ATOM   1330 N N   A ILE B 1 83  ? -14.466 1.304   12.140  0.55 21.47 ? 90  ILE B N   1 
ATOM   1331 N N   B ILE B 1 83  ? -14.468 1.312   12.142  0.45 21.43 ? 90  ILE B N   1 
ATOM   1332 C CA  A ILE B 1 83  ? -14.842 0.732   10.844  0.55 15.97 ? 90  ILE B CA  1 
ATOM   1333 C CA  B ILE B 1 83  ? -14.884 0.724   10.878  0.45 16.01 ? 90  ILE B CA  1 
ATOM   1334 C C   A ILE B 1 83  ? -15.882 -0.384  11.053  0.55 15.35 ? 90  ILE B C   1 
ATOM   1335 C C   B ILE B 1 83  ? -15.974 -0.315  11.120  0.45 15.40 ? 90  ILE B C   1 
ATOM   1336 O O   A ILE B 1 83  ? -15.809 -1.130  12.034  0.55 14.07 ? 90  ILE B O   1 
ATOM   1337 O O   B ILE B 1 83  ? -16.018 -0.959  12.175  0.45 13.89 ? 90  ILE B O   1 
ATOM   1338 C CB  A ILE B 1 83  ? -13.605 0.197   10.076  0.55 18.69 ? 90  ILE B CB  1 
ATOM   1339 C CB  B ILE B 1 83  ? -13.734 0.059   10.154  0.45 18.83 ? 90  ILE B CB  1 
ATOM   1340 C CG1 A ILE B 1 83  ? -12.692 1.353   9.660   0.55 22.56 ? 90  ILE B CG1 1 
ATOM   1341 C CG1 B ILE B 1 83  ? -13.168 -1.034  11.044  0.45 12.29 ? 90  ILE B CG1 1 
ATOM   1342 C CG2 A ILE B 1 83  ? -14.014 -0.563  8.826   0.55 15.24 ? 90  ILE B CG2 1 
ATOM   1343 C CG2 B ILE B 1 83  ? -12.676 1.081   9.788   0.45 21.56 ? 90  ILE B CG2 1 
ATOM   1344 C CD1 A ILE B 1 83  ? -13.117 2.067   8.371   0.55 15.17 ? 90  ILE B CD1 1 
ATOM   1345 C CD1 B ILE B 1 83  ? -12.078 -1.752  10.439  0.45 15.68 ? 90  ILE B CD1 1 
ATOM   1346 N N   . SER B 1 84  ? -16.852 -0.473  10.142  1.00 9.27  ? 91  SER B N   1 
ATOM   1347 C CA  . SER B 1 84  ? -18.023 -1.342  10.310  1.00 13.67 ? 91  SER B CA  1 
ATOM   1348 C C   . SER B 1 84  ? -17.680 -2.830  10.393  1.00 12.78 ? 91  SER B C   1 
ATOM   1349 O O   . SER B 1 84  ? -16.687 -3.278  9.818   1.00 13.06 ? 91  SER B O   1 
ATOM   1350 C CB  . SER B 1 84  ? -19.008 -1.115  9.164   1.00 19.39 ? 91  SER B CB  1 
ATOM   1351 O OG  . SER B 1 84  ? -18.611 -1.844  8.008   1.00 18.79 ? 91  SER B OG  1 
ATOM   1352 N N   . SER B 1 85  ? -18.523 -3.588  11.093  1.00 16.49 ? 92  SER B N   1 
ATOM   1353 C CA  . SER B 1 85  ? -18.333 -5.026  11.233  1.00 15.70 ? 92  SER B CA  1 
ATOM   1354 C C   . SER B 1 85  ? -18.318 -5.724  9.870   1.00 13.68 ? 92  SER B C   1 
ATOM   1355 O O   . SER B 1 85  ? -17.489 -6.593  9.632   1.00 13.87 ? 92  SER B O   1 
ATOM   1356 C CB  . SER B 1 85  ? -19.425 -5.631  12.117  1.00 16.64 ? 92  SER B CB  1 
ATOM   1357 O OG  . SER B 1 85  ? -19.254 -5.282  13.479  1.00 12.18 ? 92  SER B OG  1 
ATOM   1358 N N   . LEU B 1 86  ? -19.228 -5.343  8.977   1.00 10.58 ? 93  LEU B N   1 
ATOM   1359 C CA  . LEU B 1 86  ? -19.255 -5.932  7.637   1.00 18.17 ? 93  LEU B CA  1 
ATOM   1360 C C   . LEU B 1 86  ? -17.980 -5.685  6.826   1.00 14.37 ? 93  LEU B C   1 
ATOM   1361 O O   . LEU B 1 86  ? -17.508 -6.582  6.132   1.00 12.01 ? 93  LEU B O   1 
ATOM   1362 C CB  . LEU B 1 86  ? -20.459 -5.418  6.860   1.00 19.03 ? 93  LEU B CB  1 
ATOM   1363 C CG  . LEU B 1 86  ? -21.773 -5.952  7.441   1.00 17.37 ? 93  LEU B CG  1 
ATOM   1364 C CD1 . LEU B 1 86  ? -22.927 -5.142  6.914   1.00 30.42 ? 93  LEU B CD1 1 
ATOM   1365 C CD2 . LEU B 1 86  ? -21.970 -7.436  7.142   1.00 18.30 ? 93  LEU B CD2 1 
ATOM   1366 N N   . ASN B 1 87  ? -17.422 -4.484  6.916   1.00 12.08 ? 94  ASN B N   1 
ATOM   1367 C CA  . ASN B 1 87  ? -16.155 -4.189  6.263   1.00 7.48  ? 94  ASN B CA  1 
ATOM   1368 C C   . ASN B 1 87  ? -15.001 -4.977  6.880   1.00 16.63 ? 94  ASN B C   1 
ATOM   1369 O O   . ASN B 1 87  ? -14.118 -5.447  6.155   1.00 15.52 ? 94  ASN B O   1 
ATOM   1370 C CB  . ASN B 1 87  ? -15.857 -2.689  6.313   1.00 12.10 ? 94  ASN B CB  1 
ATOM   1371 C CG  . ASN B 1 87  ? -16.670 -1.901  5.302   1.00 19.92 ? 94  ASN B CG  1 
ATOM   1372 O OD1 . ASN B 1 87  ? -17.166 -2.454  4.317   1.00 14.95 ? 94  ASN B OD1 1 
ATOM   1373 N ND2 . ASN B 1 87  ? -16.812 -0.604  5.542   1.00 21.69 ? 94  ASN B ND2 1 
ATOM   1374 N N   . ARG B 1 88  ? -15.014 -5.136  8.208   1.00 13.46 ? 95  ARG B N   1 
ATOM   1375 C CA  . ARG B 1 88  ? -14.031 -5.980  8.890   1.00 12.09 ? 95  ARG B CA  1 
ATOM   1376 C C   . ARG B 1 88  ? -14.084 -7.424  8.383   1.00 10.94 ? 95  ARG B C   1 
ATOM   1377 O O   . ARG B 1 88  ? -13.046 -8.036  8.121   1.00 12.09 ? 95  ARG B O   1 
ATOM   1378 C CB  . ARG B 1 88  ? -14.248 -5.954  10.412  1.00 15.27 ? 95  ARG B CB  1 
ATOM   1379 C CG  . ARG B 1 88  ? -13.990 -4.582  11.045  1.00 18.10 ? 95  ARG B CG  1 
ATOM   1380 C CD  . ARG B 1 88  ? -14.183 -4.555  12.579  1.00 16.34 ? 95  ARG B CD  1 
ATOM   1381 N NE  . ARG B 1 88  ? -14.075 -3.189  13.085  1.00 25.11 ? 95  ARG B NE  1 
ATOM   1382 C CZ  . ARG B 1 88  ? -13.502 -2.838  14.235  1.00 28.26 ? 95  ARG B CZ  1 
ATOM   1383 N NH1 . ARG B 1 88  ? -12.976 -3.757  15.039  1.00 16.03 ? 95  ARG B NH1 1 
ATOM   1384 N NH2 . ARG B 1 88  ? -13.455 -1.559  14.577  1.00 26.25 ? 95  ARG B NH2 1 
ATOM   1385 N N   . GLY B 1 89  ? -15.295 -7.957  8.249   1.00 11.48 ? 96  GLY B N   1 
ATOM   1386 C CA  . GLY B 1 89  ? -15.485 -9.326  7.805   1.00 8.92  ? 96  GLY B CA  1 
ATOM   1387 C C   . GLY B 1 89  ? -14.955 -9.558  6.395   1.00 11.24 ? 96  GLY B C   1 
ATOM   1388 O O   . GLY B 1 89  ? -14.384 -10.614 6.111   1.00 16.39 ? 96  GLY B O   1 
ATOM   1389 N N   . MET B 1 90  ? -15.131 -8.573  5.519   1.00 12.92 ? 97  MET B N   1 
ATOM   1390 C CA  . MET B 1 90  ? -14.617 -8.662  4.149   1.00 15.50 ? 97  MET B CA  1 
ATOM   1391 C C   . MET B 1 90  ? -13.110 -8.828  4.144   1.00 10.83 ? 97  MET B C   1 
ATOM   1392 O O   . MET B 1 90  ? -12.577 -9.647  3.418   1.00 11.32 ? 97  MET B O   1 
ATOM   1393 C CB  . MET B 1 90  ? -15.000 -7.422  3.334   1.00 15.64 ? 97  MET B CB  1 
ATOM   1394 C CG  . MET B 1 90  ? -16.488 -7.262  3.121   1.00 20.15 ? 97  MET B CG  1 
ATOM   1395 S SD  . MET B 1 90  ? -16.893 -5.731  2.259   1.00 36.68 ? 97  MET B SD  1 
ATOM   1396 C CE  . MET B 1 90  ? -16.255 -6.131  0.635   1.00 26.43 ? 97  MET B CE  1 
ATOM   1397 N N   . VAL B 1 91  ? -12.427 -8.047  4.967   1.00 13.62 ? 98  VAL B N   1 
ATOM   1398 C CA  . VAL B 1 91  ? -10.986 -8.165  5.081   1.00 12.98 ? 98  VAL B CA  1 
ATOM   1399 C C   . VAL B 1 91  ? -10.564 -9.507  5.692   1.00 13.41 ? 98  VAL B C   1 
ATOM   1400 O O   . VAL B 1 91  ? -9.619  -10.149 5.209   1.00 9.62  ? 98  VAL B O   1 
ATOM   1401 C CB  . VAL B 1 91  ? -10.418 -7.023  5.902   1.00 7.74  ? 98  VAL B CB  1 
ATOM   1402 C CG1 . VAL B 1 91  ? -8.980  -7.348  6.354   1.00 16.48 ? 98  VAL B CG1 1 
ATOM   1403 C CG2 . VAL B 1 91  ? -10.424 -5.741  5.064   1.00 10.03 ? 98  VAL B CG2 1 
ATOM   1404 N N   . ILE B 1 92  ? -11.265 -9.933  6.743   1.00 10.87 ? 99  ILE B N   1 
ATOM   1405 C CA  . ILE B 1 92  ? -10.973 -11.226 7.356   1.00 13.53 ? 99  ILE B CA  1 
ATOM   1406 C C   . ILE B 1 92  ? -11.193 -12.347 6.332   1.00 15.33 ? 99  ILE B C   1 
ATOM   1407 O O   . ILE B 1 92  ? -10.391 -13.268 6.242   1.00 13.88 ? 99  ILE B O   1 
ATOM   1408 C CB  . ILE B 1 92  ? -11.815 -11.457 8.622   1.00 10.32 ? 99  ILE B CB  1 
ATOM   1409 C CG1 . ILE B 1 92  ? -11.225 -10.635 9.763   1.00 13.07 ? 99  ILE B CG1 1 
ATOM   1410 C CG2 . ILE B 1 92  ? -11.795 -12.925 9.045   1.00 15.43 ? 99  ILE B CG2 1 
ATOM   1411 C CD1 . ILE B 1 92  ? -12.207 -10.256 10.789  1.00 24.95 ? 99  ILE B CD1 1 
ATOM   1412 N N   . GLY B 1 93  ? -12.251 -12.241 5.532   1.00 10.62 ? 100 GLY B N   1 
ATOM   1413 C CA  . GLY B 1 93  ? -12.508 -13.233 4.506   1.00 11.32 ? 100 GLY B CA  1 
ATOM   1414 C C   . GLY B 1 93  ? -11.354 -13.304 3.520   1.00 24.58 ? 100 GLY B C   1 
ATOM   1415 O O   . GLY B 1 93  ? -10.953 -14.384 3.086   1.00 18.36 ? 100 GLY B O   1 
ATOM   1416 N N   . HIS B 1 94  ? -10.806 -12.142 3.181   1.00 17.19 ? 101 HIS B N   1 
ATOM   1417 C CA  . HIS B 1 94  ? -9.697  -12.065 2.234   1.00 17.66 ? 101 HIS B CA  1 
ATOM   1418 C C   . HIS B 1 94  ? -8.408  -12.631 2.802   1.00 21.14 ? 101 HIS B C   1 
ATOM   1419 O O   . HIS B 1 94  ? -7.684  -13.347 2.113   1.00 21.05 ? 101 HIS B O   1 
ATOM   1420 C CB  . HIS B 1 94  ? -9.471  -10.616 1.794   1.00 19.62 ? 101 HIS B CB  1 
ATOM   1421 C CG  . HIS B 1 94  ? -8.317  -10.441 0.843   1.00 25.42 ? 101 HIS B CG  1 
ATOM   1422 N ND1 . HIS B 1 94  ? -7.026  -10.205 1.273   1.00 26.47 ? 101 HIS B ND1 1 
ATOM   1423 C CD2 . HIS B 1 94  ? -8.269  -10.478 -0.502  1.00 18.63 ? 101 HIS B CD2 1 
ATOM   1424 C CE1 . HIS B 1 94  ? -6.239  -10.085 0.229   1.00 17.04 ? 101 HIS B CE1 1 
ATOM   1425 N NE2 . HIS B 1 94  ? -6.953  -10.247 -0.868  1.00 29.15 ? 101 HIS B NE2 1 
ATOM   1426 N N   . ILE B 1 95  ? -8.125  -12.314 4.060   1.00 11.84 ? 102 ILE B N   1 
ATOM   1427 C CA  . ILE B 1 95  ? -6.846  -12.668 4.672   1.00 22.88 ? 102 ILE B CA  1 
ATOM   1428 C C   . ILE B 1 95  ? -6.806  -14.145 5.045   1.00 18.85 ? 102 ILE B C   1 
ATOM   1429 O O   . ILE B 1 95  ? -5.752  -14.777 4.987   1.00 37.93 ? 102 ILE B O   1 
ATOM   1430 C CB  . ILE B 1 95  ? -6.539  -11.794 5.923   1.00 13.01 ? 102 ILE B CB  1 
ATOM   1431 C CG1 . ILE B 1 95  ? -6.096  -10.397 5.492   1.00 23.25 ? 102 ILE B CG1 1 
ATOM   1432 C CG2 . ILE B 1 95  ? -5.398  -12.369 6.727   1.00 19.85 ? 102 ILE B CG2 1 
ATOM   1433 C CD1 . ILE B 1 95  ? -5.547  -9.554  6.623   1.00 19.25 ? 102 ILE B CD1 1 
ATOM   1434 N N   . SER B 1 96  ? -7.959  -14.711 5.380   1.00 17.55 ? 103 SER B N   1 
ATOM   1435 C CA  . SER B 1 96  ? -8.035  -16.132 5.710   1.00 24.14 ? 103 SER B CA  1 
ATOM   1436 C C   . SER B 1 96  ? -7.673  -17.027 4.515   1.00 28.94 ? 103 SER B C   1 
ATOM   1437 O O   . SER B 1 96  ? -7.586  -18.243 4.646   1.00 36.32 ? 103 SER B O   1 
ATOM   1438 C CB  . SER B 1 96  ? -9.430  -16.491 6.202   1.00 25.51 ? 103 SER B CB  1 
ATOM   1439 O OG  . SER B 1 96  ? -10.322 -16.578 5.107   1.00 33.35 ? 103 SER B OG  1 
ATOM   1440 N N   . GLU B 1 97  ? -7.471  -16.430 3.348   1.00 33.43 ? 104 GLU B N   1 
ATOM   1441 C CA  . GLU B 1 97  ? -7.028  -17.190 2.184   1.00 34.98 ? 104 GLU B CA  1 
ATOM   1442 C C   . GLU B 1 97  ? -5.499  -17.356 2.177   1.00 41.49 ? 104 GLU B C   1 
ATOM   1443 O O   . GLU B 1 97  ? -4.981  -18.347 1.660   1.00 44.37 ? 104 GLU B O   1 
ATOM   1444 C CB  . GLU B 1 97  ? -7.513  -16.511 0.899   1.00 34.84 ? 104 GLU B CB  1 
ATOM   1445 C CG  . GLU B 1 97  ? -9.025  -16.623 0.721   1.00 44.30 ? 104 GLU B CG  1 
ATOM   1446 C CD  . GLU B 1 97  ? -9.445  -16.735 -0.729  1.00 56.06 ? 104 GLU B CD  1 
ATOM   1447 O OE1 . GLU B 1 97  ? -8.559  -16.899 -1.597  1.00 48.45 ? 104 GLU B OE1 1 
ATOM   1448 O OE2 . GLU B 1 97  ? -10.668 -16.665 -0.993  1.00 41.70 ? 104 GLU B OE2 1 
ATOM   1449 N N   . THR B 1 98  ? -4.788  -16.387 2.755   1.00 37.96 ? 105 THR B N   1 
ATOM   1450 C CA  . THR B 1 98  ? -3.324  -16.451 2.872   1.00 27.89 ? 105 THR B CA  1 
ATOM   1451 C C   . THR B 1 98  ? -2.897  -17.098 4.189   1.00 40.75 ? 105 THR B C   1 
ATOM   1452 O O   . THR B 1 98  ? -3.387  -18.170 4.544   1.00 29.23 ? 105 THR B O   1 
ATOM   1453 C CB  . THR B 1 98  ? -2.722  -15.066 2.747   1.00 50.88 ? 105 THR B CB  1 
ATOM   1454 N N   . THR B 1 99  ? -2.000  -16.433 4.917   1.00 50.01 ? 106 THR B N   1 
ATOM   1455 C CA  . THR B 1 99  ? -1.445  -16.987 6.153   1.00 49.07 ? 106 THR B CA  1 
ATOM   1456 C C   . THR B 1 99  ? -2.151  -16.472 7.412   1.00 51.35 ? 106 THR B C   1 
ATOM   1457 O O   . THR B 1 99  ? -2.120  -15.272 7.708   1.00 37.67 ? 106 THR B O   1 
ATOM   1458 C CB  . THR B 1 99  ? 0.047   -16.690 6.230   1.00 36.39 ? 106 THR B CB  1 
ATOM   1459 N N   . ILE B 1 100 ? -2.775  -17.401 8.140   1.00 64.44 ? 107 ILE B N   1 
ATOM   1460 C CA  . ILE B 1 100 ? -3.481  -17.135 9.399   1.00 46.98 ? 107 ILE B CA  1 
ATOM   1461 C C   . ILE B 1 100 ? -4.745  -16.300 9.198   1.00 42.55 ? 107 ILE B C   1 
ATOM   1462 O O   . ILE B 1 100 ? -5.678  -16.347 10.012  1.00 38.47 ? 107 ILE B O   1 
ATOM   1463 C CB  . ILE B 1 100 ? -2.549  -16.455 10.400  1.00 34.04 ? 107 ILE B CB  1 
HETATM 1464 O O   . HOH C 2 .   ? 0.668   -12.666 -8.504  1.00 31.88 ? 201 HOH A O   1 
HETATM 1465 O O   . HOH C 2 .   ? -4.500  -5.958  -4.142  1.00 22.60 ? 202 HOH A O   1 
HETATM 1466 O O   . HOH C 2 .   ? 9.064   -1.028  1.838   1.00 21.62 ? 203 HOH A O   1 
HETATM 1467 O O   . HOH C 2 .   ? -3.331  5.562   1.125   1.00 8.67  ? 204 HOH A O   1 
HETATM 1468 O O   . HOH C 2 .   ? 15.717  12.630  -4.102  1.00 31.93 ? 205 HOH A O   1 
HETATM 1469 O O   . HOH C 2 .   ? 15.479  0.701   -2.919  1.00 21.57 ? 206 HOH A O   1 
HETATM 1470 O O   . HOH C 2 .   ? 7.602   7.641   -1.826  1.00 21.57 ? 207 HOH A O   1 
HETATM 1471 O O   . HOH C 2 .   ? -1.407  -13.370 -9.636  1.00 28.11 ? 208 HOH A O   1 
HETATM 1472 O O   . HOH C 2 .   ? 6.881   1.445   -21.102 1.00 22.18 ? 209 HOH A O   1 
HETATM 1473 O O   . HOH C 2 .   ? 0.289   -2.095  -13.611 1.00 12.00 ? 210 HOH A O   1 
HETATM 1474 O O   . HOH C 2 .   ? 8.936   7.203   -15.866 1.00 10.49 ? 211 HOH A O   1 
HETATM 1475 O O   . HOH C 2 .   ? 14.245  2.815   -13.770 1.00 18.14 ? 212 HOH A O   1 
HETATM 1476 O O   . HOH C 2 .   ? 6.265   -4.660  -15.834 1.00 15.78 ? 213 HOH A O   1 
HETATM 1477 O O   . HOH C 2 .   ? 4.531   -3.468  -2.157  1.00 7.92  ? 214 HOH A O   1 
HETATM 1478 O O   . HOH C 2 .   ? -5.201  9.719   -4.306  1.00 25.72 ? 215 HOH A O   1 
HETATM 1479 O O   . HOH C 2 .   ? -4.616  11.349  -19.788 1.00 11.29 ? 216 HOH A O   1 
HETATM 1480 O O   . HOH C 2 .   ? -2.553  0.895   -19.306 1.00 19.71 ? 217 HOH A O   1 
HETATM 1481 O O   . HOH C 2 .   ? -1.443  -3.167  -11.733 1.00 21.04 ? 218 HOH A O   1 
HETATM 1482 O O   . HOH C 2 .   ? -3.474  5.870   -24.114 1.00 18.98 ? 219 HOH A O   1 
HETATM 1483 O O   . HOH C 2 .   ? 12.721  0.311   -18.383 1.00 26.99 ? 220 HOH A O   1 
HETATM 1484 O O   . HOH C 2 .   ? 18.948  13.247  -6.262  1.00 27.32 ? 221 HOH A O   1 
HETATM 1485 O O   . HOH C 2 .   ? 11.013  8.051   -1.175  1.00 25.36 ? 222 HOH A O   1 
HETATM 1486 O O   . HOH C 2 .   ? -1.209  4.464   -25.118 1.00 17.48 ? 223 HOH A O   1 
HETATM 1487 O O   . HOH C 2 .   ? -8.104  1.389   -7.050  1.00 40.15 ? 224 HOH A O   1 
HETATM 1488 O O   . HOH C 2 .   ? 5.687   -5.975  -0.671  1.00 16.02 ? 225 HOH A O   1 
HETATM 1489 O O   . HOH C 2 .   ? 2.863   8.082   4.438   1.00 15.56 ? 226 HOH A O   1 
HETATM 1490 O O   . HOH C 2 .   ? -5.533  3.999   -24.117 1.00 24.96 ? 227 HOH A O   1 
HETATM 1491 O O   . HOH D 2 .   ? -14.941 -3.607  -2.216  1.00 24.39 ? 201 HOH B O   1 
HETATM 1492 O O   . HOH D 2 .   ? 6.411   1.757   13.942  1.00 16.51 ? 202 HOH B O   1 
HETATM 1493 O O   . HOH D 2 .   ? -13.827 4.683   11.006  1.00 38.47 ? 203 HOH B O   1 
HETATM 1494 O O   . HOH D 2 .   ? -13.697 -10.645 1.239   1.00 23.35 ? 204 HOH B O   1 
HETATM 1495 O O   . HOH D 2 .   ? 14.085  -22.606 15.464  1.00 15.81 ? 205 HOH B O   1 
HETATM 1496 O O   . HOH D 2 .   ? -7.838  -4.769  15.729  1.00 10.73 ? 206 HOH B O   1 
HETATM 1497 O O   . HOH D 2 .   ? -4.445  -6.536  21.331  1.00 14.89 ? 207 HOH B O   1 
HETATM 1498 O O   . HOH D 2 .   ? -0.490  -3.257  -4.083  1.00 14.55 ? 208 HOH B O   1 
HETATM 1499 O O   . HOH D 2 .   ? -18.482 -9.051  6.589   1.00 11.50 ? 209 HOH B O   1 
HETATM 1500 O O   . HOH D 2 .   ? -5.806  8.535   -2.334  1.00 25.02 ? 210 HOH B O   1 
HETATM 1501 O O   . HOH D 2 .   ? 6.991   3.630   5.795   1.00 23.14 ? 211 HOH B O   1 
HETATM 1502 O O   . HOH D 2 .   ? -13.566 0.667   16.807  1.00 24.52 ? 212 HOH B O   1 
HETATM 1503 O O   . HOH D 2 .   ? -11.738 5.925   11.878  1.00 26.19 ? 213 HOH B O   1 
HETATM 1504 O O   . HOH D 2 .   ? 5.262   -2.142  10.533  1.00 22.87 ? 214 HOH B O   1 
HETATM 1505 O O   . HOH D 2 .   ? -5.909  10.129  14.548  1.00 17.35 ? 215 HOH B O   1 
HETATM 1506 O O   . HOH D 2 .   ? -20.778 -1.466  6.303   1.00 29.90 ? 216 HOH B O   1 
HETATM 1507 O O   . HOH D 2 .   ? -10.871 4.408   7.200   1.00 13.85 ? 217 HOH B O   1 
HETATM 1508 O O   . HOH D 2 .   ? -5.852  11.365  2.953   1.00 30.65 ? 218 HOH B O   1 
HETATM 1509 O O   . HOH D 2 .   ? 9.668   9.504   16.530  1.00 25.41 ? 219 HOH B O   1 
HETATM 1510 O O   . HOH D 2 .   ? -9.463  7.232   13.503  1.00 21.78 ? 220 HOH B O   1 
HETATM 1511 O O   . HOH D 2 .   ? 2.062   -8.205  7.246   1.00 33.52 ? 221 HOH B O   1 
HETATM 1512 O O   . HOH D 2 .   ? -3.173  -0.347  19.194  1.00 22.84 ? 222 HOH B O   1 
HETATM 1513 O O   . HOH D 2 .   ? 1.007   5.868   4.324   1.00 8.06  ? 223 HOH B O   1 
HETATM 1514 O O   . HOH D 2 .   ? 5.394   -5.697  9.222   1.00 19.28 ? 224 HOH B O   1 
HETATM 1515 O O   . HOH D 2 .   ? -10.172 5.504   4.816   1.00 16.20 ? 225 HOH B O   1 
HETATM 1516 O O   . HOH D 2 .   ? -21.530 -3.809  10.056  1.00 14.45 ? 226 HOH B O   1 
HETATM 1517 O O   . HOH D 2 .   ? -17.172 1.410   7.739   1.00 16.15 ? 227 HOH B O   1 
HETATM 1518 O O   . HOH D 2 .   ? -0.702  -1.413  20.028  1.00 31.80 ? 228 HOH B O   1 
HETATM 1519 O O   . HOH D 2 .   ? 9.470   -0.571  8.000   1.00 22.67 ? 229 HOH B O   1 
HETATM 1520 O O   . HOH D 2 .   ? 0.171   16.404  3.752   1.00 22.06 ? 230 HOH B O   1 
HETATM 1521 O O   . HOH D 2 .   ? 10.283  7.242   12.167  1.00 33.97 ? 231 HOH B O   1 
HETATM 1522 O O   . HOH D 2 .   ? -21.051 -2.162  12.359  1.00 21.08 ? 232 HOH B O   1 
HETATM 1523 O O   . HOH D 2 .   ? 2.243   -20.689 7.398   1.00 33.04 ? 233 HOH B O   1 
HETATM 1524 O O   . HOH D 2 .   ? 1.040   -22.542 13.892  1.00 32.92 ? 234 HOH B O   1 
HETATM 1525 O O   . HOH D 2 .   ? -11.360 -8.744  -8.924  1.00 42.18 ? 235 HOH B O   1 
HETATM 1526 O O   . HOH D 2 .   ? 8.949   10.353  12.844  1.00 36.14 ? 236 HOH B O   1 
HETATM 1527 O O   . HOH D 2 .   ? -19.606 1.621   6.859   1.00 29.55 ? 237 HOH B O   1 
HETATM 1528 O O   . HOH D 2 .   ? -11.899 -10.697 -1.605  1.00 28.54 ? 238 HOH B O   1 
HETATM 1529 O O   . HOH D 2 .   ? -11.751 5.941   9.134   1.00 21.05 ? 239 HOH B O   1 
HETATM 1530 O O   . HOH D 2 .   ? 2.068   -12.620 7.060   1.00 36.39 ? 240 HOH B O   1 
HETATM 1531 O O   . HOH D 2 .   ? -20.224 3.247   8.970   1.00 42.48 ? 241 HOH B O   1 
HETATM 1532 O O   . HOH D 2 .   ? -16.298 4.505   6.824   1.00 40.32 ? 242 HOH B O   1 
HETATM 1533 O O   . HOH D 2 .   ? 1.020   13.943  9.139   1.00 29.63 ? 243 HOH B O   1 
# 
